data_9C14
# 
_entry.id   9C14 
# 
_audit_conform.dict_name       mmcif_pdbx.dic 
_audit_conform.dict_version    5.404 
_audit_conform.dict_location   http://mmcif.pdb.org/dictionaries/ascii/mmcif_pdbx.dic 
# 
loop_
_database_2.database_id 
_database_2.database_code 
_database_2.pdbx_database_accession 
_database_2.pdbx_DOI 
PDB   9C14         pdb_00009c14 10.2210/pdb9c14/pdb 
WWPDB D_1000284369 ?            ?                   
# 
loop_
_pdbx_audit_revision_history.ordinal 
_pdbx_audit_revision_history.data_content_type 
_pdbx_audit_revision_history.major_revision 
_pdbx_audit_revision_history.minor_revision 
_pdbx_audit_revision_history.revision_date 
_pdbx_audit_revision_history.part_number 
1 'Structure model' 1 0 2025-08-06 ? 
2 'Structure model' 1 1 2025-08-20 ? 
# 
_pdbx_audit_revision_details.ordinal             1 
_pdbx_audit_revision_details.revision_ordinal    1 
_pdbx_audit_revision_details.data_content_type   'Structure model' 
_pdbx_audit_revision_details.provider            repository 
_pdbx_audit_revision_details.type                'Initial release' 
_pdbx_audit_revision_details.description         ? 
_pdbx_audit_revision_details.details             ? 
# 
_pdbx_audit_revision_group.ordinal             1 
_pdbx_audit_revision_group.revision_ordinal    2 
_pdbx_audit_revision_group.data_content_type   'Structure model' 
_pdbx_audit_revision_group.group               'Database references' 
# 
loop_
_pdbx_audit_revision_category.ordinal 
_pdbx_audit_revision_category.revision_ordinal 
_pdbx_audit_revision_category.data_content_type 
_pdbx_audit_revision_category.category 
1 2 'Structure model' citation        
2 2 'Structure model' citation_author 
# 
loop_
_pdbx_audit_revision_item.ordinal 
_pdbx_audit_revision_item.revision_ordinal 
_pdbx_audit_revision_item.data_content_type 
_pdbx_audit_revision_item.item 
1 2 'Structure model' '_citation.journal_volume' 
2 2 'Structure model' '_citation_author.name'    
# 
_pdbx_database_status.status_code                     REL 
_pdbx_database_status.status_code_sf                  REL 
_pdbx_database_status.status_code_mr                  ? 
_pdbx_database_status.entry_id                        9C14 
_pdbx_database_status.recvd_initial_deposition_date   2024-05-28 
_pdbx_database_status.SG_entry                        N 
_pdbx_database_status.deposit_site                    RCSB 
_pdbx_database_status.process_site                    RCSB 
_pdbx_database_status.status_code_cs                  ? 
_pdbx_database_status.status_code_nmr_data            ? 
_pdbx_database_status.methods_development_category    ? 
_pdbx_database_status.pdb_format_compatible           Y 
# 
_pdbx_contact_author.id                 2 
_pdbx_contact_author.email              ofisher@wesleyan.edu 
_pdbx_contact_author.name_first         Oriana 
_pdbx_contact_author.name_last          Fisher 
_pdbx_contact_author.name_mi            S. 
_pdbx_contact_author.role               'principal investigator/group leader' 
_pdbx_contact_author.identifier_ORCID   0000-0003-3215-0831 
# 
loop_
_audit_author.name 
_audit_author.pdbx_ordinal 
_audit_author.identifier_ORCID 
'de Oliveira Silva, Y.R.' 1 0000-0002-9339-0727 
'Zheng, D.'               2 0009-0006-6019-9674 
'Fisher, O.S.'            3 0000-0003-3215-0831 
# 
_citation.abstract                  ? 
_citation.abstract_id_CAS           ? 
_citation.book_id_ISBN              ? 
_citation.book_publisher            ? 
_citation.book_publisher_city       ? 
_citation.book_title                ? 
_citation.coordinate_linkage        ? 
_citation.country                   US 
_citation.database_id_Medline       ? 
_citation.details                   ? 
_citation.id                        primary 
_citation.journal_abbrev            J.Biol.Chem. 
_citation.journal_id_ASTM           JBCHA3 
_citation.journal_id_CSD            0071 
_citation.journal_id_ISSN           1083-351X 
_citation.journal_full              ? 
_citation.journal_issue             ? 
_citation.journal_volume            301 
_citation.language                  ? 
_citation.page_first                110480 
_citation.page_last                 110480 
_citation.title                     'Copper acquisition in Bacillus subtilis involves Cu(II) exchange between YcnI and YcnJ.' 
_citation.year                      2025 
_citation.database_id_CSD           ? 
_citation.pdbx_database_id_DOI      10.1016/j.jbc.2025.110480 
_citation.pdbx_database_id_PubMed   40669668 
_citation.pdbx_database_id_patent   ? 
_citation.unpublished_flag          ? 
# 
loop_
_citation_author.citation_id 
_citation_author.name 
_citation_author.ordinal 
_citation_author.identifier_ORCID 
primary 'de Oliveira Silva, Y.R.' 1 ? 
primary 'Barnes, G.'              2 ? 
primary 'Zheng, D.'               3 ? 
primary 'Zhitnitsky, D.'          4 ? 
primary 'Geathers, S.J.'          5 ? 
primary 'Peters, S.C.'            6 ? 
primary 'Szalai, V.A.'            7 ? 
primary 'Helmann, J.D.'           8 ? 
primary 'Fisher, O.S.'            9 ? 
# 
loop_
_entity.id 
_entity.type 
_entity.src_method 
_entity.pdbx_description 
_entity.formula_weight 
_entity.pdbx_number_of_molecules 
_entity.pdbx_ec 
_entity.pdbx_mutation 
_entity.pdbx_fragment 
_entity.details 
1 polymer     man 'Copper transport protein YcnJ' 10923.192 1  ? ? ? ? 
2 non-polymer syn 'SULFATE ION'                   96.063    2  ? ? ? ? 
3 non-polymer syn 'TRIETHYLENE GLYCOL'            150.173   1  ? ? ? ? 
4 water       nat water                           18.015    62 ? ? ? ? 
# 
_entity_poly.entity_id                      1 
_entity_poly.type                           'polypeptide(L)' 
_entity_poly.nstd_linkage                   no 
_entity_poly.nstd_monomer                   no 
_entity_poly.pdbx_seq_one_letter_code       
;HAYIVKSSPGENSELKSAPAQVEIEFNEPVEEGFHYIKVYNSNGDRVDTDKTEIKKDNHHIMTVKLKKNLPKDVYRAEWN
AVSADGHPVSGVIPFSI
;
_entity_poly.pdbx_seq_one_letter_code_can   
;HAYIVKSSPGENSELKSAPAQVEIEFNEPVEEGFHYIKVYNSNGDRVDTDKTEIKKDNHHIMTVKLKKNLPKDVYRAEWN
AVSADGHPVSGVIPFSI
;
_entity_poly.pdbx_strand_id                 A 
_entity_poly.pdbx_target_identifier         ? 
# 
loop_
_pdbx_entity_nonpoly.entity_id 
_pdbx_entity_nonpoly.name 
_pdbx_entity_nonpoly.comp_id 
2 'SULFATE ION'        SO4 
3 'TRIETHYLENE GLYCOL' PGE 
4 water                HOH 
# 
loop_
_entity_poly_seq.entity_id 
_entity_poly_seq.num 
_entity_poly_seq.mon_id 
_entity_poly_seq.hetero 
1 1  HIS n 
1 2  ALA n 
1 3  TYR n 
1 4  ILE n 
1 5  VAL n 
1 6  LYS n 
1 7  SER n 
1 8  SER n 
1 9  PRO n 
1 10 GLY n 
1 11 GLU n 
1 12 ASN n 
1 13 SER n 
1 14 GLU n 
1 15 LEU n 
1 16 LYS n 
1 17 SER n 
1 18 ALA n 
1 19 PRO n 
1 20 ALA n 
1 21 GLN n 
1 22 VAL n 
1 23 GLU n 
1 24 ILE n 
1 25 GLU n 
1 26 PHE n 
1 27 ASN n 
1 28 GLU n 
1 29 PRO n 
1 30 VAL n 
1 31 GLU n 
1 32 GLU n 
1 33 GLY n 
1 34 PHE n 
1 35 HIS n 
1 36 TYR n 
1 37 ILE n 
1 38 LYS n 
1 39 VAL n 
1 40 TYR n 
1 41 ASN n 
1 42 SER n 
1 43 ASN n 
1 44 GLY n 
1 45 ASP n 
1 46 ARG n 
1 47 VAL n 
1 48 ASP n 
1 49 THR n 
1 50 ASP n 
1 51 LYS n 
1 52 THR n 
1 53 GLU n 
1 54 ILE n 
1 55 LYS n 
1 56 LYS n 
1 57 ASP n 
1 58 ASN n 
1 59 HIS n 
1 60 HIS n 
1 61 ILE n 
1 62 MET n 
1 63 THR n 
1 64 VAL n 
1 65 LYS n 
1 66 LEU n 
1 67 LYS n 
1 68 LYS n 
1 69 ASN n 
1 70 LEU n 
1 71 PRO n 
1 72 LYS n 
1 73 ASP n 
1 74 VAL n 
1 75 TYR n 
1 76 ARG n 
1 77 ALA n 
1 78 GLU n 
1 79 TRP n 
1 80 ASN n 
1 81 ALA n 
1 82 VAL n 
1 83 SER n 
1 84 ALA n 
1 85 ASP n 
1 86 GLY n 
1 87 HIS n 
1 88 PRO n 
1 89 VAL n 
1 90 SER n 
1 91 GLY n 
1 92 VAL n 
1 93 ILE n 
1 94 PRO n 
1 95 PHE n 
1 96 SER n 
1 97 ILE n 
# 
_entity_src_gen.entity_id                          1 
_entity_src_gen.pdbx_src_id                        1 
_entity_src_gen.pdbx_alt_source_flag               sample 
_entity_src_gen.pdbx_seq_type                      'Biological sequence' 
_entity_src_gen.pdbx_beg_seq_num                   1 
_entity_src_gen.pdbx_end_seq_num                   97 
_entity_src_gen.gene_src_common_name               ? 
_entity_src_gen.gene_src_genus                     ? 
_entity_src_gen.pdbx_gene_src_gene                 'ycnJ, BSU03950' 
_entity_src_gen.gene_src_species                   ? 
_entity_src_gen.gene_src_strain                    168 
_entity_src_gen.gene_src_tissue                    ? 
_entity_src_gen.gene_src_tissue_fraction           ? 
_entity_src_gen.gene_src_details                   ? 
_entity_src_gen.pdbx_gene_src_fragment             ? 
_entity_src_gen.pdbx_gene_src_scientific_name      'Bacillus subtilis (strain 168)' 
_entity_src_gen.pdbx_gene_src_ncbi_taxonomy_id     224308 
_entity_src_gen.pdbx_gene_src_variant              ? 
_entity_src_gen.pdbx_gene_src_cell_line            ? 
_entity_src_gen.pdbx_gene_src_atcc                 ? 
_entity_src_gen.pdbx_gene_src_organ                ? 
_entity_src_gen.pdbx_gene_src_organelle            ? 
_entity_src_gen.pdbx_gene_src_cell                 ? 
_entity_src_gen.pdbx_gene_src_cellular_location    ? 
_entity_src_gen.host_org_common_name               ? 
_entity_src_gen.pdbx_host_org_scientific_name      'Escherichia coli BL21(DE3)' 
_entity_src_gen.pdbx_host_org_ncbi_taxonomy_id     469008 
_entity_src_gen.host_org_genus                     ? 
_entity_src_gen.pdbx_host_org_gene                 ? 
_entity_src_gen.pdbx_host_org_organ                ? 
_entity_src_gen.host_org_species                   ? 
_entity_src_gen.pdbx_host_org_tissue               ? 
_entity_src_gen.pdbx_host_org_tissue_fraction      ? 
_entity_src_gen.pdbx_host_org_strain               ? 
_entity_src_gen.pdbx_host_org_variant              ? 
_entity_src_gen.pdbx_host_org_cell_line            ? 
_entity_src_gen.pdbx_host_org_atcc                 ? 
_entity_src_gen.pdbx_host_org_culture_collection   ? 
_entity_src_gen.pdbx_host_org_cell                 ? 
_entity_src_gen.pdbx_host_org_organelle            ? 
_entity_src_gen.pdbx_host_org_cellular_location    ? 
_entity_src_gen.pdbx_host_org_vector_type          ? 
_entity_src_gen.pdbx_host_org_vector               ? 
_entity_src_gen.host_org_details                   ? 
_entity_src_gen.expression_system_id               ? 
_entity_src_gen.plasmid_name                       ? 
_entity_src_gen.plasmid_details                    ? 
_entity_src_gen.pdbx_description                   ? 
# 
loop_
_chem_comp.id 
_chem_comp.type 
_chem_comp.mon_nstd_flag 
_chem_comp.name 
_chem_comp.pdbx_synonyms 
_chem_comp.formula 
_chem_comp.formula_weight 
ALA 'L-peptide linking' y ALANINE              ? 'C3 H7 N O2'     89.093  
ARG 'L-peptide linking' y ARGININE             ? 'C6 H15 N4 O2 1' 175.209 
ASN 'L-peptide linking' y ASPARAGINE           ? 'C4 H8 N2 O3'    132.118 
ASP 'L-peptide linking' y 'ASPARTIC ACID'      ? 'C4 H7 N O4'     133.103 
GLN 'L-peptide linking' y GLUTAMINE            ? 'C5 H10 N2 O3'   146.144 
GLU 'L-peptide linking' y 'GLUTAMIC ACID'      ? 'C5 H9 N O4'     147.129 
GLY 'peptide linking'   y GLYCINE              ? 'C2 H5 N O2'     75.067  
HIS 'L-peptide linking' y HISTIDINE            ? 'C6 H10 N3 O2 1' 156.162 
HOH non-polymer         . WATER                ? 'H2 O'           18.015  
ILE 'L-peptide linking' y ISOLEUCINE           ? 'C6 H13 N O2'    131.173 
LEU 'L-peptide linking' y LEUCINE              ? 'C6 H13 N O2'    131.173 
LYS 'L-peptide linking' y LYSINE               ? 'C6 H15 N2 O2 1' 147.195 
MET 'L-peptide linking' y METHIONINE           ? 'C5 H11 N O2 S'  149.211 
PGE non-polymer         . 'TRIETHYLENE GLYCOL' ? 'C6 H14 O4'      150.173 
PHE 'L-peptide linking' y PHENYLALANINE        ? 'C9 H11 N O2'    165.189 
PRO 'L-peptide linking' y PROLINE              ? 'C5 H9 N O2'     115.130 
SER 'L-peptide linking' y SERINE               ? 'C3 H7 N O3'     105.093 
SO4 non-polymer         . 'SULFATE ION'        ? 'O4 S -2'        96.063  
THR 'L-peptide linking' y THREONINE            ? 'C4 H9 N O3'     119.119 
TRP 'L-peptide linking' y TRYPTOPHAN           ? 'C11 H12 N2 O2'  204.225 
TYR 'L-peptide linking' y TYROSINE             ? 'C9 H11 N O3'    181.189 
VAL 'L-peptide linking' y VALINE               ? 'C5 H11 N O2'    117.146 
# 
loop_
_pdbx_poly_seq_scheme.asym_id 
_pdbx_poly_seq_scheme.entity_id 
_pdbx_poly_seq_scheme.seq_id 
_pdbx_poly_seq_scheme.mon_id 
_pdbx_poly_seq_scheme.ndb_seq_num 
_pdbx_poly_seq_scheme.pdb_seq_num 
_pdbx_poly_seq_scheme.auth_seq_num 
_pdbx_poly_seq_scheme.pdb_mon_id 
_pdbx_poly_seq_scheme.auth_mon_id 
_pdbx_poly_seq_scheme.pdb_strand_id 
_pdbx_poly_seq_scheme.pdb_ins_code 
_pdbx_poly_seq_scheme.hetero 
A 1 1  HIS 1  24  24  HIS HIS A . n 
A 1 2  ALA 2  25  25  ALA ALA A . n 
A 1 3  TYR 3  26  26  TYR TYR A . n 
A 1 4  ILE 4  27  27  ILE ILE A . n 
A 1 5  VAL 5  28  28  VAL VAL A . n 
A 1 6  LYS 6  29  29  LYS LYS A . n 
A 1 7  SER 7  30  30  SER SER A . n 
A 1 8  SER 8  31  31  SER SER A . n 
A 1 9  PRO 9  32  32  PRO PRO A . n 
A 1 10 GLY 10 33  33  GLY GLY A . n 
A 1 11 GLU 11 34  34  GLU GLU A . n 
A 1 12 ASN 12 35  35  ASN ASN A . n 
A 1 13 SER 13 36  36  SER SER A . n 
A 1 14 GLU 14 37  37  GLU GLU A . n 
A 1 15 LEU 15 38  38  LEU LEU A . n 
A 1 16 LYS 16 39  39  LYS LYS A . n 
A 1 17 SER 17 40  40  SER SER A . n 
A 1 18 ALA 18 41  41  ALA ALA A . n 
A 1 19 PRO 19 42  42  PRO PRO A . n 
A 1 20 ALA 20 43  43  ALA ALA A . n 
A 1 21 GLN 21 44  44  GLN GLN A . n 
A 1 22 VAL 22 45  45  VAL VAL A . n 
A 1 23 GLU 23 46  46  GLU GLU A . n 
A 1 24 ILE 24 47  47  ILE ILE A . n 
A 1 25 GLU 25 48  48  GLU GLU A . n 
A 1 26 PHE 26 49  49  PHE PHE A . n 
A 1 27 ASN 27 50  50  ASN ASN A . n 
A 1 28 GLU 28 51  51  GLU GLU A . n 
A 1 29 PRO 29 52  52  PRO PRO A . n 
A 1 30 VAL 30 53  53  VAL VAL A . n 
A 1 31 GLU 31 54  54  GLU GLU A . n 
A 1 32 GLU 32 55  55  GLU GLU A . n 
A 1 33 GLY 33 56  56  GLY GLY A . n 
A 1 34 PHE 34 57  57  PHE PHE A . n 
A 1 35 HIS 35 58  58  HIS HIS A . n 
A 1 36 TYR 36 59  59  TYR TYR A . n 
A 1 37 ILE 37 60  60  ILE ILE A . n 
A 1 38 LYS 38 61  61  LYS LYS A . n 
A 1 39 VAL 39 62  62  VAL VAL A . n 
A 1 40 TYR 40 63  63  TYR TYR A . n 
A 1 41 ASN 41 64  64  ASN ASN A . n 
A 1 42 SER 42 65  65  SER SER A . n 
A 1 43 ASN 43 66  66  ASN ASN A . n 
A 1 44 GLY 44 67  67  GLY GLY A . n 
A 1 45 ASP 45 68  68  ASP ASP A . n 
A 1 46 ARG 46 69  69  ARG ARG A . n 
A 1 47 VAL 47 70  70  VAL VAL A . n 
A 1 48 ASP 48 71  71  ASP ASP A . n 
A 1 49 THR 49 72  72  THR THR A . n 
A 1 50 ASP 50 73  73  ASP ASP A . n 
A 1 51 LYS 51 74  74  LYS LYS A . n 
A 1 52 THR 52 75  75  THR THR A . n 
A 1 53 GLU 53 76  76  GLU GLU A . n 
A 1 54 ILE 54 77  77  ILE ILE A . n 
A 1 55 LYS 55 78  78  LYS LYS A . n 
A 1 56 LYS 56 79  79  LYS LYS A . n 
A 1 57 ASP 57 80  80  ASP ASP A . n 
A 1 58 ASN 58 81  81  ASN ASN A . n 
A 1 59 HIS 59 82  82  HIS HIS A . n 
A 1 60 HIS 60 83  83  HIS HIS A . n 
A 1 61 ILE 61 84  84  ILE ILE A . n 
A 1 62 MET 62 85  85  MET MET A . n 
A 1 63 THR 63 86  86  THR THR A . n 
A 1 64 VAL 64 87  87  VAL VAL A . n 
A 1 65 LYS 65 88  88  LYS LYS A . n 
A 1 66 LEU 66 89  89  LEU LEU A . n 
A 1 67 LYS 67 90  90  LYS LYS A . n 
A 1 68 LYS 68 91  91  LYS LYS A . n 
A 1 69 ASN 69 92  92  ASN ASN A . n 
A 1 70 LEU 70 93  93  LEU LEU A . n 
A 1 71 PRO 71 94  94  PRO PRO A . n 
A 1 72 LYS 72 95  95  LYS LYS A . n 
A 1 73 ASP 73 96  96  ASP ASP A . n 
A 1 74 VAL 74 97  97  VAL VAL A . n 
A 1 75 TYR 75 98  98  TYR TYR A . n 
A 1 76 ARG 76 99  99  ARG ARG A . n 
A 1 77 ALA 77 100 100 ALA ALA A . n 
A 1 78 GLU 78 101 101 GLU GLU A . n 
A 1 79 TRP 79 102 102 TRP TRP A . n 
A 1 80 ASN 80 103 103 ASN ASN A . n 
A 1 81 ALA 81 104 104 ALA ALA A . n 
A 1 82 VAL 82 105 105 VAL VAL A . n 
A 1 83 SER 83 106 106 SER SER A . n 
A 1 84 ALA 84 107 107 ALA ALA A . n 
A 1 85 ASP 85 108 108 ASP ASP A . n 
A 1 86 GLY 86 109 109 GLY GLY A . n 
A 1 87 HIS 87 110 110 HIS HIS A . n 
A 1 88 PRO 88 111 111 PRO PRO A . n 
A 1 89 VAL 89 112 112 VAL VAL A . n 
A 1 90 SER 90 113 113 SER SER A . n 
A 1 91 GLY 91 114 114 GLY GLY A . n 
A 1 92 VAL 92 115 115 VAL VAL A . n 
A 1 93 ILE 93 116 116 ILE ILE A . n 
A 1 94 PRO 94 117 117 PRO PRO A . n 
A 1 95 PHE 95 118 118 PHE PHE A . n 
A 1 96 SER 96 119 119 SER SER A . n 
A 1 97 ILE 97 120 120 ILE ILE A . n 
# 
loop_
_pdbx_nonpoly_scheme.asym_id 
_pdbx_nonpoly_scheme.entity_id 
_pdbx_nonpoly_scheme.mon_id 
_pdbx_nonpoly_scheme.ndb_seq_num 
_pdbx_nonpoly_scheme.pdb_seq_num 
_pdbx_nonpoly_scheme.auth_seq_num 
_pdbx_nonpoly_scheme.pdb_mon_id 
_pdbx_nonpoly_scheme.auth_mon_id 
_pdbx_nonpoly_scheme.pdb_strand_id 
_pdbx_nonpoly_scheme.pdb_ins_code 
B 2 SO4 1  201 201 SO4 SO4 A . 
C 2 SO4 1  202 203 SO4 SO4 A . 
D 3 PGE 1  203 204 PGE PGE A . 
E 4 HOH 1  301 36  HOH HOH A . 
E 4 HOH 2  302 82  HOH HOH A . 
E 4 HOH 3  303 58  HOH HOH A . 
E 4 HOH 4  304 43  HOH HOH A . 
E 4 HOH 5  305 11  HOH HOH A . 
E 4 HOH 6  306 56  HOH HOH A . 
E 4 HOH 7  307 44  HOH HOH A . 
E 4 HOH 8  308 41  HOH HOH A . 
E 4 HOH 9  309 37  HOH HOH A . 
E 4 HOH 10 310 47  HOH HOH A . 
E 4 HOH 11 311 45  HOH HOH A . 
E 4 HOH 12 312 20  HOH HOH A . 
E 4 HOH 13 313 16  HOH HOH A . 
E 4 HOH 14 314 22  HOH HOH A . 
E 4 HOH 15 315 31  HOH HOH A . 
E 4 HOH 16 316 39  HOH HOH A . 
E 4 HOH 17 317 25  HOH HOH A . 
E 4 HOH 18 318 5   HOH HOH A . 
E 4 HOH 19 319 19  HOH HOH A . 
E 4 HOH 20 320 21  HOH HOH A . 
E 4 HOH 21 321 18  HOH HOH A . 
E 4 HOH 22 322 3   HOH HOH A . 
E 4 HOH 23 323 77  HOH HOH A . 
E 4 HOH 24 324 17  HOH HOH A . 
E 4 HOH 25 325 27  HOH HOH A . 
E 4 HOH 26 326 1   HOH HOH A . 
E 4 HOH 27 327 28  HOH HOH A . 
E 4 HOH 28 328 4   HOH HOH A . 
E 4 HOH 29 329 8   HOH HOH A . 
E 4 HOH 30 330 97  HOH HOH A . 
E 4 HOH 31 331 6   HOH HOH A . 
E 4 HOH 32 332 30  HOH HOH A . 
E 4 HOH 33 333 32  HOH HOH A . 
E 4 HOH 34 334 89  HOH HOH A . 
E 4 HOH 35 335 172 HOH HOH A . 
E 4 HOH 36 336 46  HOH HOH A . 
E 4 HOH 37 337 29  HOH HOH A . 
E 4 HOH 38 338 14  HOH HOH A . 
E 4 HOH 39 339 75  HOH HOH A . 
E 4 HOH 40 340 10  HOH HOH A . 
E 4 HOH 41 341 53  HOH HOH A . 
E 4 HOH 42 342 73  HOH HOH A . 
E 4 HOH 43 343 35  HOH HOH A . 
E 4 HOH 44 344 13  HOH HOH A . 
E 4 HOH 45 345 12  HOH HOH A . 
E 4 HOH 46 346 42  HOH HOH A . 
E 4 HOH 47 347 50  HOH HOH A . 
E 4 HOH 48 348 40  HOH HOH A . 
E 4 HOH 49 349 7   HOH HOH A . 
E 4 HOH 50 350 74  HOH HOH A . 
E 4 HOH 51 351 2   HOH HOH A . 
E 4 HOH 52 352 33  HOH HOH A . 
E 4 HOH 53 353 57  HOH HOH A . 
E 4 HOH 54 354 24  HOH HOH A . 
E 4 HOH 55 355 34  HOH HOH A . 
E 4 HOH 56 356 64  HOH HOH A . 
E 4 HOH 57 357 78  HOH HOH A . 
E 4 HOH 58 358 71  HOH HOH A . 
E 4 HOH 59 359 26  HOH HOH A . 
E 4 HOH 60 360 9   HOH HOH A . 
E 4 HOH 61 361 72  HOH HOH A . 
E 4 HOH 62 362 23  HOH HOH A . 
# 
loop_
_software.citation_id 
_software.classification 
_software.compiler_name 
_software.compiler_version 
_software.contact_author 
_software.contact_author_email 
_software.date 
_software.description 
_software.dependencies 
_software.hardware 
_software.language 
_software.location 
_software.mods 
_software.name 
_software.os 
_software.os_version 
_software.type 
_software.version 
_software.pdbx_ordinal 
? 'model building' ? ? ? ? ? ? ? ? ? ? ? Coot   ? ? ? .           1 
? refinement       ? ? ? ? ? ? ? ? ? ? ? PHENIX ? ? ? 1.20.1_4487 2 
? 'data reduction' ? ? ? ? ? ? ? ? ? ? ? DIALS  ? ? ? .           3 
? 'data scaling'   ? ? ? ? ? ? ? ? ? ? ? DIALS  ? ? ? .           4 
? phasing          ? ? ? ? ? ? ? ? ? ? ? PHASER ? ? ? .           5 
# 
_cell.angle_alpha                  90.000 
_cell.angle_alpha_esd              ? 
_cell.angle_beta                   90.000 
_cell.angle_beta_esd               ? 
_cell.angle_gamma                  90.000 
_cell.angle_gamma_esd              ? 
_cell.entry_id                     9C14 
_cell.details                      ? 
_cell.formula_units_Z              ? 
_cell.length_a                     35.957 
_cell.length_a_esd                 ? 
_cell.length_b                     35.957 
_cell.length_b_esd                 ? 
_cell.length_c                     165.762 
_cell.length_c_esd                 ? 
_cell.volume                       214314.659 
_cell.volume_esd                   ? 
_cell.Z_PDB                        8 
_cell.reciprocal_angle_alpha       ? 
_cell.reciprocal_angle_beta        ? 
_cell.reciprocal_angle_gamma       ? 
_cell.reciprocal_angle_alpha_esd   ? 
_cell.reciprocal_angle_beta_esd    ? 
_cell.reciprocal_angle_gamma_esd   ? 
_cell.reciprocal_length_a          ? 
_cell.reciprocal_length_b          ? 
_cell.reciprocal_length_c          ? 
_cell.reciprocal_length_a_esd      ? 
_cell.reciprocal_length_b_esd      ? 
_cell.reciprocal_length_c_esd      ? 
_cell.pdbx_unique_axis             ? 
_cell.pdbx_esd_method              ? 
# 
_symmetry.entry_id                         9C14 
_symmetry.cell_setting                     ? 
_symmetry.Int_Tables_number                96 
_symmetry.space_group_name_Hall            'P 4nw 2abw' 
_symmetry.space_group_name_H-M             'P 43 21 2' 
_symmetry.pdbx_full_space_group_name_H-M   ? 
# 
_exptl.absorpt_coefficient_mu     ? 
_exptl.absorpt_correction_T_max   ? 
_exptl.absorpt_correction_T_min   ? 
_exptl.absorpt_correction_type    ? 
_exptl.absorpt_process_details    ? 
_exptl.entry_id                   9C14 
_exptl.crystals_number            1 
_exptl.details                    ? 
_exptl.method                     'X-RAY DIFFRACTION' 
_exptl.method_details             ? 
# 
_exptl_crystal.colour                       ? 
_exptl_crystal.density_diffrn               ? 
_exptl_crystal.density_Matthews             2.45 
_exptl_crystal.density_method               ? 
_exptl_crystal.density_percent_sol          49.9 
_exptl_crystal.description                  ? 
_exptl_crystal.F_000                        ? 
_exptl_crystal.id                           1 
_exptl_crystal.preparation                  ? 
_exptl_crystal.size_max                     ? 
_exptl_crystal.size_mid                     ? 
_exptl_crystal.size_min                     ? 
_exptl_crystal.size_rad                     ? 
_exptl_crystal.colour_lustre                ? 
_exptl_crystal.colour_modifier              ? 
_exptl_crystal.colour_primary               ? 
_exptl_crystal.density_meas                 ? 
_exptl_crystal.density_meas_esd             ? 
_exptl_crystal.density_meas_gt              ? 
_exptl_crystal.density_meas_lt              ? 
_exptl_crystal.density_meas_temp            ? 
_exptl_crystal.density_meas_temp_esd        ? 
_exptl_crystal.density_meas_temp_gt         ? 
_exptl_crystal.density_meas_temp_lt         ? 
_exptl_crystal.pdbx_crystal_image_url       ? 
_exptl_crystal.pdbx_crystal_image_format    ? 
_exptl_crystal.pdbx_mosaicity               ? 
_exptl_crystal.pdbx_mosaicity_esd           ? 
_exptl_crystal.pdbx_mosaic_method           ? 
_exptl_crystal.pdbx_mosaic_block_size       ? 
_exptl_crystal.pdbx_mosaic_block_size_esd   ? 
# 
_exptl_crystal_grow.apparatus       ? 
_exptl_crystal_grow.atmosphere      ? 
_exptl_crystal_grow.crystal_id      1 
_exptl_crystal_grow.details         ? 
_exptl_crystal_grow.method          'VAPOR DIFFUSION, SITTING DROP' 
_exptl_crystal_grow.method_ref      ? 
_exptl_crystal_grow.pH              ? 
_exptl_crystal_grow.pressure        ? 
_exptl_crystal_grow.pressure_esd    ? 
_exptl_crystal_grow.seeding         ? 
_exptl_crystal_grow.seeding_ref     ? 
_exptl_crystal_grow.temp_details    ? 
_exptl_crystal_grow.temp_esd        ? 
_exptl_crystal_grow.time            ? 
_exptl_crystal_grow.pdbx_details    
;0.2 M Lithium Sulfate, 39% PEG 8000.
Cross-seeding with crystals obtained for YcnI W137F (PDB ID: 8UM6)
;
_exptl_crystal_grow.pdbx_pH_range   ? 
_exptl_crystal_grow.temp            293 
# 
_diffrn.ambient_environment              ? 
_diffrn.ambient_temp                     100 
_diffrn.ambient_temp_details             ? 
_diffrn.ambient_temp_esd                 ? 
_diffrn.crystal_id                       1 
_diffrn.crystal_support                  ? 
_diffrn.crystal_treatment                ? 
_diffrn.details                          ? 
_diffrn.id                               1 
_diffrn.ambient_pressure                 ? 
_diffrn.ambient_pressure_esd             ? 
_diffrn.ambient_pressure_gt              ? 
_diffrn.ambient_pressure_lt              ? 
_diffrn.ambient_temp_gt                  ? 
_diffrn.ambient_temp_lt                  ? 
_diffrn.pdbx_serial_crystal_experiment   N 
# 
_diffrn_detector.details                      ? 
_diffrn_detector.detector                     PIXEL 
_diffrn_detector.diffrn_id                    1 
_diffrn_detector.type                         'DECTRIS EIGER X 9M' 
_diffrn_detector.area_resol_mean              ? 
_diffrn_detector.dtime                        ? 
_diffrn_detector.pdbx_frames_total            ? 
_diffrn_detector.pdbx_collection_time_total   ? 
_diffrn_detector.pdbx_collection_date         2023-03-19 
_diffrn_detector.pdbx_frequency               ? 
_diffrn_detector.id                           ? 
_diffrn_detector.number_of_axes               ? 
# 
_diffrn_radiation.collimation                      ? 
_diffrn_radiation.diffrn_id                        1 
_diffrn_radiation.filter_edge                      ? 
_diffrn_radiation.inhomogeneity                    ? 
_diffrn_radiation.monochromator                    ? 
_diffrn_radiation.polarisn_norm                    ? 
_diffrn_radiation.polarisn_ratio                   ? 
_diffrn_radiation.probe                            ? 
_diffrn_radiation.type                             ? 
_diffrn_radiation.xray_symbol                      ? 
_diffrn_radiation.wavelength_id                    1 
_diffrn_radiation.pdbx_monochromatic_or_laue_m_l   M 
_diffrn_radiation.pdbx_wavelength_list             ? 
_diffrn_radiation.pdbx_wavelength                  ? 
_diffrn_radiation.pdbx_diffrn_protocol             'SINGLE WAVELENGTH' 
_diffrn_radiation.pdbx_analyzer                    ? 
_diffrn_radiation.pdbx_scattering_type             x-ray 
# 
_diffrn_radiation_wavelength.id           1 
_diffrn_radiation_wavelength.wavelength   1.378 
_diffrn_radiation_wavelength.wt           1.0 
# 
_diffrn_source.current                     ? 
_diffrn_source.details                     ? 
_diffrn_source.diffrn_id                   1 
_diffrn_source.power                       ? 
_diffrn_source.size                        ? 
_diffrn_source.source                      SYNCHROTRON 
_diffrn_source.target                      ? 
_diffrn_source.type                        'APS BEAMLINE 21-ID-D' 
_diffrn_source.voltage                     ? 
_diffrn_source.take-off_angle              ? 
_diffrn_source.pdbx_wavelength_list        1.378 
_diffrn_source.pdbx_wavelength             ? 
_diffrn_source.pdbx_synchrotron_beamline   21-ID-D 
_diffrn_source.pdbx_synchrotron_site       APS 
# 
_reflns.B_iso_Wilson_estimate                          24.70 
_reflns.entry_id                                       9C14 
_reflns.data_reduction_details                         ? 
_reflns.data_reduction_method                          ? 
_reflns.d_resolution_high                              1.60 
_reflns.d_resolution_low                               55.25 
_reflns.details                                        ? 
_reflns.limit_h_max                                    ? 
_reflns.limit_h_min                                    ? 
_reflns.limit_k_max                                    ? 
_reflns.limit_k_min                                    ? 
_reflns.limit_l_max                                    ? 
_reflns.limit_l_min                                    ? 
_reflns.number_all                                     ? 
_reflns.number_obs                                     15495 
_reflns.observed_criterion                             ? 
_reflns.observed_criterion_F_max                       ? 
_reflns.observed_criterion_F_min                       ? 
_reflns.observed_criterion_I_max                       ? 
_reflns.observed_criterion_I_min                       ? 
_reflns.observed_criterion_sigma_F                     ? 
_reflns.observed_criterion_sigma_I                     ? 
_reflns.percent_possible_obs                           100.0 
_reflns.R_free_details                                 ? 
_reflns.Rmerge_F_all                                   ? 
_reflns.Rmerge_F_obs                                   ? 
_reflns.Friedel_coverage                               ? 
_reflns.number_gt                                      ? 
_reflns.threshold_expression                           ? 
_reflns.pdbx_redundancy                                24.1 
_reflns.pdbx_netI_over_av_sigmaI                       ? 
_reflns.pdbx_netI_over_sigmaI                          9.6 
_reflns.pdbx_res_netI_over_av_sigmaI_2                 ? 
_reflns.pdbx_res_netI_over_sigmaI_2                    ? 
_reflns.pdbx_chi_squared                               ? 
_reflns.pdbx_scaling_rejects                           ? 
_reflns.pdbx_d_res_high_opt                            ? 
_reflns.pdbx_d_res_low_opt                             ? 
_reflns.pdbx_d_res_opt_method                          ? 
_reflns.phase_calculation_details                      ? 
_reflns.pdbx_Rrim_I_all                                0.876 
_reflns.pdbx_Rpim_I_all                                0.177 
_reflns.pdbx_d_opt                                     ? 
_reflns.pdbx_number_measured_all                       ? 
_reflns.pdbx_diffrn_id                                 1 
_reflns.pdbx_ordinal                                   1 
_reflns.pdbx_CC_half                                   0.997 
_reflns.pdbx_CC_star                                   ? 
_reflns.pdbx_R_split                                   ? 
_reflns.pdbx_Rmerge_I_obs                              0.858 
_reflns.pdbx_Rmerge_I_all                              ? 
_reflns.pdbx_Rsym_value                                ? 
_reflns.pdbx_CC_split_method                           ? 
_reflns.pdbx_aniso_diffraction_limit_axis_1_ortho[1]   ? 
_reflns.pdbx_aniso_diffraction_limit_axis_1_ortho[2]   ? 
_reflns.pdbx_aniso_diffraction_limit_axis_1_ortho[3]   ? 
_reflns.pdbx_aniso_diffraction_limit_axis_2_ortho[1]   ? 
_reflns.pdbx_aniso_diffraction_limit_axis_2_ortho[2]   ? 
_reflns.pdbx_aniso_diffraction_limit_axis_2_ortho[3]   ? 
_reflns.pdbx_aniso_diffraction_limit_axis_3_ortho[1]   ? 
_reflns.pdbx_aniso_diffraction_limit_axis_3_ortho[2]   ? 
_reflns.pdbx_aniso_diffraction_limit_axis_3_ortho[3]   ? 
_reflns.pdbx_aniso_diffraction_limit_1                 ? 
_reflns.pdbx_aniso_diffraction_limit_2                 ? 
_reflns.pdbx_aniso_diffraction_limit_3                 ? 
_reflns.pdbx_aniso_B_tensor_eigenvector_1_ortho[1]     ? 
_reflns.pdbx_aniso_B_tensor_eigenvector_1_ortho[2]     ? 
_reflns.pdbx_aniso_B_tensor_eigenvector_1_ortho[3]     ? 
_reflns.pdbx_aniso_B_tensor_eigenvector_2_ortho[1]     ? 
_reflns.pdbx_aniso_B_tensor_eigenvector_2_ortho[2]     ? 
_reflns.pdbx_aniso_B_tensor_eigenvector_2_ortho[3]     ? 
_reflns.pdbx_aniso_B_tensor_eigenvector_3_ortho[1]     ? 
_reflns.pdbx_aniso_B_tensor_eigenvector_3_ortho[2]     ? 
_reflns.pdbx_aniso_B_tensor_eigenvector_3_ortho[3]     ? 
_reflns.pdbx_aniso_B_tensor_eigenvalue_1               ? 
_reflns.pdbx_aniso_B_tensor_eigenvalue_2               ? 
_reflns.pdbx_aniso_B_tensor_eigenvalue_3               ? 
_reflns.pdbx_orthogonalization_convention              ? 
_reflns.pdbx_percent_possible_ellipsoidal              ? 
_reflns.pdbx_percent_possible_spherical                ? 
_reflns.pdbx_percent_possible_ellipsoidal_anomalous    ? 
_reflns.pdbx_percent_possible_spherical_anomalous      ? 
_reflns.pdbx_redundancy_anomalous                      ? 
_reflns.pdbx_CC_half_anomalous                         ? 
_reflns.pdbx_absDiff_over_sigma_anomalous              ? 
_reflns.pdbx_percent_possible_anomalous                ? 
_reflns.pdbx_observed_signal_threshold                 ? 
_reflns.pdbx_signal_type                               ? 
_reflns.pdbx_signal_details                            ? 
_reflns.pdbx_signal_software_id                        ? 
# 
_reflns_shell.d_res_high                                    1.60 
_reflns_shell.d_res_low                                     1.63 
_reflns_shell.meanI_over_sigI_all                           ? 
_reflns_shell.meanI_over_sigI_obs                           ? 
_reflns_shell.number_measured_all                           ? 
_reflns_shell.number_measured_obs                           ? 
_reflns_shell.number_possible                               ? 
_reflns_shell.number_unique_all                             ? 
_reflns_shell.number_unique_obs                             746 
_reflns_shell.percent_possible_obs                          ? 
_reflns_shell.Rmerge_F_all                                  ? 
_reflns_shell.Rmerge_F_obs                                  ? 
_reflns_shell.meanI_over_sigI_gt                            ? 
_reflns_shell.meanI_over_uI_all                             ? 
_reflns_shell.meanI_over_uI_gt                              ? 
_reflns_shell.number_measured_gt                            ? 
_reflns_shell.number_unique_gt                              ? 
_reflns_shell.percent_possible_gt                           ? 
_reflns_shell.Rmerge_F_gt                                   ? 
_reflns_shell.Rmerge_I_gt                                   ? 
_reflns_shell.pdbx_redundancy                               24.6 
_reflns_shell.pdbx_chi_squared                              ? 
_reflns_shell.pdbx_netI_over_sigmaI_all                     ? 
_reflns_shell.pdbx_netI_over_sigmaI_obs                     ? 
_reflns_shell.pdbx_Rrim_I_all                               40.355 
_reflns_shell.pdbx_Rpim_I_all                               8.103 
_reflns_shell.pdbx_rejects                                  ? 
_reflns_shell.pdbx_ordinal                                  1 
_reflns_shell.pdbx_diffrn_id                                1 
_reflns_shell.pdbx_CC_half                                  0.516 
_reflns_shell.pdbx_CC_star                                  ? 
_reflns_shell.pdbx_R_split                                  ? 
_reflns_shell.percent_possible_all                          100 
_reflns_shell.Rmerge_I_all                                  ? 
_reflns_shell.Rmerge_I_obs                                  ? 
_reflns_shell.pdbx_Rsym_value                               ? 
_reflns_shell.pdbx_percent_possible_ellipsoidal             ? 
_reflns_shell.pdbx_percent_possible_spherical               ? 
_reflns_shell.pdbx_percent_possible_ellipsoidal_anomalous   ? 
_reflns_shell.pdbx_percent_possible_spherical_anomalous     ? 
_reflns_shell.pdbx_redundancy_anomalous                     ? 
_reflns_shell.pdbx_CC_half_anomalous                        ? 
_reflns_shell.pdbx_absDiff_over_sigma_anomalous             ? 
_reflns_shell.pdbx_percent_possible_anomalous               ? 
# 
_refine.aniso_B[1][1]                            ? 
_refine.aniso_B[1][2]                            ? 
_refine.aniso_B[1][3]                            ? 
_refine.aniso_B[2][2]                            ? 
_refine.aniso_B[2][3]                            ? 
_refine.aniso_B[3][3]                            ? 
_refine.B_iso_max                                ? 
_refine.B_iso_mean                               24.31 
_refine.B_iso_min                                ? 
_refine.correlation_coeff_Fo_to_Fc               ? 
_refine.correlation_coeff_Fo_to_Fc_free          ? 
_refine.details                                  ? 
_refine.diff_density_max                         ? 
_refine.diff_density_max_esd                     ? 
_refine.diff_density_min                         ? 
_refine.diff_density_min_esd                     ? 
_refine.diff_density_rms                         ? 
_refine.diff_density_rms_esd                     ? 
_refine.entry_id                                 9C14 
_refine.pdbx_refine_id                           'X-RAY DIFFRACTION' 
_refine.ls_abs_structure_details                 ? 
_refine.ls_abs_structure_Flack                   ? 
_refine.ls_abs_structure_Flack_esd               ? 
_refine.ls_abs_structure_Rogers                  ? 
_refine.ls_abs_structure_Rogers_esd              ? 
_refine.ls_d_res_high                            1.60 
_refine.ls_d_res_low                             41.44 
_refine.ls_extinction_coef                       ? 
_refine.ls_extinction_coef_esd                   ? 
_refine.ls_extinction_expression                 ? 
_refine.ls_extinction_method                     ? 
_refine.ls_goodness_of_fit_all                   ? 
_refine.ls_goodness_of_fit_all_esd               ? 
_refine.ls_goodness_of_fit_obs                   ? 
_refine.ls_goodness_of_fit_obs_esd               ? 
_refine.ls_hydrogen_treatment                    ? 
_refine.ls_matrix_type                           ? 
_refine.ls_number_constraints                    ? 
_refine.ls_number_parameters                     ? 
_refine.ls_number_reflns_all                     ? 
_refine.ls_number_reflns_obs                     15313 
_refine.ls_number_reflns_R_free                  1533 
_refine.ls_number_reflns_R_work                  13780 
_refine.ls_number_restraints                     ? 
_refine.ls_percent_reflns_obs                    99.94 
_refine.ls_percent_reflns_R_free                 10.01 
_refine.ls_R_factor_all                          ? 
_refine.ls_R_factor_obs                          0.2129 
_refine.ls_R_factor_R_free                       0.2327 
_refine.ls_R_factor_R_free_error                 ? 
_refine.ls_R_factor_R_free_error_details         ? 
_refine.ls_R_factor_R_work                       0.2107 
_refine.ls_R_Fsqd_factor_obs                     ? 
_refine.ls_R_I_factor_obs                        ? 
_refine.ls_redundancy_reflns_all                 ? 
_refine.ls_redundancy_reflns_obs                 ? 
_refine.ls_restrained_S_all                      ? 
_refine.ls_restrained_S_obs                      ? 
_refine.ls_shift_over_esd_max                    ? 
_refine.ls_shift_over_esd_mean                   ? 
_refine.ls_structure_factor_coef                 ? 
_refine.ls_weighting_details                     ? 
_refine.ls_weighting_scheme                      ? 
_refine.ls_wR_factor_all                         ? 
_refine.ls_wR_factor_obs                         ? 
_refine.ls_wR_factor_R_free                      ? 
_refine.ls_wR_factor_R_work                      ? 
_refine.occupancy_max                            ? 
_refine.occupancy_min                            ? 
_refine.solvent_model_details                    'FLAT BULK SOLVENT MODEL' 
_refine.solvent_model_param_bsol                 ? 
_refine.solvent_model_param_ksol                 ? 
_refine.pdbx_R_complete                          ? 
_refine.ls_R_factor_gt                           ? 
_refine.ls_goodness_of_fit_gt                    ? 
_refine.ls_goodness_of_fit_ref                   ? 
_refine.ls_shift_over_su_max                     ? 
_refine.ls_shift_over_su_max_lt                  ? 
_refine.ls_shift_over_su_mean                    ? 
_refine.ls_shift_over_su_mean_lt                 ? 
_refine.pdbx_ls_sigma_I                          ? 
_refine.pdbx_ls_sigma_F                          1.35 
_refine.pdbx_ls_sigma_Fsqd                       ? 
_refine.pdbx_data_cutoff_high_absF               ? 
_refine.pdbx_data_cutoff_high_rms_absF           ? 
_refine.pdbx_data_cutoff_low_absF                ? 
_refine.pdbx_isotropic_thermal_model             ? 
_refine.pdbx_ls_cross_valid_method               'FREE R-VALUE' 
_refine.pdbx_method_to_determine_struct          'MOLECULAR REPLACEMENT' 
_refine.pdbx_starting_model                      ? 
_refine.pdbx_stereochemistry_target_values       'GeoStd + Monomer Library + CDL v1.2' 
_refine.pdbx_R_Free_selection_details            ? 
_refine.pdbx_stereochem_target_val_spec_case     ? 
_refine.pdbx_overall_ESU_R                       ? 
_refine.pdbx_overall_ESU_R_Free                  ? 
_refine.pdbx_solvent_vdw_probe_radii             1.1000 
_refine.pdbx_solvent_ion_probe_radii             ? 
_refine.pdbx_solvent_shrinkage_radii             0.9000 
_refine.pdbx_real_space_R                        ? 
_refine.pdbx_density_correlation                 ? 
_refine.pdbx_pd_number_of_powder_patterns        ? 
_refine.pdbx_pd_number_of_points                 ? 
_refine.pdbx_pd_meas_number_of_points            ? 
_refine.pdbx_pd_proc_ls_prof_R_factor            ? 
_refine.pdbx_pd_proc_ls_prof_wR_factor           ? 
_refine.pdbx_pd_Marquardt_correlation_coeff      ? 
_refine.pdbx_pd_Fsqrd_R_factor                   ? 
_refine.pdbx_pd_ls_matrix_band_width             ? 
_refine.pdbx_overall_phase_error                 20.9354 
_refine.pdbx_overall_SU_R_free_Cruickshank_DPI   ? 
_refine.pdbx_overall_SU_R_free_Blow_DPI          ? 
_refine.pdbx_overall_SU_R_Blow_DPI               ? 
_refine.pdbx_TLS_residual_ADP_flag               ? 
_refine.pdbx_diffrn_id                           1 
_refine.overall_SU_B                             ? 
_refine.overall_SU_ML                            0.2796 
_refine.overall_SU_R_Cruickshank_DPI             ? 
_refine.overall_SU_R_free                        ? 
_refine.overall_FOM_free_R_set                   ? 
_refine.overall_FOM_work_R_set                   ? 
_refine.pdbx_average_fsc_overall                 ? 
_refine.pdbx_average_fsc_work                    ? 
_refine.pdbx_average_fsc_free                    ? 
# 
_refine_hist.pdbx_refine_id                   'X-RAY DIFFRACTION' 
_refine_hist.cycle_id                         LAST 
_refine_hist.details                          ? 
_refine_hist.d_res_high                       1.60 
_refine_hist.d_res_low                        41.44 
_refine_hist.number_atoms_solvent             62 
_refine_hist.number_atoms_total               853 
_refine_hist.number_reflns_all                ? 
_refine_hist.number_reflns_obs                ? 
_refine_hist.number_reflns_R_free             ? 
_refine_hist.number_reflns_R_work             ? 
_refine_hist.R_factor_all                     ? 
_refine_hist.R_factor_obs                     ? 
_refine_hist.R_factor_R_free                  ? 
_refine_hist.R_factor_R_work                  ? 
_refine_hist.pdbx_number_residues_total       ? 
_refine_hist.pdbx_B_iso_mean_ligand           ? 
_refine_hist.pdbx_B_iso_mean_solvent          ? 
_refine_hist.pdbx_number_atoms_protein        771 
_refine_hist.pdbx_number_atoms_nucleic_acid   0 
_refine_hist.pdbx_number_atoms_ligand         20 
_refine_hist.pdbx_number_atoms_lipid          ? 
_refine_hist.pdbx_number_atoms_carb           ? 
_refine_hist.pdbx_pseudo_atom_details         ? 
# 
loop_
_refine_ls_restr.pdbx_refine_id 
_refine_ls_restr.criterion 
_refine_ls_restr.dev_ideal 
_refine_ls_restr.dev_ideal_target 
_refine_ls_restr.number 
_refine_ls_restr.rejects 
_refine_ls_restr.type 
_refine_ls_restr.weight 
_refine_ls_restr.pdbx_restraint_function 
'X-RAY DIFFRACTION' ? 0.0061 ? 827  ? f_bond_d           ? ? 
'X-RAY DIFFRACTION' ? 0.8985 ? 1121 ? f_angle_d          ? ? 
'X-RAY DIFFRACTION' ? 0.0660 ? 118  ? f_chiral_restr     ? ? 
'X-RAY DIFFRACTION' ? 0.0058 ? 146  ? f_plane_restr      ? ? 
'X-RAY DIFFRACTION' ? 7.0172 ? 113  ? f_dihedral_angle_d ? ? 
# 
loop_
_refine_ls_shell.pdbx_refine_id 
_refine_ls_shell.d_res_high 
_refine_ls_shell.d_res_low 
_refine_ls_shell.number_reflns_all 
_refine_ls_shell.number_reflns_obs 
_refine_ls_shell.number_reflns_R_free 
_refine_ls_shell.number_reflns_R_work 
_refine_ls_shell.percent_reflns_obs 
_refine_ls_shell.percent_reflns_R_free 
_refine_ls_shell.R_factor_all 
_refine_ls_shell.R_factor_obs 
_refine_ls_shell.R_factor_R_free_error 
_refine_ls_shell.R_factor_R_work 
_refine_ls_shell.redundancy_reflns_all 
_refine_ls_shell.redundancy_reflns_obs 
_refine_ls_shell.wR_factor_all 
_refine_ls_shell.wR_factor_obs 
_refine_ls_shell.wR_factor_R_free 
_refine_ls_shell.wR_factor_R_work 
_refine_ls_shell.pdbx_R_complete 
_refine_ls_shell.pdbx_total_number_of_bins_used 
_refine_ls_shell.pdbx_phase_error 
_refine_ls_shell.pdbx_fsc_work 
_refine_ls_shell.pdbx_fsc_free 
_refine_ls_shell.R_factor_R_free 
'X-RAY DIFFRACTION' 1.60 1.65  . . 135 1209 99.85  . . . . 0.4750 . . . . . . . . . . . 0.4855 
'X-RAY DIFFRACTION' 1.65 1.71  . . 138 1234 99.85  . . . . 0.3901 . . . . . . . . . . . 0.4162 
'X-RAY DIFFRACTION' 1.71 1.78  . . 133 1198 100.00 . . . . 0.2924 . . . . . . . . . . . 0.3067 
'X-RAY DIFFRACTION' 1.78 1.86  . . 135 1223 100.00 . . . . 0.2172 . . . . . . . . . . . 0.2587 
'X-RAY DIFFRACTION' 1.86 1.96  . . 138 1234 99.93  . . . . 0.2178 . . . . . . . . . . . 0.2409 
'X-RAY DIFFRACTION' 1.96 2.08  . . 135 1219 99.93  . . . . 0.2386 . . . . . . . . . . . 0.2612 
'X-RAY DIFFRACTION' 2.08 2.24  . . 139 1247 99.86  . . . . 0.1978 . . . . . . . . . . . 0.2417 
'X-RAY DIFFRACTION' 2.24 2.47  . . 138 1241 100.00 . . . . 0.2112 . . . . . . . . . . . 0.2445 
'X-RAY DIFFRACTION' 2.47 2.82  . . 141 1278 100.00 . . . . 0.2195 . . . . . . . . . . . 0.2360 
'X-RAY DIFFRACTION' 2.82 3.56  . . 143 1289 99.93  . . . . 0.1999 . . . . . . . . . . . 0.2337 
'X-RAY DIFFRACTION' 3.56 41.44 . . 158 1408 100.00 . . . . 0.1715 . . . . . . . . . . . 0.1816 
# 
_struct.entry_id                     9C14 
_struct.title                        'Structure of the CopC-like domain of YcnJ' 
_struct.pdbx_model_details           ? 
_struct.pdbx_formula_weight          ? 
_struct.pdbx_formula_weight_method   ? 
_struct.pdbx_model_type_details      ? 
_struct.pdbx_CASP_flag               N 
# 
_struct_keywords.entry_id        9C14 
_struct_keywords.text            'Copper import, CopC, YcnJ, extracellular domain, METAL BINDING PROTEIN' 
_struct_keywords.pdbx_keywords   'METAL BINDING PROTEIN' 
# 
loop_
_struct_asym.id 
_struct_asym.pdbx_blank_PDB_chainid_flag 
_struct_asym.pdbx_modified 
_struct_asym.entity_id 
_struct_asym.details 
A N N 1 ? 
B N N 2 ? 
C N N 2 ? 
D N N 3 ? 
E N N 4 ? 
# 
_struct_ref.id                         1 
_struct_ref.db_name                    UNP 
_struct_ref.db_code                    YCNJ_BACSU 
_struct_ref.pdbx_db_accession          C0SP95 
_struct_ref.pdbx_db_isoform            ? 
_struct_ref.entity_id                  1 
_struct_ref.pdbx_seq_one_letter_code   
;HAYIVKSSPGENSELKSAPAQVEIEFNEPVEEGFHYIKVYNSNGDRVDTDKTEIKKDNHHIMTVKLKKNLPKDVYRAEWN
AVSADGHPVSGVIPFSI
;
_struct_ref.pdbx_align_begin           24 
# 
_struct_ref_seq.align_id                      1 
_struct_ref_seq.ref_id                        1 
_struct_ref_seq.pdbx_PDB_id_code              9C14 
_struct_ref_seq.pdbx_strand_id                A 
_struct_ref_seq.seq_align_beg                 1 
_struct_ref_seq.pdbx_seq_align_beg_ins_code   ? 
_struct_ref_seq.seq_align_end                 97 
_struct_ref_seq.pdbx_seq_align_end_ins_code   ? 
_struct_ref_seq.pdbx_db_accession             C0SP95 
_struct_ref_seq.db_align_beg                  24 
_struct_ref_seq.pdbx_db_align_beg_ins_code    ? 
_struct_ref_seq.db_align_end                  120 
_struct_ref_seq.pdbx_db_align_end_ins_code    ? 
_struct_ref_seq.pdbx_auth_seq_align_beg       24 
_struct_ref_seq.pdbx_auth_seq_align_end       120 
# 
_pdbx_struct_assembly.id                   1 
_pdbx_struct_assembly.details              author_defined_assembly 
_pdbx_struct_assembly.method_details       ? 
_pdbx_struct_assembly.oligomeric_details   monomeric 
_pdbx_struct_assembly.oligomeric_count     1 
# 
_pdbx_struct_assembly_gen.assembly_id       1 
_pdbx_struct_assembly_gen.oper_expression   1 
_pdbx_struct_assembly_gen.asym_id_list      A,B,C,D,E 
# 
_pdbx_struct_oper_list.id                   1 
_pdbx_struct_oper_list.type                 'identity operation' 
_pdbx_struct_oper_list.name                 1_555 
_pdbx_struct_oper_list.symmetry_operation   x,y,z 
_pdbx_struct_oper_list.matrix[1][1]         1.0000000000 
_pdbx_struct_oper_list.matrix[1][2]         0.0000000000 
_pdbx_struct_oper_list.matrix[1][3]         0.0000000000 
_pdbx_struct_oper_list.vector[1]            0.0000000000 
_pdbx_struct_oper_list.matrix[2][1]         0.0000000000 
_pdbx_struct_oper_list.matrix[2][2]         1.0000000000 
_pdbx_struct_oper_list.matrix[2][3]         0.0000000000 
_pdbx_struct_oper_list.vector[2]            0.0000000000 
_pdbx_struct_oper_list.matrix[3][1]         0.0000000000 
_pdbx_struct_oper_list.matrix[3][2]         0.0000000000 
_pdbx_struct_oper_list.matrix[3][3]         1.0000000000 
_pdbx_struct_oper_list.vector[3]            0.0000000000 
# 
_struct_mon_prot_cis.pdbx_id                1 
_struct_mon_prot_cis.label_comp_id          SER 
_struct_mon_prot_cis.label_seq_id           8 
_struct_mon_prot_cis.label_asym_id          A 
_struct_mon_prot_cis.label_alt_id           . 
_struct_mon_prot_cis.pdbx_PDB_ins_code      ? 
_struct_mon_prot_cis.auth_comp_id           SER 
_struct_mon_prot_cis.auth_seq_id            31 
_struct_mon_prot_cis.auth_asym_id           A 
_struct_mon_prot_cis.pdbx_label_comp_id_2   PRO 
_struct_mon_prot_cis.pdbx_label_seq_id_2    9 
_struct_mon_prot_cis.pdbx_label_asym_id_2   A 
_struct_mon_prot_cis.pdbx_PDB_ins_code_2    ? 
_struct_mon_prot_cis.pdbx_auth_comp_id_2    PRO 
_struct_mon_prot_cis.pdbx_auth_seq_id_2     32 
_struct_mon_prot_cis.pdbx_auth_asym_id_2    A 
_struct_mon_prot_cis.pdbx_PDB_model_num     1 
_struct_mon_prot_cis.pdbx_omega_angle       -3.83 
# 
loop_
_struct_sheet.id 
_struct_sheet.type 
_struct_sheet.number_strands 
_struct_sheet.details 
AA1 ? 4 ? 
AA2 ? 4 ? 
# 
loop_
_struct_sheet_order.sheet_id 
_struct_sheet_order.range_id_1 
_struct_sheet_order.range_id_2 
_struct_sheet_order.offset 
_struct_sheet_order.sense 
AA1 1 2 ? anti-parallel 
AA1 2 3 ? anti-parallel 
AA1 3 4 ? anti-parallel 
AA2 1 2 ? parallel      
AA2 2 3 ? anti-parallel 
AA2 3 4 ? anti-parallel 
# 
loop_
_struct_sheet_range.sheet_id 
_struct_sheet_range.id 
_struct_sheet_range.beg_label_comp_id 
_struct_sheet_range.beg_label_asym_id 
_struct_sheet_range.beg_label_seq_id 
_struct_sheet_range.pdbx_beg_PDB_ins_code 
_struct_sheet_range.end_label_comp_id 
_struct_sheet_range.end_label_asym_id 
_struct_sheet_range.end_label_seq_id 
_struct_sheet_range.pdbx_end_PDB_ins_code 
_struct_sheet_range.beg_auth_comp_id 
_struct_sheet_range.beg_auth_asym_id 
_struct_sheet_range.beg_auth_seq_id 
_struct_sheet_range.end_auth_comp_id 
_struct_sheet_range.end_auth_asym_id 
_struct_sheet_range.end_auth_seq_id 
AA1 1 ILE A 4  ? SER A 8  ? ILE A 27  SER A 31  
AA1 2 GLN A 21 ? PHE A 26 ? GLN A 44  PHE A 49  
AA1 3 ILE A 61 ? LYS A 65 ? ILE A 84  LYS A 88  
AA1 4 GLU A 53 ? ILE A 54 ? GLU A 76  ILE A 77  
AA2 1 SER A 13 ? GLU A 14 ? SER A 36  GLU A 37  
AA2 2 PRO A 88 ? ILE A 97 ? PRO A 111 ILE A 120 
AA2 3 ASP A 73 ? VAL A 82 ? ASP A 96  VAL A 105 
AA2 4 TYR A 36 ? TYR A 40 ? TYR A 59  TYR A 63  
# 
loop_
_pdbx_struct_sheet_hbond.sheet_id 
_pdbx_struct_sheet_hbond.range_id_1 
_pdbx_struct_sheet_hbond.range_id_2 
_pdbx_struct_sheet_hbond.range_1_label_atom_id 
_pdbx_struct_sheet_hbond.range_1_label_comp_id 
_pdbx_struct_sheet_hbond.range_1_label_asym_id 
_pdbx_struct_sheet_hbond.range_1_label_seq_id 
_pdbx_struct_sheet_hbond.range_1_PDB_ins_code 
_pdbx_struct_sheet_hbond.range_1_auth_atom_id 
_pdbx_struct_sheet_hbond.range_1_auth_comp_id 
_pdbx_struct_sheet_hbond.range_1_auth_asym_id 
_pdbx_struct_sheet_hbond.range_1_auth_seq_id 
_pdbx_struct_sheet_hbond.range_2_label_atom_id 
_pdbx_struct_sheet_hbond.range_2_label_comp_id 
_pdbx_struct_sheet_hbond.range_2_label_asym_id 
_pdbx_struct_sheet_hbond.range_2_label_seq_id 
_pdbx_struct_sheet_hbond.range_2_PDB_ins_code 
_pdbx_struct_sheet_hbond.range_2_auth_atom_id 
_pdbx_struct_sheet_hbond.range_2_auth_comp_id 
_pdbx_struct_sheet_hbond.range_2_auth_asym_id 
_pdbx_struct_sheet_hbond.range_2_auth_seq_id 
AA1 1 2 N VAL A 5  ? N VAL A 28  O GLU A 25 ? O GLU A 48  
AA1 2 3 N ILE A 24 ? N ILE A 47  O MET A 62 ? O MET A 85  
AA1 3 4 O THR A 63 ? O THR A 86  N GLU A 53 ? N GLU A 76  
AA2 1 2 N SER A 13 ? N SER A 36  O SER A 96 ? O SER A 119 
AA2 2 3 O PHE A 95 ? O PHE A 118 N TYR A 75 ? N TYR A 98  
AA2 3 4 O GLU A 78 ? O GLU A 101 N LYS A 38 ? N LYS A 61  
# 
_pdbx_entry_details.entry_id                   9C14 
_pdbx_entry_details.has_ligand_of_interest     N 
_pdbx_entry_details.compound_details           ? 
_pdbx_entry_details.source_details             ? 
_pdbx_entry_details.nonpolymer_details         ? 
_pdbx_entry_details.sequence_details           ? 
_pdbx_entry_details.has_protein_modification   N 
# 
loop_
_space_group_symop.id 
_space_group_symop.operation_xyz 
1 x,y,z               
2 -y+1/2,x+1/2,z+3/4  
3 y+1/2,-x+1/2,z+1/4  
4 x+1/2,-y+1/2,-z+1/4 
5 -x+1/2,y+1/2,-z+3/4 
6 -x,-y,z+1/2         
7 y,x,-z              
8 -y,-x,-z+1/2        
# 
loop_
_chem_comp_atom.comp_id 
_chem_comp_atom.atom_id 
_chem_comp_atom.type_symbol 
_chem_comp_atom.pdbx_aromatic_flag 
_chem_comp_atom.pdbx_stereo_config 
_chem_comp_atom.pdbx_ordinal 
ALA N    N N N 1   
ALA CA   C N S 2   
ALA C    C N N 3   
ALA O    O N N 4   
ALA CB   C N N 5   
ALA OXT  O N N 6   
ALA H    H N N 7   
ALA H2   H N N 8   
ALA HA   H N N 9   
ALA HB1  H N N 10  
ALA HB2  H N N 11  
ALA HB3  H N N 12  
ALA HXT  H N N 13  
ARG N    N N N 14  
ARG CA   C N S 15  
ARG C    C N N 16  
ARG O    O N N 17  
ARG CB   C N N 18  
ARG CG   C N N 19  
ARG CD   C N N 20  
ARG NE   N N N 21  
ARG CZ   C N N 22  
ARG NH1  N N N 23  
ARG NH2  N N N 24  
ARG OXT  O N N 25  
ARG H    H N N 26  
ARG H2   H N N 27  
ARG HA   H N N 28  
ARG HB2  H N N 29  
ARG HB3  H N N 30  
ARG HG2  H N N 31  
ARG HG3  H N N 32  
ARG HD2  H N N 33  
ARG HD3  H N N 34  
ARG HE   H N N 35  
ARG HH11 H N N 36  
ARG HH12 H N N 37  
ARG HH21 H N N 38  
ARG HH22 H N N 39  
ARG HXT  H N N 40  
ASN N    N N N 41  
ASN CA   C N S 42  
ASN C    C N N 43  
ASN O    O N N 44  
ASN CB   C N N 45  
ASN CG   C N N 46  
ASN OD1  O N N 47  
ASN ND2  N N N 48  
ASN OXT  O N N 49  
ASN H    H N N 50  
ASN H2   H N N 51  
ASN HA   H N N 52  
ASN HB2  H N N 53  
ASN HB3  H N N 54  
ASN HD21 H N N 55  
ASN HD22 H N N 56  
ASN HXT  H N N 57  
ASP N    N N N 58  
ASP CA   C N S 59  
ASP C    C N N 60  
ASP O    O N N 61  
ASP CB   C N N 62  
ASP CG   C N N 63  
ASP OD1  O N N 64  
ASP OD2  O N N 65  
ASP OXT  O N N 66  
ASP H    H N N 67  
ASP H2   H N N 68  
ASP HA   H N N 69  
ASP HB2  H N N 70  
ASP HB3  H N N 71  
ASP HD2  H N N 72  
ASP HXT  H N N 73  
GLN N    N N N 74  
GLN CA   C N S 75  
GLN C    C N N 76  
GLN O    O N N 77  
GLN CB   C N N 78  
GLN CG   C N N 79  
GLN CD   C N N 80  
GLN OE1  O N N 81  
GLN NE2  N N N 82  
GLN OXT  O N N 83  
GLN H    H N N 84  
GLN H2   H N N 85  
GLN HA   H N N 86  
GLN HB2  H N N 87  
GLN HB3  H N N 88  
GLN HG2  H N N 89  
GLN HG3  H N N 90  
GLN HE21 H N N 91  
GLN HE22 H N N 92  
GLN HXT  H N N 93  
GLU N    N N N 94  
GLU CA   C N S 95  
GLU C    C N N 96  
GLU O    O N N 97  
GLU CB   C N N 98  
GLU CG   C N N 99  
GLU CD   C N N 100 
GLU OE1  O N N 101 
GLU OE2  O N N 102 
GLU OXT  O N N 103 
GLU H    H N N 104 
GLU H2   H N N 105 
GLU HA   H N N 106 
GLU HB2  H N N 107 
GLU HB3  H N N 108 
GLU HG2  H N N 109 
GLU HG3  H N N 110 
GLU HE2  H N N 111 
GLU HXT  H N N 112 
GLY N    N N N 113 
GLY CA   C N N 114 
GLY C    C N N 115 
GLY O    O N N 116 
GLY OXT  O N N 117 
GLY H    H N N 118 
GLY H2   H N N 119 
GLY HA2  H N N 120 
GLY HA3  H N N 121 
GLY HXT  H N N 122 
HIS N    N N N 123 
HIS CA   C N S 124 
HIS C    C N N 125 
HIS O    O N N 126 
HIS CB   C N N 127 
HIS CG   C Y N 128 
HIS ND1  N Y N 129 
HIS CD2  C Y N 130 
HIS CE1  C Y N 131 
HIS NE2  N Y N 132 
HIS OXT  O N N 133 
HIS H    H N N 134 
HIS H2   H N N 135 
HIS HA   H N N 136 
HIS HB2  H N N 137 
HIS HB3  H N N 138 
HIS HD1  H N N 139 
HIS HD2  H N N 140 
HIS HE1  H N N 141 
HIS HE2  H N N 142 
HIS HXT  H N N 143 
HOH O    O N N 144 
HOH H1   H N N 145 
HOH H2   H N N 146 
ILE N    N N N 147 
ILE CA   C N S 148 
ILE C    C N N 149 
ILE O    O N N 150 
ILE CB   C N S 151 
ILE CG1  C N N 152 
ILE CG2  C N N 153 
ILE CD1  C N N 154 
ILE OXT  O N N 155 
ILE H    H N N 156 
ILE H2   H N N 157 
ILE HA   H N N 158 
ILE HB   H N N 159 
ILE HG12 H N N 160 
ILE HG13 H N N 161 
ILE HG21 H N N 162 
ILE HG22 H N N 163 
ILE HG23 H N N 164 
ILE HD11 H N N 165 
ILE HD12 H N N 166 
ILE HD13 H N N 167 
ILE HXT  H N N 168 
LEU N    N N N 169 
LEU CA   C N S 170 
LEU C    C N N 171 
LEU O    O N N 172 
LEU CB   C N N 173 
LEU CG   C N N 174 
LEU CD1  C N N 175 
LEU CD2  C N N 176 
LEU OXT  O N N 177 
LEU H    H N N 178 
LEU H2   H N N 179 
LEU HA   H N N 180 
LEU HB2  H N N 181 
LEU HB3  H N N 182 
LEU HG   H N N 183 
LEU HD11 H N N 184 
LEU HD12 H N N 185 
LEU HD13 H N N 186 
LEU HD21 H N N 187 
LEU HD22 H N N 188 
LEU HD23 H N N 189 
LEU HXT  H N N 190 
LYS N    N N N 191 
LYS CA   C N S 192 
LYS C    C N N 193 
LYS O    O N N 194 
LYS CB   C N N 195 
LYS CG   C N N 196 
LYS CD   C N N 197 
LYS CE   C N N 198 
LYS NZ   N N N 199 
LYS OXT  O N N 200 
LYS H    H N N 201 
LYS H2   H N N 202 
LYS HA   H N N 203 
LYS HB2  H N N 204 
LYS HB3  H N N 205 
LYS HG2  H N N 206 
LYS HG3  H N N 207 
LYS HD2  H N N 208 
LYS HD3  H N N 209 
LYS HE2  H N N 210 
LYS HE3  H N N 211 
LYS HZ1  H N N 212 
LYS HZ2  H N N 213 
LYS HZ3  H N N 214 
LYS HXT  H N N 215 
MET N    N N N 216 
MET CA   C N S 217 
MET C    C N N 218 
MET O    O N N 219 
MET CB   C N N 220 
MET CG   C N N 221 
MET SD   S N N 222 
MET CE   C N N 223 
MET OXT  O N N 224 
MET H    H N N 225 
MET H2   H N N 226 
MET HA   H N N 227 
MET HB2  H N N 228 
MET HB3  H N N 229 
MET HG2  H N N 230 
MET HG3  H N N 231 
MET HE1  H N N 232 
MET HE2  H N N 233 
MET HE3  H N N 234 
MET HXT  H N N 235 
PGE C1   C N N 236 
PGE O1   O N N 237 
PGE C2   C N N 238 
PGE O2   O N N 239 
PGE C3   C N N 240 
PGE C4   C N N 241 
PGE O4   O N N 242 
PGE C6   C N N 243 
PGE C5   C N N 244 
PGE O3   O N N 245 
PGE H1   H N N 246 
PGE H12  H N N 247 
PGE HO1  H N N 248 
PGE H2   H N N 249 
PGE H22  H N N 250 
PGE H3   H N N 251 
PGE H32  H N N 252 
PGE H4   H N N 253 
PGE H42  H N N 254 
PGE HO4  H N N 255 
PGE H6   H N N 256 
PGE H62  H N N 257 
PGE H5   H N N 258 
PGE H52  H N N 259 
PHE N    N N N 260 
PHE CA   C N S 261 
PHE C    C N N 262 
PHE O    O N N 263 
PHE CB   C N N 264 
PHE CG   C Y N 265 
PHE CD1  C Y N 266 
PHE CD2  C Y N 267 
PHE CE1  C Y N 268 
PHE CE2  C Y N 269 
PHE CZ   C Y N 270 
PHE OXT  O N N 271 
PHE H    H N N 272 
PHE H2   H N N 273 
PHE HA   H N N 274 
PHE HB2  H N N 275 
PHE HB3  H N N 276 
PHE HD1  H N N 277 
PHE HD2  H N N 278 
PHE HE1  H N N 279 
PHE HE2  H N N 280 
PHE HZ   H N N 281 
PHE HXT  H N N 282 
PRO N    N N N 283 
PRO CA   C N S 284 
PRO C    C N N 285 
PRO O    O N N 286 
PRO CB   C N N 287 
PRO CG   C N N 288 
PRO CD   C N N 289 
PRO OXT  O N N 290 
PRO H    H N N 291 
PRO HA   H N N 292 
PRO HB2  H N N 293 
PRO HB3  H N N 294 
PRO HG2  H N N 295 
PRO HG3  H N N 296 
PRO HD2  H N N 297 
PRO HD3  H N N 298 
PRO HXT  H N N 299 
SER N    N N N 300 
SER CA   C N S 301 
SER C    C N N 302 
SER O    O N N 303 
SER CB   C N N 304 
SER OG   O N N 305 
SER OXT  O N N 306 
SER H    H N N 307 
SER H2   H N N 308 
SER HA   H N N 309 
SER HB2  H N N 310 
SER HB3  H N N 311 
SER HG   H N N 312 
SER HXT  H N N 313 
SO4 S    S N N 314 
SO4 O1   O N N 315 
SO4 O2   O N N 316 
SO4 O3   O N N 317 
SO4 O4   O N N 318 
THR N    N N N 319 
THR CA   C N S 320 
THR C    C N N 321 
THR O    O N N 322 
THR CB   C N R 323 
THR OG1  O N N 324 
THR CG2  C N N 325 
THR OXT  O N N 326 
THR H    H N N 327 
THR H2   H N N 328 
THR HA   H N N 329 
THR HB   H N N 330 
THR HG1  H N N 331 
THR HG21 H N N 332 
THR HG22 H N N 333 
THR HG23 H N N 334 
THR HXT  H N N 335 
TRP N    N N N 336 
TRP CA   C N S 337 
TRP C    C N N 338 
TRP O    O N N 339 
TRP CB   C N N 340 
TRP CG   C Y N 341 
TRP CD1  C Y N 342 
TRP CD2  C Y N 343 
TRP NE1  N Y N 344 
TRP CE2  C Y N 345 
TRP CE3  C Y N 346 
TRP CZ2  C Y N 347 
TRP CZ3  C Y N 348 
TRP CH2  C Y N 349 
TRP OXT  O N N 350 
TRP H    H N N 351 
TRP H2   H N N 352 
TRP HA   H N N 353 
TRP HB2  H N N 354 
TRP HB3  H N N 355 
TRP HD1  H N N 356 
TRP HE1  H N N 357 
TRP HE3  H N N 358 
TRP HZ2  H N N 359 
TRP HZ3  H N N 360 
TRP HH2  H N N 361 
TRP HXT  H N N 362 
TYR N    N N N 363 
TYR CA   C N S 364 
TYR C    C N N 365 
TYR O    O N N 366 
TYR CB   C N N 367 
TYR CG   C Y N 368 
TYR CD1  C Y N 369 
TYR CD2  C Y N 370 
TYR CE1  C Y N 371 
TYR CE2  C Y N 372 
TYR CZ   C Y N 373 
TYR OH   O N N 374 
TYR OXT  O N N 375 
TYR H    H N N 376 
TYR H2   H N N 377 
TYR HA   H N N 378 
TYR HB2  H N N 379 
TYR HB3  H N N 380 
TYR HD1  H N N 381 
TYR HD2  H N N 382 
TYR HE1  H N N 383 
TYR HE2  H N N 384 
TYR HH   H N N 385 
TYR HXT  H N N 386 
VAL N    N N N 387 
VAL CA   C N S 388 
VAL C    C N N 389 
VAL O    O N N 390 
VAL CB   C N N 391 
VAL CG1  C N N 392 
VAL CG2  C N N 393 
VAL OXT  O N N 394 
VAL H    H N N 395 
VAL H2   H N N 396 
VAL HA   H N N 397 
VAL HB   H N N 398 
VAL HG11 H N N 399 
VAL HG12 H N N 400 
VAL HG13 H N N 401 
VAL HG21 H N N 402 
VAL HG22 H N N 403 
VAL HG23 H N N 404 
VAL HXT  H N N 405 
# 
loop_
_chem_comp_bond.comp_id 
_chem_comp_bond.atom_id_1 
_chem_comp_bond.atom_id_2 
_chem_comp_bond.value_order 
_chem_comp_bond.pdbx_aromatic_flag 
_chem_comp_bond.pdbx_stereo_config 
_chem_comp_bond.pdbx_ordinal 
ALA N   CA   sing N N 1   
ALA N   H    sing N N 2   
ALA N   H2   sing N N 3   
ALA CA  C    sing N N 4   
ALA CA  CB   sing N N 5   
ALA CA  HA   sing N N 6   
ALA C   O    doub N N 7   
ALA C   OXT  sing N N 8   
ALA CB  HB1  sing N N 9   
ALA CB  HB2  sing N N 10  
ALA CB  HB3  sing N N 11  
ALA OXT HXT  sing N N 12  
ARG N   CA   sing N N 13  
ARG N   H    sing N N 14  
ARG N   H2   sing N N 15  
ARG CA  C    sing N N 16  
ARG CA  CB   sing N N 17  
ARG CA  HA   sing N N 18  
ARG C   O    doub N N 19  
ARG C   OXT  sing N N 20  
ARG CB  CG   sing N N 21  
ARG CB  HB2  sing N N 22  
ARG CB  HB3  sing N N 23  
ARG CG  CD   sing N N 24  
ARG CG  HG2  sing N N 25  
ARG CG  HG3  sing N N 26  
ARG CD  NE   sing N N 27  
ARG CD  HD2  sing N N 28  
ARG CD  HD3  sing N N 29  
ARG NE  CZ   sing N N 30  
ARG NE  HE   sing N N 31  
ARG CZ  NH1  sing N N 32  
ARG CZ  NH2  doub N N 33  
ARG NH1 HH11 sing N N 34  
ARG NH1 HH12 sing N N 35  
ARG NH2 HH21 sing N N 36  
ARG NH2 HH22 sing N N 37  
ARG OXT HXT  sing N N 38  
ASN N   CA   sing N N 39  
ASN N   H    sing N N 40  
ASN N   H2   sing N N 41  
ASN CA  C    sing N N 42  
ASN CA  CB   sing N N 43  
ASN CA  HA   sing N N 44  
ASN C   O    doub N N 45  
ASN C   OXT  sing N N 46  
ASN CB  CG   sing N N 47  
ASN CB  HB2  sing N N 48  
ASN CB  HB3  sing N N 49  
ASN CG  OD1  doub N N 50  
ASN CG  ND2  sing N N 51  
ASN ND2 HD21 sing N N 52  
ASN ND2 HD22 sing N N 53  
ASN OXT HXT  sing N N 54  
ASP N   CA   sing N N 55  
ASP N   H    sing N N 56  
ASP N   H2   sing N N 57  
ASP CA  C    sing N N 58  
ASP CA  CB   sing N N 59  
ASP CA  HA   sing N N 60  
ASP C   O    doub N N 61  
ASP C   OXT  sing N N 62  
ASP CB  CG   sing N N 63  
ASP CB  HB2  sing N N 64  
ASP CB  HB3  sing N N 65  
ASP CG  OD1  doub N N 66  
ASP CG  OD2  sing N N 67  
ASP OD2 HD2  sing N N 68  
ASP OXT HXT  sing N N 69  
GLN N   CA   sing N N 70  
GLN N   H    sing N N 71  
GLN N   H2   sing N N 72  
GLN CA  C    sing N N 73  
GLN CA  CB   sing N N 74  
GLN CA  HA   sing N N 75  
GLN C   O    doub N N 76  
GLN C   OXT  sing N N 77  
GLN CB  CG   sing N N 78  
GLN CB  HB2  sing N N 79  
GLN CB  HB3  sing N N 80  
GLN CG  CD   sing N N 81  
GLN CG  HG2  sing N N 82  
GLN CG  HG3  sing N N 83  
GLN CD  OE1  doub N N 84  
GLN CD  NE2  sing N N 85  
GLN NE2 HE21 sing N N 86  
GLN NE2 HE22 sing N N 87  
GLN OXT HXT  sing N N 88  
GLU N   CA   sing N N 89  
GLU N   H    sing N N 90  
GLU N   H2   sing N N 91  
GLU CA  C    sing N N 92  
GLU CA  CB   sing N N 93  
GLU CA  HA   sing N N 94  
GLU C   O    doub N N 95  
GLU C   OXT  sing N N 96  
GLU CB  CG   sing N N 97  
GLU CB  HB2  sing N N 98  
GLU CB  HB3  sing N N 99  
GLU CG  CD   sing N N 100 
GLU CG  HG2  sing N N 101 
GLU CG  HG3  sing N N 102 
GLU CD  OE1  doub N N 103 
GLU CD  OE2  sing N N 104 
GLU OE2 HE2  sing N N 105 
GLU OXT HXT  sing N N 106 
GLY N   CA   sing N N 107 
GLY N   H    sing N N 108 
GLY N   H2   sing N N 109 
GLY CA  C    sing N N 110 
GLY CA  HA2  sing N N 111 
GLY CA  HA3  sing N N 112 
GLY C   O    doub N N 113 
GLY C   OXT  sing N N 114 
GLY OXT HXT  sing N N 115 
HIS N   CA   sing N N 116 
HIS N   H    sing N N 117 
HIS N   H2   sing N N 118 
HIS CA  C    sing N N 119 
HIS CA  CB   sing N N 120 
HIS CA  HA   sing N N 121 
HIS C   O    doub N N 122 
HIS C   OXT  sing N N 123 
HIS CB  CG   sing N N 124 
HIS CB  HB2  sing N N 125 
HIS CB  HB3  sing N N 126 
HIS CG  ND1  sing Y N 127 
HIS CG  CD2  doub Y N 128 
HIS ND1 CE1  doub Y N 129 
HIS ND1 HD1  sing N N 130 
HIS CD2 NE2  sing Y N 131 
HIS CD2 HD2  sing N N 132 
HIS CE1 NE2  sing Y N 133 
HIS CE1 HE1  sing N N 134 
HIS NE2 HE2  sing N N 135 
HIS OXT HXT  sing N N 136 
HOH O   H1   sing N N 137 
HOH O   H2   sing N N 138 
ILE N   CA   sing N N 139 
ILE N   H    sing N N 140 
ILE N   H2   sing N N 141 
ILE CA  C    sing N N 142 
ILE CA  CB   sing N N 143 
ILE CA  HA   sing N N 144 
ILE C   O    doub N N 145 
ILE C   OXT  sing N N 146 
ILE CB  CG1  sing N N 147 
ILE CB  CG2  sing N N 148 
ILE CB  HB   sing N N 149 
ILE CG1 CD1  sing N N 150 
ILE CG1 HG12 sing N N 151 
ILE CG1 HG13 sing N N 152 
ILE CG2 HG21 sing N N 153 
ILE CG2 HG22 sing N N 154 
ILE CG2 HG23 sing N N 155 
ILE CD1 HD11 sing N N 156 
ILE CD1 HD12 sing N N 157 
ILE CD1 HD13 sing N N 158 
ILE OXT HXT  sing N N 159 
LEU N   CA   sing N N 160 
LEU N   H    sing N N 161 
LEU N   H2   sing N N 162 
LEU CA  C    sing N N 163 
LEU CA  CB   sing N N 164 
LEU CA  HA   sing N N 165 
LEU C   O    doub N N 166 
LEU C   OXT  sing N N 167 
LEU CB  CG   sing N N 168 
LEU CB  HB2  sing N N 169 
LEU CB  HB3  sing N N 170 
LEU CG  CD1  sing N N 171 
LEU CG  CD2  sing N N 172 
LEU CG  HG   sing N N 173 
LEU CD1 HD11 sing N N 174 
LEU CD1 HD12 sing N N 175 
LEU CD1 HD13 sing N N 176 
LEU CD2 HD21 sing N N 177 
LEU CD2 HD22 sing N N 178 
LEU CD2 HD23 sing N N 179 
LEU OXT HXT  sing N N 180 
LYS N   CA   sing N N 181 
LYS N   H    sing N N 182 
LYS N   H2   sing N N 183 
LYS CA  C    sing N N 184 
LYS CA  CB   sing N N 185 
LYS CA  HA   sing N N 186 
LYS C   O    doub N N 187 
LYS C   OXT  sing N N 188 
LYS CB  CG   sing N N 189 
LYS CB  HB2  sing N N 190 
LYS CB  HB3  sing N N 191 
LYS CG  CD   sing N N 192 
LYS CG  HG2  sing N N 193 
LYS CG  HG3  sing N N 194 
LYS CD  CE   sing N N 195 
LYS CD  HD2  sing N N 196 
LYS CD  HD3  sing N N 197 
LYS CE  NZ   sing N N 198 
LYS CE  HE2  sing N N 199 
LYS CE  HE3  sing N N 200 
LYS NZ  HZ1  sing N N 201 
LYS NZ  HZ2  sing N N 202 
LYS NZ  HZ3  sing N N 203 
LYS OXT HXT  sing N N 204 
MET N   CA   sing N N 205 
MET N   H    sing N N 206 
MET N   H2   sing N N 207 
MET CA  C    sing N N 208 
MET CA  CB   sing N N 209 
MET CA  HA   sing N N 210 
MET C   O    doub N N 211 
MET C   OXT  sing N N 212 
MET CB  CG   sing N N 213 
MET CB  HB2  sing N N 214 
MET CB  HB3  sing N N 215 
MET CG  SD   sing N N 216 
MET CG  HG2  sing N N 217 
MET CG  HG3  sing N N 218 
MET SD  CE   sing N N 219 
MET CE  HE1  sing N N 220 
MET CE  HE2  sing N N 221 
MET CE  HE3  sing N N 222 
MET OXT HXT  sing N N 223 
PGE C1  O1   sing N N 224 
PGE C1  C2   sing N N 225 
PGE C1  H1   sing N N 226 
PGE C1  H12  sing N N 227 
PGE O1  HO1  sing N N 228 
PGE C2  O2   sing N N 229 
PGE C2  H2   sing N N 230 
PGE C2  H22  sing N N 231 
PGE O2  C3   sing N N 232 
PGE C3  C4   sing N N 233 
PGE C3  H3   sing N N 234 
PGE C3  H32  sing N N 235 
PGE C4  O3   sing N N 236 
PGE C4  H4   sing N N 237 
PGE C4  H42  sing N N 238 
PGE O4  C6   sing N N 239 
PGE O4  HO4  sing N N 240 
PGE C6  C5   sing N N 241 
PGE C6  H6   sing N N 242 
PGE C6  H62  sing N N 243 
PGE C5  O3   sing N N 244 
PGE C5  H5   sing N N 245 
PGE C5  H52  sing N N 246 
PHE N   CA   sing N N 247 
PHE N   H    sing N N 248 
PHE N   H2   sing N N 249 
PHE CA  C    sing N N 250 
PHE CA  CB   sing N N 251 
PHE CA  HA   sing N N 252 
PHE C   O    doub N N 253 
PHE C   OXT  sing N N 254 
PHE CB  CG   sing N N 255 
PHE CB  HB2  sing N N 256 
PHE CB  HB3  sing N N 257 
PHE CG  CD1  doub Y N 258 
PHE CG  CD2  sing Y N 259 
PHE CD1 CE1  sing Y N 260 
PHE CD1 HD1  sing N N 261 
PHE CD2 CE2  doub Y N 262 
PHE CD2 HD2  sing N N 263 
PHE CE1 CZ   doub Y N 264 
PHE CE1 HE1  sing N N 265 
PHE CE2 CZ   sing Y N 266 
PHE CE2 HE2  sing N N 267 
PHE CZ  HZ   sing N N 268 
PHE OXT HXT  sing N N 269 
PRO N   CA   sing N N 270 
PRO N   CD   sing N N 271 
PRO N   H    sing N N 272 
PRO CA  C    sing N N 273 
PRO CA  CB   sing N N 274 
PRO CA  HA   sing N N 275 
PRO C   O    doub N N 276 
PRO C   OXT  sing N N 277 
PRO CB  CG   sing N N 278 
PRO CB  HB2  sing N N 279 
PRO CB  HB3  sing N N 280 
PRO CG  CD   sing N N 281 
PRO CG  HG2  sing N N 282 
PRO CG  HG3  sing N N 283 
PRO CD  HD2  sing N N 284 
PRO CD  HD3  sing N N 285 
PRO OXT HXT  sing N N 286 
SER N   CA   sing N N 287 
SER N   H    sing N N 288 
SER N   H2   sing N N 289 
SER CA  C    sing N N 290 
SER CA  CB   sing N N 291 
SER CA  HA   sing N N 292 
SER C   O    doub N N 293 
SER C   OXT  sing N N 294 
SER CB  OG   sing N N 295 
SER CB  HB2  sing N N 296 
SER CB  HB3  sing N N 297 
SER OG  HG   sing N N 298 
SER OXT HXT  sing N N 299 
SO4 S   O1   doub N N 300 
SO4 S   O2   doub N N 301 
SO4 S   O3   sing N N 302 
SO4 S   O4   sing N N 303 
THR N   CA   sing N N 304 
THR N   H    sing N N 305 
THR N   H2   sing N N 306 
THR CA  C    sing N N 307 
THR CA  CB   sing N N 308 
THR CA  HA   sing N N 309 
THR C   O    doub N N 310 
THR C   OXT  sing N N 311 
THR CB  OG1  sing N N 312 
THR CB  CG2  sing N N 313 
THR CB  HB   sing N N 314 
THR OG1 HG1  sing N N 315 
THR CG2 HG21 sing N N 316 
THR CG2 HG22 sing N N 317 
THR CG2 HG23 sing N N 318 
THR OXT HXT  sing N N 319 
TRP N   CA   sing N N 320 
TRP N   H    sing N N 321 
TRP N   H2   sing N N 322 
TRP CA  C    sing N N 323 
TRP CA  CB   sing N N 324 
TRP CA  HA   sing N N 325 
TRP C   O    doub N N 326 
TRP C   OXT  sing N N 327 
TRP CB  CG   sing N N 328 
TRP CB  HB2  sing N N 329 
TRP CB  HB3  sing N N 330 
TRP CG  CD1  doub Y N 331 
TRP CG  CD2  sing Y N 332 
TRP CD1 NE1  sing Y N 333 
TRP CD1 HD1  sing N N 334 
TRP CD2 CE2  doub Y N 335 
TRP CD2 CE3  sing Y N 336 
TRP NE1 CE2  sing Y N 337 
TRP NE1 HE1  sing N N 338 
TRP CE2 CZ2  sing Y N 339 
TRP CE3 CZ3  doub Y N 340 
TRP CE3 HE3  sing N N 341 
TRP CZ2 CH2  doub Y N 342 
TRP CZ2 HZ2  sing N N 343 
TRP CZ3 CH2  sing Y N 344 
TRP CZ3 HZ3  sing N N 345 
TRP CH2 HH2  sing N N 346 
TRP OXT HXT  sing N N 347 
TYR N   CA   sing N N 348 
TYR N   H    sing N N 349 
TYR N   H2   sing N N 350 
TYR CA  C    sing N N 351 
TYR CA  CB   sing N N 352 
TYR CA  HA   sing N N 353 
TYR C   O    doub N N 354 
TYR C   OXT  sing N N 355 
TYR CB  CG   sing N N 356 
TYR CB  HB2  sing N N 357 
TYR CB  HB3  sing N N 358 
TYR CG  CD1  doub Y N 359 
TYR CG  CD2  sing Y N 360 
TYR CD1 CE1  sing Y N 361 
TYR CD1 HD1  sing N N 362 
TYR CD2 CE2  doub Y N 363 
TYR CD2 HD2  sing N N 364 
TYR CE1 CZ   doub Y N 365 
TYR CE1 HE1  sing N N 366 
TYR CE2 CZ   sing Y N 367 
TYR CE2 HE2  sing N N 368 
TYR CZ  OH   sing N N 369 
TYR OH  HH   sing N N 370 
TYR OXT HXT  sing N N 371 
VAL N   CA   sing N N 372 
VAL N   H    sing N N 373 
VAL N   H2   sing N N 374 
VAL CA  C    sing N N 375 
VAL CA  CB   sing N N 376 
VAL CA  HA   sing N N 377 
VAL C   O    doub N N 378 
VAL C   OXT  sing N N 379 
VAL CB  CG1  sing N N 380 
VAL CB  CG2  sing N N 381 
VAL CB  HB   sing N N 382 
VAL CG1 HG11 sing N N 383 
VAL CG1 HG12 sing N N 384 
VAL CG1 HG13 sing N N 385 
VAL CG2 HG21 sing N N 386 
VAL CG2 HG22 sing N N 387 
VAL CG2 HG23 sing N N 388 
VAL OXT HXT  sing N N 389 
# 
_pdbx_audit_support.funding_organization   'National Science Foundation (NSF, United States)' 
_pdbx_audit_support.country                'United States' 
_pdbx_audit_support.grant_number           2137107 
_pdbx_audit_support.ordinal                1 
# 
_pdbx_initial_refinement_model.id               1 
_pdbx_initial_refinement_model.entity_id_list   ? 
_pdbx_initial_refinement_model.type             'in silico model' 
_pdbx_initial_refinement_model.source_name      AlphaFold 
_pdbx_initial_refinement_model.accession_code   ? 
_pdbx_initial_refinement_model.details          'Model generated using ColabFold' 
# 
_pdbx_related_exp_data_set.data_reference       10.15785/SBGRID/1108 
_pdbx_related_exp_data_set.data_set_type        'diffraction image data' 
_pdbx_related_exp_data_set.details              ? 
_pdbx_related_exp_data_set.metadata_reference   10.15785/SBGRID/1108 
_pdbx_related_exp_data_set.ordinal              1 
# 
_space_group.name_H-M_alt     'P 43 21 2' 
_space_group.name_Hall        'P 4nw 2abw' 
_space_group.IT_number        96 
_space_group.crystal_system   tetragonal 
_space_group.id               1 
# 
_atom_sites.entry_id                    9C14 
_atom_sites.Cartn_transf_matrix[1][1]   ? 
_atom_sites.Cartn_transf_matrix[1][2]   ? 
_atom_sites.Cartn_transf_matrix[1][3]   ? 
_atom_sites.Cartn_transf_matrix[2][1]   ? 
_atom_sites.Cartn_transf_matrix[2][2]   ? 
_atom_sites.Cartn_transf_matrix[2][3]   ? 
_atom_sites.Cartn_transf_matrix[3][1]   ? 
_atom_sites.Cartn_transf_matrix[3][2]   ? 
_atom_sites.Cartn_transf_matrix[3][3]   ? 
_atom_sites.Cartn_transf_vector[1]      ? 
_atom_sites.Cartn_transf_vector[2]      ? 
_atom_sites.Cartn_transf_vector[3]      ? 
_atom_sites.Cartn_transform_axes        ? 
_atom_sites.fract_transf_matrix[1][1]   0.01493232 
_atom_sites.fract_transf_matrix[1][2]   -0.00618520 
_atom_sites.fract_transf_matrix[1][3]   0.02263229 
_atom_sites.fract_transf_matrix[2][1]   0.01560831 
_atom_sites.fract_transf_matrix[2][2]   0.02264847 
_atom_sites.fract_transf_matrix[2][3]   -0.00410842 
_atom_sites.fract_transf_matrix[3][1]   -0.00380002 
_atom_sites.fract_transf_matrix[3][2]   0.00323392 
_atom_sites.fract_transf_matrix[3][3]   0.00339097 
_atom_sites.fract_transf_vector[1]      -0.405913 
_atom_sites.fract_transf_vector[2]      -0.311636 
_atom_sites.fract_transf_vector[3]      0.069759 
_atom_sites.solution_primary            ? 
_atom_sites.solution_secondary          ? 
_atom_sites.solution_hydrogens          ? 
_atom_sites.special_details             ? 
# 
loop_
_atom_type.symbol 
_atom_type.scat_dispersion_real 
_atom_type.scat_dispersion_imag 
_atom_type.scat_Cromer_Mann_a1 
_atom_type.scat_Cromer_Mann_a2 
_atom_type.scat_Cromer_Mann_a3 
_atom_type.scat_Cromer_Mann_a4 
_atom_type.scat_Cromer_Mann_b1 
_atom_type.scat_Cromer_Mann_b2 
_atom_type.scat_Cromer_Mann_b3 
_atom_type.scat_Cromer_Mann_b4 
_atom_type.scat_Cromer_Mann_c 
_atom_type.scat_source 
_atom_type.scat_dispersion_source 
C ? ? 3.54356 2.42580 ? ? 25.62398 1.50364  ? ? 0.0 
;2-Gaussian fit: Grosse-Kunstleve RW, Sauter NK, Adams PD: Newsletter of the IUCr Commission on Crystallographic Computing 2004, 3, 22-31.
;
? 
H ? ? 0.51345 0.48472 ? ? 24.73122 6.32584  ? ? 0.0 
;2-Gaussian fit: Grosse-Kunstleve RW, Sauter NK, Adams PD: Newsletter of the IUCr Commission on Crystallographic Computing 2004, 3, 22-31.
;
? 
N ? ? 4.01032 2.96436 ? ? 19.97189 1.75589  ? ? 0.0 
;2-Gaussian fit: Grosse-Kunstleve RW, Sauter NK, Adams PD: Newsletter of the IUCr Commission on Crystallographic Computing 2004, 3, 22-31.
;
? 
O ? ? 4.49882 3.47563 ? ? 15.80542 1.70748  ? ? 0.0 
;2-Gaussian fit: Grosse-Kunstleve RW, Sauter NK, Adams PD: Newsletter of the IUCr Commission on Crystallographic Computing 2004, 3, 22-31.
;
? 
S ? ? 9.55732 6.39887 ? ? 1.23737  29.19336 ? ? 0.0 
;2-Gaussian fit: Grosse-Kunstleve RW, Sauter NK, Adams PD: Newsletter of the IUCr Commission on Crystallographic Computing 2004, 3, 22-31.
;
? 
# 
loop_
_atom_site.group_PDB 
_atom_site.id 
_atom_site.type_symbol 
_atom_site.label_atom_id 
_atom_site.label_alt_id 
_atom_site.label_comp_id 
_atom_site.label_asym_id 
_atom_site.label_entity_id 
_atom_site.label_seq_id 
_atom_site.pdbx_PDB_ins_code 
_atom_site.Cartn_x 
_atom_site.Cartn_y 
_atom_site.Cartn_z 
_atom_site.occupancy 
_atom_site.B_iso_or_equiv 
_atom_site.pdbx_formal_charge 
_atom_site.auth_seq_id 
_atom_site.auth_comp_id 
_atom_site.auth_asym_id 
_atom_site.auth_atom_id 
_atom_site.pdbx_PDB_model_num 
ATOM   1   N N   . HIS A 1 1  ? 1.04941   13.37127  -13.02864 1.000 36.77255 ? 24  HIS A N   1 
ATOM   2   C CA  . HIS A 1 1  ? 0.51697   12.48438  -12.00512 1.000 35.57714 ? 24  HIS A CA  1 
ATOM   3   C C   . HIS A 1 1  ? 1.62234   11.51509  -11.59713 1.000 33.69194 ? 24  HIS A C   1 
ATOM   4   O O   . HIS A 1 1  ? 2.40035   11.07800  -12.44666 1.000 36.35192 ? 24  HIS A O   1 
ATOM   5   C CB  . HIS A 1 1  ? -0.68788  11.68003  -12.51546 1.000 35.09240 ? 24  HIS A CB  1 
ATOM   6   C CG  . HIS A 1 1  ? -1.66795  12.47559  -13.32091 1.000 42.88552 ? 24  HIS A CG  1 
ATOM   7   N ND1 . HIS A 1 1  ? -1.45424  13.79034  -13.68366 1.000 43.06822 ? 24  HIS A ND1 1 
ATOM   8   C CD2 . HIS A 1 1  ? -2.86105  12.12690  -13.85911 1.000 38.09805 ? 24  HIS A CD2 1 
ATOM   9   C CE1 . HIS A 1 1  ? -2.47811  14.21864  -14.40218 1.000 41.90533 ? 24  HIS A CE1 1 
ATOM   10  N NE2 . HIS A 1 1  ? -3.34638  13.22981  -14.52092 1.000 43.42063 ? 24  HIS A NE2 1 
ATOM   11  N N   . ALA A 1 2  ? 1.69954   11.17044  -10.31508 1.000 26.49679 ? 25  ALA A N   1 
ATOM   12  C CA  . ALA A 1 2  ? 2.57808   10.08159  -9.90901  1.000 25.97021 ? 25  ALA A CA  1 
ATOM   13  C C   . ALA A 1 2  ? 1.95232   8.73467   -10.26241 1.000 24.56569 ? 25  ALA A C   1 
ATOM   14  O O   . ALA A 1 2  ? 0.73142   8.56667   -10.24072 1.000 24.92782 ? 25  ALA A O   1 
ATOM   15  C CB  . ALA A 1 2  ? 2.87612   10.14903  -8.41148  1.000 24.08869 ? 25  ALA A CB  1 
ATOM   16  N N   . TYR A 1 3  ? 2.81522   7.77071   -10.59755 1.000 21.72577 ? 26  TYR A N   1 
ATOM   17  C CA  . TYR A 1 3  ? 2.42285   6.41186   -10.95726 1.000 24.72601 ? 26  TYR A CA  1 
ATOM   18  C C   . TYR A 1 3  ? 3.21415   5.43129   -10.11106 1.000 17.70036 ? 26  TYR A C   1 
ATOM   19  O O   . TYR A 1 3  ? 4.36007   5.70302   -9.74443  1.000 19.08582 ? 26  TYR A O   1 
ATOM   20  C CB  . TYR A 1 3  ? 2.68548   6.13325   -12.45679 1.000 23.25269 ? 26  TYR A CB  1 
ATOM   21  C CG  . TYR A 1 3  ? 1.89265   7.04434   -13.34402 1.000 34.00370 ? 26  TYR A CG  1 
ATOM   22  C CD1 . TYR A 1 3  ? 2.47538   8.16277   -13.92837 1.000 36.14591 ? 26  TYR A CD1 1 
ATOM   23  C CD2 . TYR A 1 3  ? 0.54665   6.79870   -13.58809 1.000 39.66828 ? 26  TYR A CD2 1 
ATOM   24  C CE1 . TYR A 1 3  ? 1.72600   9.02026   -14.74334 1.000 38.83580 ? 26  TYR A CE1 1 
ATOM   25  C CE2 . TYR A 1 3  ? -0.20508  7.64290   -14.40252 1.000 40.42836 ? 26  TYR A CE2 1 
ATOM   26  C CZ  . TYR A 1 3  ? 0.39023   8.74894   -14.97082 1.000 38.32648 ? 26  TYR A CZ  1 
ATOM   27  O OH  . TYR A 1 3  ? -0.35461  9.58152   -15.77298 1.000 44.05549 ? 26  TYR A OH  1 
ATOM   28  N N   . ILE A 1 4  ? 2.61092   4.27765   -9.81471  1.000 17.99422 ? 27  ILE A N   1 
ATOM   29  C CA  . ILE A 1 4  ? 3.36473   3.21863   -9.16326  1.000 17.00646 ? 27  ILE A CA  1 
ATOM   30  C C   . ILE A 1 4  ? 4.43530   2.67151   -10.10271 1.000 17.41861 ? 27  ILE A C   1 
ATOM   31  O O   . ILE A 1 4  ? 4.15834   2.30832   -11.25628 1.000 22.17802 ? 27  ILE A O   1 
ATOM   32  C CB  . ILE A 1 4  ? 2.43602   2.09682   -8.67431  1.000 20.07001 ? 27  ILE A CB  1 
ATOM   33  C CG1 . ILE A 1 4  ? 1.42978   2.65211   -7.66529  1.000 20.85922 ? 27  ILE A CG1 1 
ATOM   34  C CG2 . ILE A 1 4  ? 3.25248   0.96073   -8.10865  1.000 20.74911 ? 27  ILE A CG2 1 
ATOM   35  C CD1 . ILE A 1 4  ? 0.62007   1.59406   -6.95685  1.000 23.72085 ? 27  ILE A CD1 1 
ATOM   36  N N   . VAL A 1 5  ? 5.66510   2.61966   -9.60425  1.000 16.27864 ? 28  VAL A N   1 
ATOM   37  C CA  . VAL A 1 5  ? 6.75544   1.90225   -10.26829 1.000 15.65254 ? 28  VAL A CA  1 
ATOM   38  C C   . VAL A 1 5  ? 6.73417   0.42273   -9.89610  1.000 21.44433 ? 28  VAL A C   1 
ATOM   39  O O   . VAL A 1 5  ? 6.84390   -0.44915  -10.75829 1.000 17.22443 ? 28  VAL A O   1 
ATOM   40  C CB  . VAL A 1 5  ? 8.09614   2.56840   -9.88035  1.000 18.74501 ? 28  VAL A CB  1 
ATOM   41  C CG1 . VAL A 1 5  ? 9.27554   1.65760   -10.20186 1.000 24.57525 ? 28  VAL A CG1 1 
ATOM   42  C CG2 . VAL A 1 5  ? 8.24369   3.91115   -10.57171 1.000 23.59569 ? 28  VAL A CG2 1 
ATOM   43  N N   . LYS A 1 6  ? 6.59008   0.12301   -8.61001  1.000 17.42739 ? 29  LYS A N   1 
ATOM   44  C CA  . LYS A 1 6  ? 6.54625   -1.24420  -8.12034  1.000 16.09771 ? 29  LYS A CA  1 
ATOM   45  C C   . LYS A 1 6  ? 5.91706   -1.23903  -6.73576  1.000 19.83191 ? 29  LYS A C   1 
ATOM   46  O O   . LYS A 1 6  ? 5.85628   -0.20575  -6.06252  1.000 18.13680 ? 29  LYS A O   1 
ATOM   47  C CB  . LYS A 1 6  ? 7.94842   -1.86590  -8.13296  1.000 19.06134 ? 29  LYS A CB  1 
ATOM   48  C CG  . LYS A 1 6  ? 8.70297   -1.78424  -6.83023  1.000 28.20353 ? 29  LYS A CG  1 
ATOM   49  C CD  . LYS A 1 6  ? 10.04459  -2.51379  -6.92549  1.000 29.17107 ? 29  LYS A CD  1 
ATOM   50  C CE  . LYS A 1 6  ? 9.88550   -3.98292  -6.60740  1.000 29.10020 ? 29  LYS A CE  1 
ATOM   51  N NZ  . LYS A 1 6  ? 11.21706  -4.65050  -6.52943  1.000 31.95448 ? 29  LYS A NZ  1 
ATOM   52  N N   . SER A 1 7  ? 5.41278   -2.39996  -6.33697  1.000 17.84693 ? 30  SER A N   1 
ATOM   53  C CA  . SER A 1 7  ? 4.85825   -2.56069  -5.00532  1.000 20.64955 ? 30  SER A CA  1 
ATOM   54  C C   . SER A 1 7  ? 5.18237   -3.95414  -4.48577  1.000 20.92764 ? 30  SER A C   1 
ATOM   55  O O   . SER A 1 7  ? 5.49374   -4.87204  -5.25299  1.000 21.22680 ? 30  SER A O   1 
ATOM   56  C CB  . SER A 1 7  ? 3.34631   -2.29311  -4.99752  1.000 17.40348 ? 30  SER A CB  1 
ATOM   57  O OG  . SER A 1 7  ? 2.63109   -3.35272  -5.61047  1.000 17.83014 ? 30  SER A OG  1 
ATOM   58  N N   . SER A 1 8  ? 5.16973   -4.07550  -3.16137  1.000 16.70799 ? 31  SER A N   1 
ATOM   59  C CA  . SER A 1 8  ? 5.30999   -5.35037  -2.46043  1.000 15.76329 ? 31  SER A CA  1 
ATOM   60  C C   . SER A 1 8  ? 4.21538   -5.39688  -1.40743  1.000 16.10644 ? 31  SER A C   1 
ATOM   61  O O   . SER A 1 8  ? 4.23944   -4.57546  -0.46905  1.000 18.19730 ? 31  SER A O   1 
ATOM   62  C CB  . SER A 1 8  ? 6.68020   -5.49012  -1.80366  1.000 18.83794 ? 31  SER A CB  1 
ATOM   63  O OG  . SER A 1 8  ? 6.78106   -6.72228  -1.10796  1.000 21.98945 ? 31  SER A OG  1 
ATOM   64  N N   . PRO A 1 9  ? 3.23275   -6.28775  -1.52402  1.000 17.16927 ? 32  PRO A N   1 
ATOM   65  C CA  . PRO A 1 9  ? 2.97457   -7.24993  -2.60992  1.000 16.23783 ? 32  PRO A CA  1 
ATOM   66  C C   . PRO A 1 9  ? 2.76468   -6.60014  -3.97367  1.000 18.61309 ? 32  PRO A C   1 
ATOM   67  O O   . PRO A 1 9  ? 2.25760   -5.47799  -4.05897  1.000 18.54921 ? 32  PRO A O   1 
ATOM   68  C CB  . PRO A 1 9  ? 1.68827   -7.96109  -2.13844  1.000 17.93864 ? 32  PRO A CB  1 
ATOM   69  C CG  . PRO A 1 9  ? 1.68440   -7.78985  -0.63753  1.000 16.08855 ? 32  PRO A CG  1 
ATOM   70  C CD  . PRO A 1 9  ? 2.20808   -6.38944  -0.46328  1.000 17.76717 ? 32  PRO A CD  1 
ATOM   71  N N   . GLY A 1 10 ? 3.12732   -7.30425  -5.05828  1.000 18.69738 ? 33  GLY A N   1 
ATOM   72  C CA  . GLY A 1 10 ? 2.78340   -6.84577  -6.38456  1.000 20.65021 ? 33  GLY A CA  1 
ATOM   73  C C   . GLY A 1 10 ? 1.31382   -7.08330  -6.69266  1.000 20.46782 ? 33  GLY A C   1 
ATOM   74  O O   . GLY A 1 10 ? 0.63955   -7.88023  -6.04068  1.000 20.00879 ? 33  GLY A O   1 
ATOM   75  N N   . GLU A 1 11 ? 0.82106   -6.36287  -7.69768  1.000 17.44468 ? 34  GLU A N   1 
ATOM   76  C CA  . GLU A 1 11 ? -0.56782  -6.48979  -8.13181  1.000 17.20679 ? 34  GLU A CA  1 
ATOM   77  C C   . GLU A 1 11 ? -0.91823  -7.92502  -8.51107  1.000 22.79036 ? 34  GLU A C   1 
ATOM   78  O O   . GLU A 1 11 ? -0.25130  -8.53704  -9.35537  1.000 17.31912 ? 34  GLU A O   1 
ATOM   79  C CB  . GLU A 1 11 ? -0.81421  -5.57571  -9.33093  1.000 22.94236 ? 34  GLU A CB  1 
ATOM   80  C CG  . GLU A 1 11 ? -2.19401  -5.74707  -9.90401  1.000 25.77020 ? 34  GLU A CG  1 
ATOM   81  C CD  . GLU A 1 11 ? -2.82257  -4.46207  -10.38484 1.000 42.31002 ? 34  GLU A CD  1 
ATOM   82  O OE1 . GLU A 1 11 ? -4.06598  -4.44674  -10.51533 1.000 48.29602 ? 34  GLU A OE1 1 
ATOM   83  O OE2 . GLU A 1 11 ? -2.08610  -3.47963  -10.64248 1.000 42.49172 ? 34  GLU A OE2 1 
ATOM   84  N N   . ASN A 1 12 ? -1.99794  -8.44351  -7.91560  1.000 21.25513 ? 35  ASN A N   1 
ATOM   85  C CA  . ASN A 1 12 ? -2.48521  -9.80834  -8.13510  1.000 22.54200 ? 35  ASN A CA  1 
ATOM   86  C C   . ASN A 1 12 ? -1.46242  -10.87629 -7.79455  1.000 21.82102 ? 35  ASN A C   1 
ATOM   87  O O   . ASN A 1 12 ? -1.59893  -12.01650 -8.23478  1.000 24.07416 ? 35  ASN A O   1 
ATOM   88  C CB  . ASN A 1 12 ? -2.99972  -10.02020 -9.56715  1.000 23.72390 ? 35  ASN A CB  1 
ATOM   89  C CG  . ASN A 1 12 ? -4.20830  -9.18300  -9.87282  1.000 30.94116 ? 35  ASN A CG  1 
ATOM   90  O OD1 . ASN A 1 12 ? -5.13415  -9.10979  -9.05793  1.000 34.13459 ? 35  ASN A OD1 1 
ATOM   91  N ND2 . ASN A 1 12 ? -4.22743  -8.55812  -11.04196 1.000 33.71469 ? 35  ASN A ND2 1 
ATOM   92  N N   . SER A 1 13 ? -0.46333  -10.55516 -6.97951  1.000 17.21451 ? 36  SER A N   1 
ATOM   93  C CA  . SER A 1 13 ? 0.52007   -11.56364 -6.61583  1.000 16.36835 ? 36  SER A CA  1 
ATOM   94  C C   . SER A 1 13 ? -0.06135  -12.59738 -5.65991  1.000 24.77963 ? 36  SER A C   1 
ATOM   95  O O   . SER A 1 13 ? -1.02603  -12.34802 -4.93120  1.000 20.37250 ? 36  SER A O   1 
ATOM   96  C CB  . SER A 1 13 ? 1.75278   -10.92421 -5.98738  1.000 18.06928 ? 36  SER A CB  1 
ATOM   97  O OG  . SER A 1 13 ? 1.42093   -10.26680 -4.78391  1.000 25.94149 ? 36  SER A OG  1 
ATOM   98  N N   . GLU A 1 14 ? 0.54355   -13.77368 -5.68366  1.000 20.07835 ? 37  GLU A N   1 
ATOM   99  C CA  . GLU A 1 14 ? 0.22392   -14.86595 -4.77909  1.000 18.15190 ? 37  GLU A CA  1 
ATOM   100 C C   . GLU A 1 14 ? 1.40938   -15.04004 -3.83964  1.000 21.30032 ? 37  GLU A C   1 
ATOM   101 O O   . GLU A 1 14 ? 2.46431   -15.53677 -4.24877  1.000 22.80915 ? 37  GLU A O   1 
ATOM   102 C CB  . GLU A 1 14 ? -0.06441  -16.14415 -5.56559  1.000 25.13119 ? 37  GLU A CB  1 
ATOM   103 C CG  . GLU A 1 14 ? -1.47100  -16.16476 -6.14329  1.000 29.87603 ? 37  GLU A CG  1 
ATOM   104 C CD  . GLU A 1 14 ? -1.57992  -16.92681 -7.45525  1.000 48.74097 ? 37  GLU A CD  1 
ATOM   105 O OE1 . GLU A 1 14 ? -0.82073  -17.90779 -7.65171  1.000 41.73246 ? 37  GLU A OE1 1 
ATOM   106 O OE2 . GLU A 1 14 ? -2.44137  -16.54578 -8.28220  1.000 48.22962 ? 37  GLU A OE2 1 
ATOM   107 N N   . LEU A 1 15 ? 1.23708   -14.64535 -2.58163  1.000 18.84039 ? 38  LEU A N   1 
ATOM   108 C CA  . LEU A 1 15 ? 2.34355   -14.67022 -1.63415  1.000 19.13384 ? 38  LEU A CA  1 
ATOM   109 C C   . LEU A 1 15 ? 2.59195   -16.07167 -1.08021  1.000 20.02134 ? 38  LEU A C   1 
ATOM   110 O O   . LEU A 1 15 ? 1.69501   -16.91091 -1.00393  1.000 21.61609 ? 38  LEU A O   1 
ATOM   111 C CB  . LEU A 1 15 ? 2.08547   -13.71119 -0.48324  1.000 17.74674 ? 38  LEU A CB  1 
ATOM   112 C CG  . LEU A 1 15 ? 1.76638   -12.28262 -0.93024  1.000 18.07845 ? 38  LEU A CG  1 
ATOM   113 C CD1 . LEU A 1 15 ? 1.53323   -11.35404 0.28950   1.000 20.95678 ? 38  LEU A CD1 1 
ATOM   114 C CD2 . LEU A 1 15 ? 2.90919   -11.79605 -1.81576  1.000 16.91599 ? 38  LEU A CD2 1 
ATOM   115 N N   . LYS A 1 16 ? 3.83818   -16.29829 -0.66857  1.000 18.74756 ? 39  LYS A N   1 
ATOM   116 C CA  . LYS A 1 16 ? 4.30011   -17.58003 -0.14641  1.000 20.99500 ? 39  LYS A CA  1 
ATOM   117 C C   . LYS A 1 16 ? 4.38135   -17.58807 1.36577   1.000 24.15129 ? 39  LYS A C   1 
ATOM   118 O O   . LYS A 1 16 ? 4.64153   -18.63907 1.95390   1.000 27.06295 ? 39  LYS A O   1 
ATOM   119 C CB  . LYS A 1 16 ? 5.69115   -17.91634 -0.69122  1.000 20.60413 ? 39  LYS A CB  1 
ATOM   120 C CG  . LYS A 1 16 ? 5.89010   -17.64663 -2.16837  1.000 23.41329 ? 39  LYS A CG  1 
ATOM   121 C CD  . LYS A 1 16 ? 4.89821   -18.40283 -3.03951  1.000 29.88049 ? 39  LYS A CD  1 
ATOM   122 C CE  . LYS A 1 16 ? 5.19598   -19.88722 -3.05655  1.000 34.05720 ? 39  LYS A CE  1 
ATOM   123 N NZ  . LYS A 1 16 ? 4.13404   -20.65344 -3.77336  1.000 40.21083 ? 39  LYS A NZ  1 
ATOM   124 N N   . SER A 1 17 ? 4.19867   -16.43812 1.99601   1.000 22.92879 ? 40  SER A N   1 
ATOM   125 C CA  . SER A 1 17 ? 4.24198   -16.31044 3.44250   1.000 20.09943 ? 40  SER A CA  1 
ATOM   126 C C   . SER A 1 17 ? 3.56063   -15.00174 3.79844   1.000 20.19638 ? 40  SER A C   1 
ATOM   127 O O   . SER A 1 17 ? 3.34927   -14.14558 2.94135   1.000 22.89827 ? 40  SER A O   1 
ATOM   128 C CB  . SER A 1 17 ? 5.67730   -16.36156 3.97336   1.000 21.76917 ? 40  SER A CB  1 
ATOM   129 O OG  . SER A 1 17 ? 6.42546   -15.20993 3.60589   1.000 24.35754 ? 40  SER A OG  1 
ATOM   130 N N   . ALA A 1 18 ? 3.19645   -14.86348 5.06158   1.000 22.00037 ? 41  ALA A N   1 
ATOM   131 C CA  . ALA A 1 18 ? 2.44990   -13.67851 5.46255   1.000 22.87197 ? 41  ALA A CA  1 
ATOM   132 C C   . ALA A 1 18 ? 3.35693   -12.45431 5.39213   1.000 19.90926 ? 41  ALA A C   1 
ATOM   133 O O   . ALA A 1 18 ? 4.47271   -12.48790 5.92004   1.000 22.40628 ? 41  ALA A O   1 
ATOM   134 C CB  . ALA A 1 18 ? 1.88504   -13.83494 6.87293   1.000 23.77973 ? 41  ALA A CB  1 
ATOM   135 N N   . PRO A 1 19 ? 2.90830   -11.35713 4.77914   1.000 19.27505 ? 42  PRO A N   1 
ATOM   136 C CA  . PRO A 1 19 ? 3.76548   -10.17462 4.64145   1.000 20.21685 ? 42  PRO A CA  1 
ATOM   137 C C   . PRO A 1 19 ? 3.73275   -9.32036  5.89845   1.000 22.21257 ? 42  PRO A C   1 
ATOM   138 O O   . PRO A 1 19 ? 2.72145   -9.23941  6.59754   1.000 26.39170 ? 42  PRO A O   1 
ATOM   139 C CB  . PRO A 1 19 ? 3.12657   -9.40529  3.48042   1.000 21.99893 ? 42  PRO A CB  1 
ATOM   140 C CG  . PRO A 1 19 ? 1.68954   -9.85070  3.47826   1.000 20.03325 ? 42  PRO A CG  1 
ATOM   141 C CD  . PRO A 1 19 ? 1.63094   -11.22037 4.05451   1.000 20.35168 ? 42  PRO A CD  1 
ATOM   142 N N   . ALA A 1 20 ? 4.84938   -8.64945  6.16037   1.000 19.28113 ? 43  ALA A N   1 
ATOM   143 C CA  . ALA A 1 20 ? 4.92104   -7.71579  7.27718   1.000 21.12981 ? 43  ALA A CA  1 
ATOM   144 C C   . ALA A 1 20 ? 4.39661   -6.33158  6.92539   1.000 19.75760 ? 43  ALA A C   1 
ATOM   145 O O   . ALA A 1 20 ? 3.97305   -5.59145  7.82467   1.000 18.58557 ? 43  ALA A O   1 
ATOM   146 C CB  . ALA A 1 20 ? 6.36439   -7.58931  7.78019   1.000 19.96599 ? 43  ALA A CB  1 
ATOM   147 N N   . GLN A 1 21 ? 4.40261   -5.96698  5.64847   1.000 22.05119 ? 44  GLN A N   1 
ATOM   148 C CA  . GLN A 1 21 ? 4.00986   -4.61900  5.26219   1.000 18.62516 ? 44  GLN A CA  1 
ATOM   149 C C   . GLN A 1 21 ? 3.55263   -4.62228  3.81560   1.000 18.69276 ? 44  GLN A C   1 
ATOM   150 O O   . GLN A 1 21 ? 3.80172   -5.56652  3.06104   1.000 18.30499 ? 44  GLN A O   1 
ATOM   151 C CB  . GLN A 1 21 ? 5.16299   -3.62790  5.45450   1.000 22.16298 ? 44  GLN A CB  1 
ATOM   152 C CG  . GLN A 1 21 ? 6.41131   -3.96863  4.66644   1.000 27.22805 ? 44  GLN A CG  1 
ATOM   153 C CD  . GLN A 1 21 ? 7.39504   -2.81356  4.63259   1.000 35.21052 ? 44  GLN A CD  1 
ATOM   154 O OE1 . GLN A 1 21 ? 7.34064   -1.91754  5.47642   1.000 35.71677 ? 44  GLN A OE1 1 
ATOM   155 N NE2 . GLN A 1 21 ? 8.31122   -2.83785  3.67020   1.000 34.69969 ? 44  GLN A NE2 1 
ATOM   156 N N   . VAL A 1 22 ? 2.87075   -3.54223  3.44619   1.000 19.19810 ? 45  VAL A N   1 
ATOM   157 C CA  . VAL A 1 22 ? 2.66014   -3.17050  2.05450   1.000 16.73757 ? 45  VAL A CA  1 
ATOM   158 C C   . VAL A 1 22 ? 3.57244   -1.98824  1.78011   1.000 19.74953 ? 45  VAL A C   1 
ATOM   159 O O   . VAL A 1 22 ? 3.57261   -1.00896  2.54036   1.000 19.38639 ? 45  VAL A O   1 
ATOM   160 C CB  . VAL A 1 22 ? 1.20086   -2.79161  1.76298   1.000 16.89328 ? 45  VAL A CB  1 
ATOM   161 C CG1 . VAL A 1 22 ? 1.08387   -2.30901  0.31482   1.000 16.21985 ? 45  VAL A CG1 1 
ATOM   162 C CG2 . VAL A 1 22 ? 0.27030   -3.95807  2.06061   1.000 20.66412 ? 45  VAL A CG2 1 
ATOM   163 N N   . GLU A 1 23 ? 4.36878   -2.08637  0.72524   1.000 16.91993 ? 46  GLU A N   1 
ATOM   164 C CA  . GLU A 1 23 ? 5.25191   -0.99776  0.34121   1.000 15.94618 ? 46  GLU A CA  1 
ATOM   165 C C   . GLU A 1 23 ? 4.97342   -0.62678  -1.10832  1.000 17.34950 ? 46  GLU A C   1 
ATOM   166 O O   . GLU A 1 23 ? 4.81878   -1.50033  -1.96589  1.000 19.34529 ? 46  GLU A O   1 
ATOM   167 C CB  . GLU A 1 23 ? 6.73125   -1.37292  0.49808   1.000 18.70148 ? 46  GLU A CB  1 
ATOM   168 C CG  . GLU A 1 23 ? 7.65307   -0.33936  -0.13674  1.000 22.06046 ? 46  GLU A CG  1 
ATOM   169 C CD  . GLU A 1 23 ? 8.59981   -0.93015  -1.16672  1.000 46.28577 ? 46  GLU A CD  1 
ATOM   170 O OE1 . GLU A 1 23 ? 8.45041   -2.12707  -1.50581  1.000 52.02621 ? 46  GLU A OE1 1 
ATOM   171 O OE2 . GLU A 1 23 ? 9.49168   -0.19415  -1.64742  1.000 46.89559 ? 46  GLU A OE2 1 
ATOM   172 N N   . ILE A 1 24 ? 4.90634   0.67376   -1.37877  1.000 15.18113 ? 47  ILE A N   1 
ATOM   173 C CA  . ILE A 1 24 ? 4.65188   1.19293   -2.71329  1.000 13.72087 ? 47  ILE A CA  1 
ATOM   174 C C   . ILE A 1 24 ? 5.72505   2.20906   -3.04826  1.000 16.24287 ? 47  ILE A C   1 
ATOM   175 O O   . ILE A 1 24 ? 6.03338   3.08186   -2.23253  1.000 18.43904 ? 47  ILE A O   1 
ATOM   176 C CB  . ILE A 1 24 ? 3.26433   1.86286   -2.82771  1.000 18.36518 ? 47  ILE A CB  1 
ATOM   177 C CG1 . ILE A 1 24 ? 2.15293   0.92422   -2.33957  1.000 18.46076 ? 47  ILE A CG1 1 
ATOM   178 C CG2 . ILE A 1 24 ? 3.03424   2.35603   -4.25116  1.000 18.58197 ? 47  ILE A CG2 1 
ATOM   179 C CD1 . ILE A 1 24 ? 0.75413   1.53986   -2.47112  1.000 20.79070 ? 47  ILE A CD1 1 
ATOM   180 N N   . GLU A 1 25 ? 6.26986   2.10305   -4.26267  1.000 16.64535 ? 48  GLU A N   1 
ATOM   181 C CA  . GLU A 1 25 ? 7.25736   3.03774   -4.80145  1.000 17.93896 ? 48  GLU A CA  1 
ATOM   182 C C   . GLU A 1 25 ? 6.65707   3.76199   -6.00348  1.000 21.12140 ? 48  GLU A C   1 
ATOM   183 O O   . GLU A 1 25 ? 6.20192   3.11426   -6.95144  1.000 18.04119 ? 48  GLU A O   1 
ATOM   184 C CB  . GLU A 1 25 ? 8.52324   2.28231   -5.21169  1.000 18.94660 ? 48  GLU A CB  1 
ATOM   185 C CG  . GLU A 1 25 ? 9.62208   3.16988   -5.77070  1.000 26.20446 ? 48  GLU A CG  1 
ATOM   186 C CD  . GLU A 1 25 ? 10.79018  2.35705   -6.29779  1.000 36.93457 ? 48  GLU A CD  1 
ATOM   187 O OE1 . GLU A 1 25 ? 11.08600  1.29777   -5.70472  1.000 34.55614 ? 48  GLU A OE1 1 
ATOM   188 O OE2 . GLU A 1 25 ? 11.40147  2.78041   -7.30596  1.000 41.88440 ? 48  GLU A OE2 1 
ATOM   189 N N   . PHE A 1 26 ? 6.64777   5.09817   -5.95841  1.000 16.71329 ? 49  PHE A N   1 
ATOM   190 C CA  . PHE A 1 26 ? 6.13732   5.93247   -7.04606  1.000 14.59371 ? 49  PHE A CA  1 
ATOM   191 C C   . PHE A 1 26 ? 7.27077   6.48477   -7.89392  1.000 15.98969 ? 49  PHE A C   1 
ATOM   192 O O   . PHE A 1 26 ? 8.41552   6.59425   -7.43853  1.000 19.65469 ? 49  PHE A O   1 
ATOM   193 C CB  . PHE A 1 26 ? 5.29742   7.09882   -6.51281  1.000 19.00734 ? 49  PHE A CB  1 
ATOM   194 C CG  . PHE A 1 26 ? 4.07298   6.68059   -5.72974  1.000 16.45394 ? 49  PHE A CG  1 
ATOM   195 C CD1 . PHE A 1 26 ? 2.89895   6.38108   -6.39413  1.000 19.53336 ? 49  PHE A CD1 1 
ATOM   196 C CD2 . PHE A 1 26 ? 4.10953   6.56568   -4.34908  1.000 19.24311 ? 49  PHE A CD2 1 
ATOM   197 C CE1 . PHE A 1 26 ? 1.75226   5.99834   -5.69646  1.000 18.05198 ? 49  PHE A CE1 1 
ATOM   198 C CE2 . PHE A 1 26 ? 2.97800   6.17897   -3.64262  1.000 18.67699 ? 49  PHE A CE2 1 
ATOM   199 C CZ  . PHE A 1 26 ? 1.80601   5.88641   -4.31856  1.000 21.09339 ? 49  PHE A CZ  1 
ATOM   200 N N   . ASN A 1 27 ? 6.93587   6.86101   -9.14299  1.000 16.69926 ? 50  ASN A N   1 
ATOM   201 C CA  . ASN A 1 27 ? 7.98082   7.38271   -10.03052 1.000 21.40064 ? 50  ASN A CA  1 
ATOM   202 C C   . ASN A 1 27 ? 8.41183   8.78188   -9.60423  1.000 22.98630 ? 50  ASN A C   1 
ATOM   203 O O   . ASN A 1 27 ? 9.55762   9.17882   -9.83250  1.000 27.67266 ? 50  ASN A O   1 
ATOM   204 C CB  . ASN A 1 27 ? 7.50650   7.40454   -11.49396 1.000 19.71340 ? 50  ASN A CB  1 
ATOM   205 C CG  . ASN A 1 27 ? 6.34794   8.35061   -11.72459 1.000 25.02954 ? 50  ASN A CG  1 
ATOM   206 O OD1 . ASN A 1 27 ? 5.51138   8.56125   -10.85443 1.000 24.02448 ? 50  ASN A OD1 1 
ATOM   207 N ND2 . ASN A 1 27 ? 6.31320   8.95372   -12.90747 1.000 33.43617 ? 50  ASN A ND2 1 
ATOM   208 N N   . GLU A 1 28 ? 7.51896   9.53914   -8.98864  1.000 22.05209 ? 51  GLU A N   1 
ATOM   209 C CA  . GLU A 1 28 ? 7.83808   10.84733  -8.45343  1.000 21.47075 ? 51  GLU A CA  1 
ATOM   210 C C   . GLU A 1 28 ? 7.45877   10.88752  -6.97837  1.000 25.79849 ? 51  GLU A C   1 
ATOM   211 O O   . GLU A 1 28 ? 6.75009   9.99909   -6.48473  1.000 23.25086 ? 51  GLU A O   1 
ATOM   212 C CB  . GLU A 1 28 ? 7.11947   11.93067  -9.27388  1.000 29.73262 ? 51  GLU A CB  1 
ATOM   213 C CG  . GLU A 1 28 ? 5.61621   11.86210  -9.29153  1.000 30.65614 ? 51  GLU A CG  1 
ATOM   214 C CD  . GLU A 1 28 ? 4.97154   13.06025  -10.01027 1.000 31.08691 ? 51  GLU A CD  1 
ATOM   215 O OE1 . GLU A 1 28 ? 5.03764   13.11413  -11.26254 1.000 35.53042 ? 51  GLU A OE1 1 
ATOM   216 O OE2 . GLU A 1 28 ? 4.39161   13.93302  -9.34139  1.000 31.90478 ? 51  GLU A OE2 1 
ATOM   217 N N   . PRO A 1 29 ? 7.96826   11.85895  -6.22653  1.000 19.56612 ? 52  PRO A N   1 
ATOM   218 C CA  . PRO A 1 29 ? 7.70474   11.87976  -4.78895  1.000 17.15647 ? 52  PRO A CA  1 
ATOM   219 C C   . PRO A 1 29 ? 6.23460   12.15871  -4.52943  1.000 20.51762 ? 52  PRO A C   1 
ATOM   220 O O   . PRO A 1 29 ? 5.52949   12.74231  -5.35338  1.000 21.50576 ? 52  PRO A O   1 
ATOM   221 C CB  . PRO A 1 29 ? 8.57834   13.03330  -4.27871  1.000 21.73929 ? 52  PRO A CB  1 
ATOM   222 C CG  . PRO A 1 29 ? 9.58002   13.28672  -5.38294  1.000 24.00676 ? 52  PRO A CG  1 
ATOM   223 C CD  . PRO A 1 29 ? 8.83958   12.96842  -6.64570  1.000 21.81035 ? 52  PRO A CD  1 
ATOM   224 N N   . VAL A 1 30 ? 5.77991   11.74959  -3.35002  1.000 21.93361 ? 53  VAL A N   1 
ATOM   225 C CA  . VAL A 1 30 ? 4.40586   12.00121  -2.94734  1.000 17.55415 ? 53  VAL A CA  1 
ATOM   226 C C   . VAL A 1 30 ? 4.46085   12.78562  -1.64808  1.000 21.08043 ? 53  VAL A C   1 
ATOM   227 O O   . VAL A 1 30 ? 5.44722   12.74174  -0.90654  1.000 23.63240 ? 53  VAL A O   1 
ATOM   228 C CB  . VAL A 1 30 ? 3.58279   10.70602  -2.78272  1.000 22.07610 ? 53  VAL A CB  1 
ATOM   229 C CG1 . VAL A 1 30 ? 3.36955   10.04827  -4.15649  1.000 21.27934 ? 53  VAL A CG1 1 
ATOM   230 C CG2 . VAL A 1 30 ? 4.21707   9.74960   -1.77634  1.000 22.03274 ? 53  VAL A CG2 1 
ATOM   231 N N   . GLU A 1 31 ? 3.38550   13.50898  -1.37627  1.000 24.13859 ? 54  GLU A N   1 
ATOM   232 C CA  . GLU A 1 31 ? 3.36919   14.49299  -0.30514  1.000 24.80103 ? 54  GLU A CA  1 
ATOM   233 C C   . GLU A 1 31 ? 2.77920   13.92368  0.98387   1.000 27.62931 ? 54  GLU A C   1 
ATOM   234 O O   . GLU A 1 31 ? 2.10083   12.89260  0.99035   1.000 25.32222 ? 54  GLU A O   1 
ATOM   235 C CB  . GLU A 1 31 ? 2.60198   15.74049  -0.75379  1.000 23.04688 ? 54  GLU A CB  1 
ATOM   236 C CG  . GLU A 1 31 ? 3.19741   16.43770  -1.97813  1.000 23.35462 ? 54  GLU A CG  1 
ATOM   237 C CD  . GLU A 1 31 ? 4.72739   16.30546  -2.06509  1.000 29.42589 ? 54  GLU A CD  1 
ATOM   238 O OE1 . GLU A 1 31 ? 5.41638   16.58400  -1.05219  1.000 27.74761 ? 54  GLU A OE1 1 
ATOM   239 O OE2 . GLU A 1 31 ? 5.24518   15.97250  -3.15774  1.000 25.07021 ? 54  GLU A OE2 1 
ATOM   240 N N   . GLU A 1 32 ? 3.05086   14.62893  2.08883   1.000 23.72422 ? 55  GLU A N   1 
ATOM   241 C CA  . GLU A 1 32 ? 2.69139   14.12712  3.41360   1.000 28.47561 ? 55  GLU A CA  1 
ATOM   242 C C   . GLU A 1 32 ? 1.17819   14.14490  3.62477   1.000 29.26000 ? 55  GLU A C   1 
ATOM   243 O O   . GLU A 1 32 ? 0.58673   13.16335  4.09198   1.000 26.00506 ? 55  GLU A O   1 
ATOM   244 C CB  . GLU A 1 32 ? 3.40886   14.95896  4.47929   1.000 29.63817 ? 55  GLU A CB  1 
ATOM   245 C CG  . GLU A 1 32 ? 3.16496   14.54302  5.92923   1.000 33.57170 ? 55  GLU A CG  1 
ATOM   246 C CD  . GLU A 1 32 ? 3.42967   13.06858  6.20877   1.000 39.18444 ? 55  GLU A CD  1 
ATOM   247 O OE1 . GLU A 1 32 ? 4.19183   12.43048  5.44930   1.000 33.84004 ? 55  GLU A OE1 1 
ATOM   248 O OE2 . GLU A 1 32 ? 2.87845   12.55004  7.20314   1.000 37.18036 ? 55  GLU A OE2 1 
ATOM   249 N N   . GLY A 1 33 ? 0.52909   15.24443  3.28393   1.000 27.02773 ? 56  GLY A N   1 
ATOM   250 C CA  . GLY A 1 33 ? -0.88338  15.35488  3.59612   1.000 24.67976 ? 56  GLY A CA  1 
ATOM   251 C C   . GLY A 1 33 ? -1.76499  14.33612  2.90069   1.000 22.99964 ? 56  GLY A C   1 
ATOM   252 O O   . GLY A 1 33 ? -1.65263  14.12545  1.69075   1.000 24.56704 ? 56  GLY A O   1 
ATOM   253 N N   . PHE A 1 34 ? -2.62445  13.67401  3.67620   1.000 22.38529 ? 57  PHE A N   1 
ATOM   254 C CA  . PHE A 1 34 ? -3.70477  12.80883  3.20006   1.000 23.02346 ? 57  PHE A CA  1 
ATOM   255 C C   . PHE A 1 34 ? -3.25170  11.47759  2.61926   1.000 22.29178 ? 57  PHE A C   1 
ATOM   256 O O   . PHE A 1 34 ? -4.09095  10.73798  2.09843   1.000 24.21135 ? 57  PHE A O   1 
ATOM   257 C CB  . PHE A 1 34 ? -4.59670  13.53221  2.18409   1.000 22.27929 ? 57  PHE A CB  1 
ATOM   258 C CG  . PHE A 1 34 ? -5.17509  14.81124  2.71521   1.000 26.02438 ? 57  PHE A CG  1 
ATOM   259 C CD1 . PHE A 1 34 ? -4.55044  16.02553  2.49110   1.000 27.55278 ? 57  PHE A CD1 1 
ATOM   260 C CD2 . PHE A 1 34 ? -6.33860  14.78839  3.47532   1.000 28.51856 ? 57  PHE A CD2 1 
ATOM   261 C CE1 . PHE A 1 34 ? -5.07909  17.19711  3.00242   1.000 31.18953 ? 57  PHE A CE1 1 
ATOM   262 C CE2 . PHE A 1 34 ? -6.87494  15.96163  3.99244   1.000 29.65828 ? 57  PHE A CE2 1 
ATOM   263 C CZ  . PHE A 1 34 ? -6.23867  17.16512  3.75588   1.000 31.37725 ? 57  PHE A CZ  1 
ATOM   264 N N   . HIS A 1 35 ? -1.97445  11.12624  2.72108   1.000 20.32337 ? 58  HIS A N   1 
ATOM   265 C CA  . HIS A 1 35 ? -1.51838  9.84521   2.18393   1.000 17.76400 ? 58  HIS A CA  1 
ATOM   266 C C   . HIS A 1 35 ? -1.99740  8.68099   3.04627   1.000 21.09511 ? 58  HIS A C   1 
ATOM   267 O O   . HIS A 1 35 ? -2.13687  8.80721   4.26143   1.000 20.73893 ? 58  HIS A O   1 
ATOM   268 C CB  . HIS A 1 35 ? 0.00413   9.83600   2.09988   1.000 20.05089 ? 58  HIS A CB  1 
ATOM   269 C CG  . HIS A 1 35 ? 0.66889   9.63862   3.42929   1.000 21.55162 ? 58  HIS A CG  1 
ATOM   270 N ND1 . HIS A 1 35 ? 0.81584   10.66306  4.34222   1.000 25.26414 ? 58  HIS A ND1 1 
ATOM   271 C CD2 . HIS A 1 35 ? 1.16581   8.52948   4.02777   1.000 23.51164 ? 58  HIS A CD2 1 
ATOM   272 C CE1 . HIS A 1 35 ? 1.41062   10.19959  5.42896   1.000 26.27227 ? 58  HIS A CE1 1 
ATOM   273 N NE2 . HIS A 1 35 ? 1.62570   8.90570   5.26691   1.000 27.80030 ? 58  HIS A NE2 1 
ATOM   274 N N   . TYR A 1 36 ? -2.25526  7.53596   2.40973   1.000 14.99759 ? 59  TYR A N   1 
ATOM   275 C CA  . TYR A 1 36 ? -2.55452  6.33357   3.18603   1.000 20.80401 ? 59  TYR A CA  1 
ATOM   276 C C   . TYR A 1 36 ? -2.49840  5.09240   2.31541   1.000 20.55172 ? 59  TYR A C   1 
ATOM   277 O O   . TYR A 1 36 ? -2.67584  5.14754   1.09002   1.000 19.49355 ? 59  TYR A O   1 
ATOM   278 C CB  . TYR A 1 36 ? -3.92628  6.40502   3.87430   1.000 19.25869 ? 59  TYR A CB  1 
ATOM   279 C CG  . TYR A 1 36 ? -5.10562  6.51800   2.94892   1.000 19.97836 ? 59  TYR A CG  1 
ATOM   280 C CD1 . TYR A 1 36 ? -5.56819  5.42934   2.21548   1.000 18.99216 ? 59  TYR A CD1 1 
ATOM   281 C CD2 . TYR A 1 36 ? -5.77513  7.72038   2.82324   1.000 18.55856 ? 59  TYR A CD2 1 
ATOM   282 C CE1 . TYR A 1 36 ? -6.66590  5.54324   1.36775   1.000 21.40546 ? 59  TYR A CE1 1 
ATOM   283 C CE2 . TYR A 1 36 ? -6.87401  7.84883   1.97940   1.000 20.50401 ? 59  TYR A CE2 1 
ATOM   284 C CZ  . TYR A 1 36 ? -7.31965  6.76201   1.26083   1.000 22.55935 ? 59  TYR A CZ  1 
ATOM   285 O OH  . TYR A 1 36 ? -8.40999  6.89686   0.43398   1.000 22.97100 ? 59  TYR A OH  1 
ATOM   286 N N   . ILE A 1 37 ? -2.24300  3.96615   2.98740   1.000 20.89686 ? 60  ILE A N   1 
ATOM   287 C CA  . ILE A 1 37 ? -2.54328  2.62588   2.49660   1.000 19.00521 ? 60  ILE A CA  1 
ATOM   288 C C   . ILE A 1 37 ? -3.45690  1.98030   3.52536   1.000 15.63196 ? 60  ILE A C   1 
ATOM   289 O O   . ILE A 1 37 ? -3.06715  1.82261   4.68346   1.000 18.73313 ? 60  ILE A O   1 
ATOM   290 C CB  . ILE A 1 37 ? -1.27782  1.77478   2.29526   1.000 20.73751 ? 60  ILE A CB  1 
ATOM   291 C CG1 . ILE A 1 37 ? -0.25646  2.48844   1.40322   1.000 18.28407 ? 60  ILE A CG1 1 
ATOM   292 C CG2 . ILE A 1 37 ? -1.63410  0.39539   1.72339   1.000 17.92813 ? 60  ILE A CG2 1 
ATOM   293 C CD1 . ILE A 1 37 ? 1.09094   1.81002   1.40931   1.000 17.74705 ? 60  ILE A CD1 1 
ATOM   294 N N   . LYS A 1 38 ? -4.67609  1.64477   3.12381   1.000 17.81860 ? 61  LYS A N   1 
ATOM   295 C CA  . LYS A 1 38 ? -5.60333  0.91095   3.98350   1.000 18.10803 ? 61  LYS A CA  1 
ATOM   296 C C   . LYS A 1 38 ? -5.78640  -0.48000  3.40040   1.000 18.90107 ? 61  LYS A C   1 
ATOM   297 O O   . LYS A 1 38 ? -6.11727  -0.60617  2.22334   1.000 21.32078 ? 61  LYS A O   1 
ATOM   298 C CB  . LYS A 1 38 ? -6.94839  1.63085   4.06628   1.000 18.05715 ? 61  LYS A CB  1 
ATOM   299 C CG  . LYS A 1 38 ? -6.82901  3.03992   4.63412   1.000 20.36523 ? 61  LYS A CG  1 
ATOM   300 C CD  . LYS A 1 38 ? -8.14500  3.78984   4.49327   1.000 22.84601 ? 61  LYS A CD  1 
ATOM   301 C CE  . LYS A 1 38 ? -8.04822  5.17240   5.11063   1.000 28.56708 ? 61  LYS A CE  1 
ATOM   302 N NZ  . LYS A 1 38 ? -9.31081  5.95405   4.90223   1.000 30.08534 ? 61  LYS A NZ  1 
ATOM   303 N N   . VAL A 1 39 ? -5.58149  -1.51810  4.21378   1.000 17.08228 ? 62  VAL A N   1 
ATOM   304 C CA  . VAL A 1 39 ? -5.57147  -2.88961  3.71063   1.000 16.20931 ? 62  VAL A CA  1 
ATOM   305 C C   . VAL A 1 39 ? -6.75962  -3.64399  4.28807   1.000 20.94153 ? 62  VAL A C   1 
ATOM   306 O O   . VAL A 1 39 ? -6.97009  -3.64061  5.50721   1.000 17.43066 ? 62  VAL A O   1 
ATOM   307 C CB  . VAL A 1 39 ? -4.24835  -3.59369  4.04341   1.000 16.78222 ? 62  VAL A CB  1 
ATOM   308 C CG1 . VAL A 1 39 ? -4.19335  -4.91626  3.28987   1.000 15.62739 ? 62  VAL A CG1 1 
ATOM   309 C CG2 . VAL A 1 39 ? -3.08401  -2.69980  3.64227   1.000 16.82802 ? 62  VAL A CG2 1 
ATOM   310 N N   . TYR A 1 40 ? -7.52084  -4.31122  3.41571   1.000 18.34713 ? 63  TYR A N   1 
ATOM   311 C CA  . TYR A 1 40 ? -8.74062  -5.01363  3.80605   1.000 17.48507 ? 63  TYR A CA  1 
ATOM   312 C C   . TYR A 1 40 ? -8.65674  -6.49148  3.45951   1.000 18.37585 ? 63  TYR A C   1 
ATOM   313 O O   . TYR A 1 40 ? -8.11515  -6.86043  2.41637   1.000 18.63465 ? 63  TYR A O   1 
ATOM   314 C CB  . TYR A 1 40 ? -9.98812  -4.42728  3.11818   1.000 18.15965 ? 63  TYR A CB  1 
ATOM   315 C CG  . TYR A 1 40 ? -10.19313 -2.93994  3.34704   1.000 19.89896 ? 63  TYR A CG  1 
ATOM   316 C CD1 . TYR A 1 40 ? -9.51872  -1.99303  2.58207   1.000 18.81881 ? 63  TYR A CD1 1 
ATOM   317 C CD2 . TYR A 1 40 ? -11.03626 -2.49129  4.35569   1.000 19.06651 ? 63  TYR A CD2 1 
ATOM   318 C CE1 . TYR A 1 40 ? -9.70016  -0.63292  2.79039   1.000 20.58184 ? 63  TYR A CE1 1 
ATOM   319 C CE2 . TYR A 1 40 ? -11.21602 -1.12636  4.58343   1.000 20.55391 ? 63  TYR A CE2 1 
ATOM   320 C CZ  . TYR A 1 40 ? -10.54141 -0.20578  3.79375   1.000 20.46187 ? 63  TYR A CZ  1 
ATOM   321 O OH  . TYR A 1 40 ? -10.70743 1.14931   3.99718   1.000 24.80652 ? 63  TYR A OH  1 
ATOM   322 N N   . ASN A 1 41 ? -9.21169  -7.33454  4.32495   1.000 19.97782 ? 64  ASN A N   1 
ATOM   323 C CA  . ASN A 1 41 ? -9.39963  -8.73037  3.96407   1.000 18.66588 ? 64  ASN A CA  1 
ATOM   324 C C   . ASN A 1 41 ? -10.70697 -8.85988  3.18212   1.000 18.94720 ? 64  ASN A C   1 
ATOM   325 O O   . ASN A 1 41 ? -11.36912 -7.86464  2.87042   1.000 19.92281 ? 64  ASN A O   1 
ATOM   326 C CB  . ASN A 1 41 ? -9.34292  -9.61442  5.21005   1.000 21.20884 ? 64  ASN A CB  1 
ATOM   327 C CG  . ASN A 1 41 ? -10.49916 -9.38701  6.15357   1.000 22.19318 ? 64  ASN A CG  1 
ATOM   328 O OD1 . ASN A 1 41 ? -11.46418 -8.70283  5.82890   1.000 23.23819 ? 64  ASN A OD1 1 
ATOM   329 N ND2 . ASN A 1 41 ? -10.39552 -9.95549  7.34905   1.000 24.27576 ? 64  ASN A ND2 1 
ATOM   330 N N   . SER A 1 42 ? -11.07019 -10.09304 2.80629   1.000 20.05075 ? 65  SER A N   1 
ATOM   331 C CA  . SER A 1 42 ? -12.21907 -10.23184 1.92208   1.000 20.00042 ? 65  SER A CA  1 
ATOM   332 C C   . SER A 1 42 ? -13.53826 -10.01838 2.65168   1.000 26.30277 ? 65  SER A C   1 
ATOM   333 O O   . SER A 1 42 ? -14.58453 -9.96693  1.99669   1.000 26.31234 ? 65  SER A O   1 
ATOM   334 C CB  . SER A 1 42 ? -12.22596 -11.60999 1.24331   1.000 21.90941 ? 65  SER A CB  1 
ATOM   335 O OG  . SER A 1 42 ? -12.31326 -12.65043 2.18986   1.000 23.51831 ? 65  SER A OG  1 
ATOM   336 N N   . ASN A 1 43 ? -13.51162 -9.90588  3.97939   1.000 24.59242 ? 66  ASN A N   1 
ATOM   337 C CA  . ASN A 1 43 ? -14.69759 -9.56574  4.74851   1.000 27.07616 ? 66  ASN A CA  1 
ATOM   338 C C   . ASN A 1 43 ? -14.84198 -8.05776  4.92250   1.000 27.00252 ? 66  ASN A C   1 
ATOM   339 O O   . ASN A 1 43 ? -15.78329 -7.60554  5.58015   1.000 29.16738 ? 66  ASN A O   1 
ATOM   340 C CB  . ASN A 1 43 ? -14.64676 -10.24230 6.12136   1.000 27.75036 ? 66  ASN A CB  1 
ATOM   341 C CG  . ASN A 1 43 ? -15.96005 -10.14452 6.86113   1.000 37.28497 ? 66  ASN A CG  1 
ATOM   342 O OD1 . ASN A 1 43 ? -17.02061 -10.23930 6.24797   1.000 30.01610 ? 66  ASN A OD1 1 
ATOM   343 N ND2 . ASN A 1 43 ? -15.90163 -9.94089  8.17366   1.000 35.64984 ? 66  ASN A ND2 1 
ATOM   344 N N   . GLY A 1 44 ? -13.93408 -7.27111  4.34960   1.000 23.71554 ? 67  GLY A N   1 
ATOM   345 C CA  . GLY A 1 44 ? -13.97039 -5.83768  4.51934   1.000 22.85087 ? 67  GLY A CA  1 
ATOM   346 C C   . GLY A 1 44 ? -13.35583 -5.33086  5.80232   1.000 23.59605 ? 67  GLY A C   1 
ATOM   347 O O   . GLY A 1 44 ? -13.48659 -4.13767  6.09338   1.000 25.71885 ? 67  GLY A O   1 
ATOM   348 N N   . ASP A 1 45 ? -12.69323 -6.18817  6.56710   1.000 23.02913 ? 68  ASP A N   1 
ATOM   349 C CA  . ASP A 1 45 ? -12.05527 -5.80241  7.81936   1.000 23.90426 ? 68  ASP A CA  1 
ATOM   350 C C   . ASP A 1 45 ? -10.67744 -5.22570  7.52644   1.000 24.06450 ? 68  ASP A C   1 
ATOM   351 O O   . ASP A 1 45 ? -10.00320 -5.63730  6.58065   1.000 18.27232 ? 68  ASP A O   1 
ATOM   352 C CB  . ASP A 1 45 ? -11.89582 -7.01522  8.74001   1.000 23.84495 ? 68  ASP A CB  1 
ATOM   353 C CG  . ASP A 1 45 ? -13.22290 -7.57239  9.21510   1.000 36.03933 ? 68  ASP A CG  1 
ATOM   354 O OD1 . ASP A 1 45 ? -13.26114 -8.78158  9.53996   1.000 42.62178 ? 68  ASP A OD1 1 
ATOM   355 O OD2 . ASP A 1 45 ? -14.20924 -6.80351  9.26358   1.000 38.16936 ? 68  ASP A OD2 1 
ATOM   356 N N   . ARG A 1 46 ? -10.26237 -4.26988  8.34612   1.000 22.53831 ? 69  ARG A N   1 
ATOM   357 C CA  . ARG A 1 46 ? -8.95442  -3.65413  8.18475   1.000 19.95394 ? 69  ARG A CA  1 
ATOM   358 C C   . ARG A 1 46 ? -7.88017  -4.55383  8.78783   1.000 20.41305 ? 69  ARG A C   1 
ATOM   359 O O   . ARG A 1 46 ? -8.04980  -5.07063  9.90152   1.000 22.16456 ? 69  ARG A O   1 
ATOM   360 C CB  . ARG A 1 46 ? -8.93666  -2.29078  8.87140   1.000 19.41644 ? 69  ARG A CB  1 
ATOM   361 C CG  . ARG A 1 46 ? -9.68559  -1.21906  8.11036   1.000 19.16771 ? 69  ARG A CG  1 
ATOM   362 C CD  . ARG A 1 46 ? -8.86242  -0.67225  6.95477   1.000 22.35417 ? 69  ARG A CD  1 
ATOM   363 N NE  . ARG A 1 46 ? -7.73954  0.14077   7.39313   1.000 23.84023 ? 69  ARG A NE  1 
ATOM   364 C CZ  . ARG A 1 46 ? -7.82198  1.40420   7.77469   1.000 24.52525 ? 69  ARG A CZ  1 
ATOM   365 N NH1 . ARG A 1 46 ? -8.97428  2.04617   7.79010   1.000 24.38543 ? 69  ARG A NH1 1 
ATOM   366 N NH2 . ARG A 1 46 ? -6.71387  2.04053   8.13745   1.000 26.80664 ? 69  ARG A NH2 1 
ATOM   367 N N   . VAL A 1 47 ? -6.77582  -4.75096  8.06087   1.000 18.39102 ? 70  VAL A N   1 
ATOM   368 C CA  . VAL A 1 47 ? -5.68109  -5.58855  8.52942   1.000 18.29563 ? 70  VAL A CA  1 
ATOM   369 C C   . VAL A 1 47 ? -4.34686  -4.85499  8.58364   1.000 18.14182 ? 70  VAL A C   1 
ATOM   370 O O   . VAL A 1 47 ? -3.34332  -5.45856  8.98647   1.000 18.14273 ? 70  VAL A O   1 
ATOM   371 C CB  . VAL A 1 47 ? -5.55243  -6.88783  7.70102   1.000 17.14860 ? 70  VAL A CB  1 
ATOM   372 C CG1 . VAL A 1 47 ? -6.81384  -7.74281  7.86297   1.000 19.02078 ? 70  VAL A CG1 1 
ATOM   373 C CG2 . VAL A 1 47 ? -5.30644  -6.58214  6.21961   1.000 16.56508 ? 70  VAL A CG2 1 
ATOM   374 N N   . ASP A 1 48 ? -4.30029  -3.56642  8.21708   1.000 17.46599 ? 71  ASP A N   1 
ATOM   375 C CA  . ASP A 1 48 ? -3.12449  -2.78564  8.57110   1.000 15.69618 ? 71  ASP A CA  1 
ATOM   376 C C   . ASP A 1 48 ? -3.18168  -2.47108  10.06777  1.000 19.28787 ? 71  ASP A C   1 
ATOM   377 O O   . ASP A 1 48 ? -4.24234  -2.51711  10.70083  1.000 21.95588 ? 71  ASP A O   1 
ATOM   378 C CB  . ASP A 1 48 ? -3.02950  -1.48983  7.76100   1.000 15.69618 ? 71  ASP A CB  1 
ATOM   379 C CG  . ASP A 1 48 ? -4.31943  -0.70573  7.74530   1.000 18.67781 ? 71  ASP A CG  1 
ATOM   380 O OD1 . ASP A 1 48 ? -5.29384  -1.11813  7.08815   1.000 18.22905 ? 71  ASP A OD1 1 
ATOM   381 O OD2 . ASP A 1 48 ? -4.32153  0.39736   8.32934   1.000 22.98162 ? 71  ASP A OD2 1 
ATOM   382 N N   . THR A 1 49 ? -2.02310  -2.16200  10.64183  1.000 18.20215 ? 72  THR A N   1 
ATOM   383 C CA  . THR A 1 49 ? -1.91530  -2.08252  12.09366  1.000 16.53348 ? 72  THR A CA  1 
ATOM   384 C C   . THR A 1 49 ? -1.19671  -0.82459  12.58149  1.000 16.77865 ? 72  THR A C   1 
ATOM   385 O O   . THR A 1 49 ? -0.97757  -0.67684  13.78608  1.000 20.56486 ? 72  THR A O   1 
ATOM   386 C CB  . THR A 1 49 ? -1.21880  -3.33718  12.62638  1.000 21.70603 ? 72  THR A CB  1 
ATOM   387 O OG1 . THR A 1 49 ? -1.28415  -3.35367  14.05703  1.000 29.18507 ? 72  THR A OG1 1 
ATOM   388 C CG2 . THR A 1 49 ? 0.23022   -3.37251  12.17445  1.000 15.23068 ? 72  THR A CG2 1 
ATOM   389 N N   . ASP A 1 50 ? -0.85791  0.09244   11.68589  1.000 19.48359 ? 73  ASP A N   1 
ATOM   390 C CA  . ASP A 1 50 ? -0.08724  1.28865   12.00134  1.000 20.99285 ? 73  ASP A CA  1 
ATOM   391 C C   . ASP A 1 50 ? -0.46538  2.36875   11.00185  1.000 18.70727 ? 73  ASP A C   1 
ATOM   392 O O   . ASP A 1 50 ? -1.08335  2.08646   9.97894   1.000 23.61619 ? 73  ASP A O   1 
ATOM   393 C CB  . ASP A 1 50 ? 1.40636   0.98888   11.94082  1.000 19.61264 ? 73  ASP A CB  1 
ATOM   394 C CG  . ASP A 1 50 ? 2.26323   2.05926   12.59605  1.000 26.95649 ? 73  ASP A CG  1 
ATOM   395 O OD1 . ASP A 1 50 ? 1.73210   3.04321   13.15113  1.000 26.89603 ? 73  ASP A OD1 1 
ATOM   396 O OD2 . ASP A 1 50 ? 3.49878   1.91845   12.51046  1.000 31.63242 ? 73  ASP A OD2 1 
ATOM   397 N N   . LYS A 1 51 ? -0.11232  3.61455   11.31290  1.000 18.44276 ? 74  LYS A N   1 
ATOM   398 C CA  . LYS A 1 51 ? -0.35295  4.66301   10.33389  1.000 18.16969 ? 74  LYS A CA  1 
ATOM   399 C C   . LYS A 1 51 ? 0.60044   4.47124   9.16201   1.000 19.13221 ? 74  LYS A C   1 
ATOM   400 O O   . LYS A 1 51 ? 1.68204   3.89998   9.30103   1.000 24.55077 ? 74  LYS A O   1 
ATOM   401 C CB  . LYS A 1 51 ? -0.17124  6.05099   10.94839  1.000 24.83714 ? 74  LYS A CB  1 
ATOM   402 C CG  . LYS A 1 51 ? 1.21910   6.30712   11.46269  1.000 28.80005 ? 74  LYS A CG  1 
ATOM   403 C CD  . LYS A 1 51 ? 1.45605   7.79387   11.76266  1.000 32.44614 ? 74  LYS A CD  1 
ATOM   404 C CE  . LYS A 1 51 ? 2.53673   7.94939   12.82074  1.000 36.01857 ? 74  LYS A CE  1 
ATOM   405 N NZ  . LYS A 1 51 ? 2.75370   9.37321   13.19760  1.000 45.10453 ? 74  LYS A NZ  1 
ATOM   406 N N   . THR A 1 52 ? 0.17083   4.92935   7.99493   1.000 17.22524 ? 75  THR A N   1 
ATOM   407 C CA  . THR A 1 52 ? 1.01619   4.86956   6.80961   1.000 17.77690 ? 75  THR A CA  1 
ATOM   408 C C   . THR A 1 52 ? 2.15494   5.87294   6.91790   1.000 19.19264 ? 75  THR A C   1 
ATOM   409 O O   . THR A 1 52 ? 1.95959   7.00734   7.36443   1.000 20.47902 ? 75  THR A O   1 
ATOM   410 C CB  . THR A 1 52 ? 0.16924   5.14080   5.56539   1.000 21.07289 ? 75  THR A CB  1 
ATOM   411 O OG1 . THR A 1 52 ? -0.97293  4.27730   5.58432   1.000 20.70429 ? 75  THR A OG1 1 
ATOM   412 C CG2 . THR A 1 52 ? 0.95971   4.92154   4.28008   1.000 19.36147 ? 75  THR A CG2 1 
ATOM   413 N N   . GLU A 1 53 ? 3.35150   5.44881   6.50962   1.000 20.02960 ? 76  GLU A N   1 
ATOM   414 C CA  . GLU A 1 53 ? 4.57115   6.24272   6.64406   1.000 21.19670 ? 76  GLU A CA  1 
ATOM   415 C C   . GLU A 1 53 ? 5.18599   6.47302   5.27783   1.000 24.33107 ? 76  GLU A C   1 
ATOM   416 O O   . GLU A 1 53 ? 5.37365   5.51817   4.51729   1.000 24.31192 ? 76  GLU A O   1 
ATOM   417 C CB  . GLU A 1 53 ? 5.58893   5.52554   7.52571   1.000 25.08999 ? 76  GLU A CB  1 
ATOM   418 C CG  . GLU A 1 53 ? 5.02230   5.16191   8.87619   1.000 29.94964 ? 76  GLU A CG  1 
ATOM   419 C CD  . GLU A 1 53 ? 5.20905   6.28497   9.85793   1.000 41.67345 ? 76  GLU A CD  1 
ATOM   420 O OE1 . GLU A 1 53 ? 5.51551   7.41125   9.39232   1.000 39.64571 ? 76  GLU A OE1 1 
ATOM   421 O OE2 . GLU A 1 53 ? 5.03054   6.04830   11.07479  1.000 39.55164 ? 76  GLU A OE2 1 
ATOM   422 N N   . ILE A 1 54 ? 5.50115   7.72544   4.96484   1.000 18.95161 ? 77  ILE A N   1 
ATOM   423 C CA  . ILE A 1 54 ? 6.39738   7.98332   3.84304   1.000 18.11082 ? 77  ILE A CA  1 
ATOM   424 C C   . ILE A 1 54 ? 7.82010   7.86713   4.36511   1.000 21.64211 ? 77  ILE A C   1 
ATOM   425 O O   . ILE A 1 54 ? 8.15736   8.42386   5.41656   1.000 21.30083 ? 77  ILE A O   1 
ATOM   426 C CB  . ILE A 1 54 ? 6.11886   9.35642   3.20601   1.000 18.78287 ? 77  ILE A CB  1 
ATOM   427 C CG1 . ILE A 1 54 ? 4.75268   9.36933   2.50127   1.000 21.07265 ? 77  ILE A CG1 1 
ATOM   428 C CG2 . ILE A 1 54 ? 7.22119   9.72763   2.21093   1.000 18.94973 ? 77  ILE A CG2 1 
ATOM   429 C CD1 . ILE A 1 54 ? 4.10351   10.72739  2.45987   1.000 30.34828 ? 77  ILE A CD1 1 
ATOM   430 N N   . LYS A 1 55 ? 8.63004   7.06812   3.67923   1.000 19.39628 ? 78  LYS A N   1 
ATOM   431 C CA  . LYS A 1 55 ? 9.99265   6.81005   4.11371   1.000 18.04762 ? 78  LYS A CA  1 
ATOM   432 C C   . LYS A 1 55 ? 10.73228  8.10898   4.39819   1.000 24.15604 ? 78  LYS A C   1 
ATOM   433 O O   . LYS A 1 55 ? 10.76458  9.00976   3.56015   1.000 22.50529 ? 78  LYS A O   1 
ATOM   434 C CB  . LYS A 1 55 ? 10.73373  6.02031   3.03946   1.000 21.14295 ? 78  LYS A CB  1 
ATOM   435 C CG  . LYS A 1 55 ? 11.93047  5.22543   3.56231   1.000 29.24131 ? 78  LYS A CG  1 
ATOM   436 C CD  . LYS A 1 55 ? 12.42358  4.21515   2.53187   1.000 32.83942 ? 78  LYS A CD  1 
ATOM   437 C CE  . LYS A 1 55 ? 13.65705  3.47112   3.01086   1.000 37.49852 ? 78  LYS A CE  1 
ATOM   438 N NZ  . LYS A 1 55 ? 14.32704  2.79438   1.86589   1.000 43.49061 ? 78  LYS A NZ  1 
ATOM   439 N N   . LYS A 1 56 ? 11.35426  8.18747   5.57827   1.000 24.28704 ? 79  LYS A N   1 
ATOM   440 C CA  . LYS A 1 56 ? 11.94980  9.45104   6.01110   1.000 24.73412 ? 79  LYS A CA  1 
ATOM   441 C C   . LYS A 1 56 ? 13.02616  9.94579   5.04481   1.000 25.68556 ? 79  LYS A C   1 
ATOM   442 O O   . LYS A 1 56 ? 13.17033  11.15756  4.85158   1.000 26.79178 ? 79  LYS A O   1 
ATOM   443 C CB  . LYS A 1 56 ? 12.51248  9.30893   7.43161   1.000 29.59344 ? 79  LYS A CB  1 
ATOM   444 C CG  . LYS A 1 56 ? 13.07956  10.60585  7.99178   1.000 38.30952 ? 79  LYS A CG  1 
ATOM   445 C CD  . LYS A 1 56 ? 14.16059  10.36848  9.04599   1.000 48.18627 ? 79  LYS A CD  1 
ATOM   446 C CE  . LYS A 1 56 ? 15.45194  11.13632  8.71502   1.000 53.42186 ? 79  LYS A CE  1 
ATOM   447 N NZ  . LYS A 1 56 ? 15.23860  12.59881  8.46979   1.000 51.22589 ? 79  LYS A NZ  1 
ATOM   448 N N   . ASP A 1 57 ? 13.78919  9.04432   4.43026   1.000 22.01193 ? 80  ASP A N   1 
ATOM   449 C CA  . ASP A 1 57 ? 14.88019  9.45232   3.55354   1.000 24.22044 ? 80  ASP A CA  1 
ATOM   450 C C   . ASP A 1 57 ? 14.52607  9.33290   2.06907   1.000 21.23179 ? 80  ASP A C   1 
ATOM   451 O O   . ASP A 1 57 ? 15.38664  9.54650   1.20976   1.000 19.83970 ? 80  ASP A O   1 
ATOM   452 C CB  . ASP A 1 57 ? 16.14801  8.65105   3.88038   1.000 23.39718 ? 80  ASP A CB  1 
ATOM   453 C CG  . ASP A 1 57 ? 16.03021  7.18201   3.52948   1.000 32.70206 ? 80  ASP A CG  1 
ATOM   454 O OD1 . ASP A 1 57 ? 17.05208  6.46882   3.63270   1.000 41.09057 ? 80  ASP A OD1 1 
ATOM   455 O OD2 . ASP A 1 57 ? 14.93586  6.73474   3.12283   1.000 33.51526 ? 80  ASP A OD2 1 
ATOM   456 N N   . ASN A 1 58 ? 13.26411  9.04001   1.74822   1.000 20.56314 ? 81  ASN A N   1 
ATOM   457 C CA  . ASN A 1 58 ? 12.86213  8.78490   0.36511   1.000 18.57938 ? 81  ASN A CA  1 
ATOM   458 C C   . ASN A 1 58 ? 11.36173  9.01134   0.21800   1.000 20.50257 ? 81  ASN A C   1 
ATOM   459 O O   . ASN A 1 58 ? 10.57521  8.12697   0.54796   1.000 20.70629 ? 81  ASN A O   1 
ATOM   460 C CB  . ASN A 1 58 ? 13.24363  7.38252   -0.07494  1.000 18.91383 ? 81  ASN A CB  1 
ATOM   461 C CG  . ASN A 1 58 ? 13.12365  7.21402   -1.56522  1.000 23.84956 ? 81  ASN A CG  1 
ATOM   462 O OD1 . ASN A 1 58 ? 12.50514  8.04583   -2.22531  1.000 19.66807 ? 81  ASN A OD1 1 
ATOM   463 N ND2 . ASN A 1 58 ? 13.71926  6.15358   -2.11407  1.000 21.29927 ? 81  ASN A ND2 1 
ATOM   464 N N   . HIS A 1 59 ? 10.98786  10.17261  -0.31089  1.000 18.23008 ? 82  HIS A N   1 
ATOM   465 C CA  . HIS A 1 59 ? 9.57332   10.51393  -0.43888  1.000 17.06644 ? 82  HIS A CA  1 
ATOM   466 C C   . HIS A 1 59 ? 8.90350   9.82712   -1.62116  1.000 16.10821 ? 82  HIS A C   1 
ATOM   467 O O   . HIS A 1 59 ? 7.74758   10.11816  -1.91939  1.000 18.96845 ? 82  HIS A O   1 
ATOM   468 C CB  . HIS A 1 59 ? 9.42418   12.04060  -0.51785  1.000 20.71246 ? 82  HIS A CB  1 
ATOM   469 C CG  . HIS A 1 59 ? 9.70090   12.71560  0.78719   1.000 23.29701 ? 82  HIS A CG  1 
ATOM   470 N ND1 . HIS A 1 59 ? 9.36011   14.02647  1.04415   1.000 28.77526 ? 82  HIS A ND1 1 
ATOM   471 C CD2 . HIS A 1 59 ? 10.31053  12.25980  1.90642   1.000 21.42402 ? 82  HIS A CD2 1 
ATOM   472 C CE1 . HIS A 1 59 ? 9.73838   14.34488  2.26987   1.000 27.82035 ? 82  HIS A CE1 1 
ATOM   473 N NE2 . HIS A 1 59 ? 10.31842  13.29101  2.81508   1.000 24.64888 ? 82  HIS A NE2 1 
ATOM   474 N N   . HIS A 1 60 ? 9.60037   8.93250   -2.32237  1.000 17.59007 ? 83  HIS A N   1 
ATOM   475 C CA  . HIS A 1 60 ? 8.95713   8.11456   -3.33513  1.000 17.35674 ? 83  HIS A CA  1 
ATOM   476 C C   . HIS A 1 60 ? 8.30171   6.86696   -2.75127  1.000 18.42739 ? 83  HIS A C   1 
ATOM   477 O O   . HIS A 1 60 ? 7.61022   6.14448   -3.48214  1.000 17.89107 ? 83  HIS A O   1 
ATOM   478 C CB  . HIS A 1 60 ? 9.96264   7.65650   -4.40969  1.000 16.98696 ? 83  HIS A CB  1 
ATOM   479 C CG  . HIS A 1 60 ? 10.57525  8.77070   -5.20425  1.000 20.37793 ? 83  HIS A CG  1 
ATOM   480 N ND1 . HIS A 1 60 ? 10.35511  8.92210   -6.55747  1.000 25.67997 ? 83  HIS A ND1 1 
ATOM   481 C CD2 . HIS A 1 60 ? 11.46315  9.73180   -4.85732  1.000 23.43228 ? 83  HIS A CD2 1 
ATOM   482 C CE1 . HIS A 1 60 ? 11.04422  9.95950   -7.00077  1.000 26.38245 ? 83  HIS A CE1 1 
ATOM   483 N NE2 . HIS A 1 60 ? 11.73033  10.46371  -5.99073  1.000 25.48509 ? 83  HIS A NE2 1 
ATOM   484 N N   . ILE A 1 61 ? 8.52036   6.58098   -1.47246  1.000 18.19695 ? 84  ILE A N   1 
ATOM   485 C CA  . ILE A 1 61 ? 8.14761   5.29715   -0.89833  1.000 17.89358 ? 84  ILE A CA  1 
ATOM   486 C C   . ILE A 1 61 ? 7.17464   5.51568   0.25093   1.000 17.86120 ? 84  ILE A C   1 
ATOM   487 O O   . ILE A 1 61 ? 7.38618   6.37686   1.11396   1.000 18.93772 ? 84  ILE A O   1 
ATOM   488 C CB  . ILE A 1 61 ? 9.38133   4.49161   -0.45757  1.000 20.17057 ? 84  ILE A CB  1 
ATOM   489 C CG1 . ILE A 1 61 ? 10.22355  4.16562   -1.69696  1.000 22.60495 ? 84  ILE A CG1 1 
ATOM   490 C CG2 . ILE A 1 61 ? 8.96931   3.19182   0.22602   1.000 21.57260 ? 84  ILE A CG2 1 
ATOM   491 C CD1 . ILE A 1 61 ? 11.45074  3.38831   -1.39439  1.000 29.22245 ? 84  ILE A CD1 1 
ATOM   492 N N   . MET A 1 62 ? 6.11592   4.71469   0.25047   1.000 16.82736 ? 85  MET A N   1 
ATOM   493 C CA  . MET A 1 62 ? 5.05540   4.71280   1.24830   1.000 19.93753 ? 85  MET A CA  1 
ATOM   494 C C   . MET A 1 62 ? 4.88607   3.29091   1.76483   1.000 20.17447 ? 85  MET A C   1 
ATOM   495 O O   . MET A 1 62 ? 4.84353   2.34987   0.96937   1.000 19.31088 ? 85  MET A O   1 
ATOM   496 C CB  . MET A 1 62 ? 3.75651   5.23626   0.60421   1.000 23.23291 ? 85  MET A CB  1 
ATOM   497 C CG  . MET A 1 62 ? 2.68366   5.67207   1.53607   1.000 34.59127 ? 85  MET A CG  1 
ATOM   498 S SD  . MET A 1 62 ? 1.44341   6.64453   0.65894   1.000 22.20479 ? 85  MET A SD  1 
ATOM   499 C CE  . MET A 1 62 ? 0.66194   5.53907   -0.50080  1.000 19.84179 ? 85  MET A CE  1 
ATOM   500 N N   . THR A 1 63 ? 4.80698   3.12286   3.08611   1.000 19.91118 ? 86  THR A N   1 
ATOM   501 C CA  . THR A 1 63 ? 4.67675   1.78170   3.64908   1.000 17.26786 ? 86  THR A CA  1 
ATOM   502 C C   . THR A 1 63 ? 3.64213   1.78820   4.76620   1.000 19.25713 ? 86  THR A C   1 
ATOM   503 O O   . THR A 1 63 ? 3.39558   2.82076   5.39777   1.000 19.97152 ? 86  THR A O   1 
ATOM   504 C CB  . THR A 1 63 ? 6.01900   1.23545   4.19322   1.000 22.82967 ? 86  THR A CB  1 
ATOM   505 O OG1 . THR A 1 63 ? 6.47863   2.05143   5.27909   1.000 25.54708 ? 86  THR A OG1 1 
ATOM   506 C CG2 . THR A 1 63 ? 7.09579   1.20495   3.10382   1.000 19.85495 ? 86  THR A CG2 1 
ATOM   507 N N   . VAL A 1 64 ? 3.03829   0.62151   5.01197   1.000 17.57618 ? 87  VAL A N   1 
ATOM   508 C CA  . VAL A 1 64 ? 2.15526   0.44237   6.16290   1.000 17.57618 ? 87  VAL A CA  1 
ATOM   509 C C   . VAL A 1 64 ? 2.35591   -0.96363  6.71350   1.000 18.20097 ? 87  VAL A C   1 
ATOM   510 O O   . VAL A 1 64 ? 2.41818   -1.93727  5.95400   1.000 18.70205 ? 87  VAL A O   1 
ATOM   511 C CB  . VAL A 1 64 ? 0.67067   0.69093   5.81410   1.000 17.57618 ? 87  VAL A CB  1 
ATOM   512 C CG1 . VAL A 1 64 ? 0.11390   -0.42279  4.93890   1.000 17.57618 ? 87  VAL A CG1 1 
ATOM   513 C CG2 . VAL A 1 64 ? -0.13904  0.83334   7.07990   1.000 19.03955 ? 87  VAL A CG2 1 
ATOM   514 N N   . LYS A 1 65 ? 2.47826   -1.06918  8.03566   1.000 17.91588 ? 88  LYS A N   1 
ATOM   515 C CA  . LYS A 1 65 ? 2.65849   -2.37697  8.65258   1.000 18.69811 ? 88  LYS A CA  1 
ATOM   516 C C   . LYS A 1 65 ? 1.33801   -3.12757  8.71942   1.000 20.74465 ? 88  LYS A C   1 
ATOM   517 O O   . LYS A 1 65 ? 0.26497   -2.52903  8.81820   1.000 19.94133 ? 88  LYS A O   1 
ATOM   518 C CB  . LYS A 1 65 ? 3.24282   -2.24757  10.05756  1.000 19.74434 ? 88  LYS A CB  1 
ATOM   519 C CG  . LYS A 1 65 ? 4.55399   -1.51909  10.03561  1.000 22.76574 ? 88  LYS A CG  1 
ATOM   520 C CD  . LYS A 1 65 ? 5.01282   -1.08127  11.41164  1.000 36.03200 ? 88  LYS A CD  1 
ATOM   521 C CE  . LYS A 1 65 ? 6.49662   -1.37397  11.56953  1.000 42.72018 ? 88  LYS A CE  1 
ATOM   522 N NZ  . LYS A 1 65 ? 6.91968   -1.49520  12.98276  1.000 44.84602 ? 88  LYS A NZ  1 
ATOM   523 N N   . LEU A 1 66 ? 1.43713   -4.46055  8.70426   1.000 20.09055 ? 89  LEU A N   1 
ATOM   524 C CA  . LEU A 1 66 ? 0.28369   -5.34816  8.66160   1.000 22.44004 ? 89  LEU A CA  1 
ATOM   525 C C   . LEU A 1 66 ? 0.19768   -6.18215  9.93560   1.000 19.49793 ? 89  LEU A C   1 
ATOM   526 O O   . LEU A 1 66 ? 1.20595   -6.44947  10.59938  1.000 19.74032 ? 89  LEU A O   1 
ATOM   527 C CB  . LEU A 1 66 ? 0.37726   -6.29110  7.45771   1.000 18.50787 ? 89  LEU A CB  1 
ATOM   528 C CG  . LEU A 1 66 ? 0.21781   -5.64233  6.08957   1.000 16.88618 ? 89  LEU A CG  1 
ATOM   529 C CD1 . LEU A 1 66 ? 0.29460   -6.72087  4.98940   1.000 16.96452 ? 89  LEU A CD1 1 
ATOM   530 C CD2 . LEU A 1 66 ? -1.07582  -4.87898  5.99862   1.000 21.75495 ? 89  LEU A CD2 1 
ATOM   531 N N   . LYS A 1 67 ? -1.01863  -6.61235  10.25917  1.000 19.68492 ? 90  LYS A N   1 
ATOM   532 C CA  . LYS A 1 67 ? -1.18421  -7.54958  11.35987  1.000 18.35166 ? 90  LYS A CA  1 
ATOM   533 C C   . LYS A 1 67 ? -0.42748  -8.83505  11.06461  1.000 21.65557 ? 90  LYS A C   1 
ATOM   534 O O   . LYS A 1 67 ? -0.26310  -9.23543  9.90675   1.000 21.70290 ? 90  LYS A O   1 
ATOM   535 C CB  . LYS A 1 67 ? -2.67456  -7.83335  11.60370  1.000 20.67905 ? 90  LYS A CB  1 
ATOM   536 C CG  . LYS A 1 67 ? -3.42551  -6.55873  12.04545  1.000 23.85882 ? 90  LYS A CG  1 
ATOM   537 C CD  . LYS A 1 67 ? -4.87834  -6.79132  12.43115  1.000 37.70753 ? 90  LYS A CD  1 
ATOM   538 C CE  . LYS A 1 67 ? -5.56438  -5.45835  12.75422  1.000 31.11229 ? 90  LYS A CE  1 
ATOM   539 N NZ  . LYS A 1 67 ? -7.05262  -5.55593  12.74155  1.000 31.44798 ? 90  LYS A NZ  1 
ATOM   540 N N   . LYS A 1 68 ? 0.03861   -9.48068  12.13103  1.000 22.18427 ? 91  LYS A N   1 
ATOM   541 C CA  . LYS A 1 68 ? 0.89768   -10.65736 12.02891  1.000 21.43895 ? 91  LYS A CA  1 
ATOM   542 C C   . LYS A 1 68 ? 0.11320   -11.90208 11.61479  1.000 23.36550 ? 91  LYS A C   1 
ATOM   543 O O   . LYS A 1 68 ? -1.06533  -12.05283 11.94290  1.000 24.86597 ? 91  LYS A O   1 
ATOM   544 C CB  . LYS A 1 68 ? 1.57848   -10.90682 13.37438  1.000 28.69180 ? 91  LYS A CB  1 
ATOM   545 C CG  . LYS A 1 68 ? 2.64098   -9.87887  13.69098  1.000 33.28286 ? 91  LYS A CG  1 
ATOM   546 C CD  . LYS A 1 68 ? 3.86747   -10.50163 14.32509  1.000 44.87058 ? 91  LYS A CD  1 
ATOM   547 C CE  . LYS A 1 68 ? 5.09438   -9.62617  14.09843  1.000 48.18255 ? 91  LYS A CE  1 
ATOM   548 N NZ  . LYS A 1 68 ? 6.20882   -9.97786  15.03050  1.000 54.20863 ? 91  LYS A NZ  1 
ATOM   549 N N   . ASN A 1 69 ? 0.78700   -12.79381 10.87593  1.000 24.31213 ? 92  ASN A N   1 
ATOM   550 C CA  . ASN A 1 69 ? 0.25538   -14.12477 10.53580  1.000 27.20076 ? 92  ASN A CA  1 
ATOM   551 C C   . ASN A 1 69 ? -1.11133  -14.06047 9.84470   1.000 24.81601 ? 92  ASN A C   1 
ATOM   552 O O   . ASN A 1 69 ? -2.02722  -14.83087 10.15356  1.000 26.34127 ? 92  ASN A O   1 
ATOM   553 C CB  . ASN A 1 69 ? 0.17007   -15.02385 11.77635  1.000 31.00450 ? 92  ASN A CB  1 
ATOM   554 C CG  . ASN A 1 69 ? 1.41089   -14.96268 12.64382  1.000 38.08007 ? 92  ASN A CG  1 
ATOM   555 O OD1 . ASN A 1 69 ? 2.53774   -15.05133 12.14705  1.000 38.41734 ? 92  ASN A OD1 1 
ATOM   556 N ND2 . ASN A 1 69 ? 1.21059   -14.81326 13.95215  1.000 39.42397 ? 92  ASN A ND2 1 
ATOM   557 N N   . LEU A 1 70 ? -1.24184  -13.16668 8.87344   1.000 20.79601 ? 93  LEU A N   1 
ATOM   558 C CA  . LEU A 1 70 ? -2.48979  -13.08484 8.12443   1.000 20.94609 ? 93  LEU A CA  1 
ATOM   559 C C   . LEU A 1 70 ? -2.82977  -14.43737 7.49990   1.000 22.17273 ? 93  LEU A C   1 
ATOM   560 O O   . LEU A 1 70 ? -1.94499  -15.10874 6.94693   1.000 19.60373 ? 93  LEU A O   1 
ATOM   561 C CB  . LEU A 1 70 ? -2.38362  -12.03570 7.02223   1.000 23.56586 ? 93  LEU A CB  1 
ATOM   562 C CG  . LEU A 1 70 ? -2.29451  -10.59082 7.49243   1.000 22.01574 ? 93  LEU A CG  1 
ATOM   563 C CD1 . LEU A 1 70 ? -2.07024  -9.66430  6.31069   1.000 24.72040 ? 93  LEU A CD1 1 
ATOM   564 C CD2 . LEU A 1 70 ? -3.58995  -10.23939 8.20253   1.000 26.13299 ? 93  LEU A CD2 1 
ATOM   565 N N   . PRO A 1 71 ? -4.08920  -14.85620 7.54427   1.000 19.49396 ? 94  PRO A N   1 
ATOM   566 C CA  . PRO A 1 71 ? -4.47116  -16.14819 6.96790   1.000 23.18190 ? 94  PRO A CA  1 
ATOM   567 C C   . PRO A 1 71 ? -4.57833  -16.10395 5.44884   1.000 20.96249 ? 94  PRO A C   1 
ATOM   568 O O   . PRO A 1 71 ? -4.62816  -15.04442 4.81590   1.000 19.15881 ? 94  PRO A O   1 
ATOM   569 C CB  . PRO A 1 71 ? -5.84109  -16.42186 7.59234   1.000 22.96686 ? 94  PRO A CB  1 
ATOM   570 C CG  . PRO A 1 71 ? -6.39716  -15.07005 7.86042   1.000 20.98186 ? 94  PRO A CG  1 
ATOM   571 C CD  . PRO A 1 71 ? -5.21589  -14.21429 8.24677   1.000 22.03718 ? 94  PRO A CD  1 
ATOM   572 N N   . LYS A 1 72 ? -4.63428  -17.30554 4.87206   1.000 20.96718 ? 95  LYS A N   1 
ATOM   573 C CA  . LYS A 1 72 ? -4.93183  -17.45471 3.45545   1.000 20.57484 ? 95  LYS A CA  1 
ATOM   574 C C   . LYS A 1 72 ? -6.28725  -16.83730 3.16325   1.000 22.42071 ? 95  LYS A C   1 
ATOM   575 O O   . LYS A 1 72 ? -7.29272  -17.20602 3.78172   1.000 19.26176 ? 95  LYS A O   1 
ATOM   576 C CB  . LYS A 1 72 ? -4.91685  -18.93535 3.08544   1.000 20.57784 ? 95  LYS A CB  1 
ATOM   577 C CG  . LYS A 1 72 ? -3.50516  -19.53410 3.13757   1.000 21.13053 ? 95  LYS A CG  1 
ATOM   578 C CD  . LYS A 1 72 ? -3.51589  -20.98807 2.73452   1.000 24.68939 ? 95  LYS A CD  1 
ATOM   579 C CE  . LYS A 1 72 ? -2.09989  -21.53293 2.62246   1.000 29.74761 ? 95  LYS A CE  1 
ATOM   580 N NZ  . LYS A 1 72 ? -2.06961  -22.78216 1.80921   1.000 45.58730 ? 95  LYS A NZ  1 
ATOM   581 N N   . ASP A 1 73 ? -6.30315  -15.89014 2.23346   1.000 18.25239 ? 96  ASP A N   1 
ATOM   582 C CA  . ASP A 1 73 ? -7.42198  -14.99712 1.96598   1.000 17.77389 ? 96  ASP A CA  1 
ATOM   583 C C   . ASP A 1 73 ? -6.99449  -14.10578 0.80666   1.000 19.02437 ? 96  ASP A C   1 
ATOM   584 O O   . ASP A 1 73 ? -5.82809  -14.11019 0.40303   1.000 20.68116 ? 96  ASP A O   1 
ATOM   585 C CB  . ASP A 1 73 ? -7.78432  -14.16575 3.21167   1.000 17.20989 ? 96  ASP A CB  1 
ATOM   586 C CG  . ASP A 1 73 ? -9.18534  -13.54271 3.13742   1.000 20.84208 ? 96  ASP A CG  1 
ATOM   587 O OD1 . ASP A 1 73 ? -9.93765  -13.76928 2.16169   1.000 21.72564 ? 96  ASP A OD1 1 
ATOM   588 O OD2 . ASP A 1 73 ? -9.52846  -12.79004 4.07692   1.000 26.00352 ? 96  ASP A OD2 1 
ATOM   589 N N   . VAL A 1 74 ? -7.95647  -13.34372 0.26597   1.000 19.42932 ? 97  VAL A N   1 
ATOM   590 C CA  . VAL A 1 74 ? -7.70265  -12.31553 -0.74297  1.000 16.10797 ? 97  VAL A CA  1 
ATOM   591 C C   . VAL A 1 74 ? -7.77973  -10.94651 -0.07966  1.000 17.31771 ? 97  VAL A C   1 
ATOM   592 O O   . VAL A 1 74 ? -8.70358  -10.67622 0.70248   1.000 19.21766 ? 97  VAL A O   1 
ATOM   593 C CB  . VAL A 1 74 ? -8.70468  -12.42155 -1.90885  1.000 20.58581 ? 97  VAL A CB  1 
ATOM   594 C CG1 . VAL A 1 74 ? -8.48575  -11.31193 -2.90553  1.000 27.81935 ? 97  VAL A CG1 1 
ATOM   595 C CG2 . VAL A 1 74 ? -8.51480  -13.73478 -2.62232  1.000 18.33108 ? 97  VAL A CG2 1 
ATOM   596 N N   . TYR A 1 75 ? -6.81667  -10.07578 -0.40056  1.000 17.83363 ? 98  TYR A N   1 
ATOM   597 C CA  . TYR A 1 75 ? -6.64991  -8.78684  0.25899   1.000 17.94283 ? 98  TYR A CA  1 
ATOM   598 C C   . TYR A 1 75 ? -6.67640  -7.66095  -0.76893  1.000 18.65533 ? 98  TYR A C   1 
ATOM   599 O O   . TYR A 1 75 ? -6.36891  -7.86006  -1.95184  1.000 19.23820 ? 98  TYR A O   1 
ATOM   600 C CB  . TYR A 1 75 ? -5.32591  -8.74577  1.04401   1.000 16.26579 ? 98  TYR A CB  1 
ATOM   601 C CG  . TYR A 1 75 ? -5.28470  -9.75580  2.16790   1.000 20.13350 ? 98  TYR A CG  1 
ATOM   602 C CD1 . TYR A 1 75 ? -4.84284  -11.06371 1.94389   1.000 18.29015 ? 98  TYR A CD1 1 
ATOM   603 C CD2 . TYR A 1 75 ? -5.76372  -9.43370  3.42742   1.000 17.85374 ? 98  TYR A CD2 1 
ATOM   604 C CE1 . TYR A 1 75 ? -4.82794  -12.00063 2.97273   1.000 18.19240 ? 98  TYR A CE1 1 
ATOM   605 C CE2 . TYR A 1 75 ? -5.76051  -10.34882 4.44252   1.000 20.86005 ? 98  TYR A CE2 1 
ATOM   606 C CZ  . TYR A 1 75 ? -5.30915  -11.63658 4.21459   1.000 18.25896 ? 98  TYR A CZ  1 
ATOM   607 O OH  . TYR A 1 75 ? -5.32733  -12.53326 5.25708   1.000 19.05230 ? 98  TYR A OH  1 
ATOM   608 N N   A ARG A 1 76 ? -7.07273  -6.46538  -0.32484  0.433 18.09623 ? 99  ARG A N   1 
ATOM   609 N N   B ARG A 1 76 ? -7.02738  -6.47043  -0.28327  0.567 18.91160 ? 99  ARG A N   1 
ATOM   610 C CA  A ARG A 1 76 ? -7.03356  -5.27665  -1.17530  0.433 18.62091 ? 99  ARG A CA  1 
ATOM   611 C CA  B ARG A 1 76 ? -7.07535  -5.26035  -1.09290  0.567 18.85417 ? 99  ARG A CA  1 
ATOM   612 C C   A ARG A 1 76 ? -6.38212  -4.12610  -0.42265  0.433 18.98561 ? 99  ARG A C   1 
ATOM   613 C C   B ARG A 1 76 ? -6.32426  -4.17070  -0.34376  0.567 19.12630 ? 99  ARG A C   1 
ATOM   614 O O   A ARG A 1 76 ? -6.90360  -3.67496  0.60169   0.433 19.64104 ? 99  ARG A O   1 
ATOM   615 O O   B ARG A 1 76 ? -6.70757  -3.81766  0.77656   0.567 20.05293 ? 99  ARG A O   1 
ATOM   616 C CB  A ARG A 1 76 ? -8.42958  -4.87769  -1.66222  0.433 19.13798 ? 99  ARG A CB  1 
ATOM   617 C CB  B ARG A 1 76 ? -8.52245  -4.83904  -1.33265  0.567 18.96153 ? 99  ARG A CB  1 
ATOM   618 C CG  A ARG A 1 76 ? -8.78440  -5.49321  -3.01579  0.433 22.20327 ? 99  ARG A CG  1 
ATOM   619 C CG  B ARG A 1 76 ? -9.22822  -5.66630  -2.39594  0.567 21.35316 ? 99  ARG A CG  1 
ATOM   620 C CD  A ARG A 1 76 ? -10.25868 -5.35133  -3.39572  0.433 24.97005 ? 99  ARG A CD  1 
ATOM   621 C CD  B ARG A 1 76 ? -10.74358 -5.54294  -2.27055  0.567 23.46340 ? 99  ARG A CD  1 
ATOM   622 N NE  A ARG A 1 76 ? -10.64564 -3.95486  -3.56105  0.433 28.18949 ? 99  ARG A NE  1 
ATOM   623 N NE  B ARG A 1 76 ? -11.25502 -6.14819  -1.04625  0.567 25.55531 ? 99  ARG A NE  1 
ATOM   624 C CZ  A ARG A 1 76 ? -11.06799 -3.41845  -4.69887  0.433 24.01711 ? 99  ARG A CZ  1 
ATOM   625 C CZ  B ARG A 1 76 ? -12.06385 -5.53275  -0.19633  0.567 26.03529 ? 99  ARG A CZ  1 
ATOM   626 N NH1 A ARG A 1 76 ? -11.08707 -4.11054  -5.82391  0.433 20.94481 ? 99  ARG A NH1 1 
ATOM   627 N NH1 B ARG A 1 76 ? -12.48571 -4.29898  -0.41754  0.567 27.43349 ? 99  ARG A NH1 1 
ATOM   628 N NH2 A ARG A 1 76 ? -11.46298 -2.14943  -4.71089  0.433 24.68267 ? 99  ARG A NH2 1 
ATOM   629 N NH2 B ARG A 1 76 ? -12.45957 -6.16940  0.89975   0.567 25.04733 ? 99  ARG A NH2 1 
ATOM   630 N N   . ALA A 1 77 ? -5.25254  -3.64896  -0.94404  1.000 17.20305 ? 100 ALA A N   1 
ATOM   631 C CA  . ALA A 1 77 ? -4.53101  -2.51212  -0.38401  1.000 17.04798 ? 100 ALA A CA  1 
ATOM   632 C C   . ALA A 1 77 ? -5.00326  -1.26061  -1.11797  1.000 17.45084 ? 100 ALA A C   1 
ATOM   633 O O   . ALA A 1 77 ? -4.64466  -1.04231  -2.27999  1.000 17.94628 ? 100 ALA A O   1 
ATOM   634 C CB  . ALA A 1 77 ? -3.01728  -2.69850  -0.52991  1.000 16.32450 ? 100 ALA A CB  1 
ATOM   635 N N   . GLU A 1 78 ? -5.82265  -0.45496  -0.44840  1.000 17.19511 ? 101 GLU A N   1 
ATOM   636 C CA  . GLU A 1 78 ? -6.36600  0.77424   -1.01322  1.000 19.07732 ? 101 GLU A CA  1 
ATOM   637 C C   . GLU A 1 78 ? -5.43439  1.92577   -0.65464  1.000 17.99925 ? 101 GLU A C   1 
ATOM   638 O O   . GLU A 1 78 ? -5.19064  2.16852   0.52537   1.000 19.07155 ? 101 GLU A O   1 
ATOM   639 C CB  . GLU A 1 78 ? -7.75517  1.04403   -0.43669  1.000 19.46463 ? 101 GLU A CB  1 
ATOM   640 C CG  . GLU A 1 78 ? -8.79727  -0.02071  -0.78081  1.000 24.01447 ? 101 GLU A CG  1 
ATOM   641 C CD  . GLU A 1 78 ? -9.46197  0.20277   -2.10566  1.000 32.20631 ? 101 GLU A CD  1 
ATOM   642 O OE1 . GLU A 1 78 ? -9.16833  1.22794   -2.76195  1.000 34.73023 ? 101 GLU A OE1 1 
ATOM   643 O OE2 . GLU A 1 78 ? -10.27459 -0.66084  -2.50056  1.000 35.98598 ? 101 GLU A OE2 1 
ATOM   644 N N   . TRP A 1 79 ? -4.94826  2.65679   -1.65387  1.000 18.12170 ? 102 TRP A N   1 
ATOM   645 C CA  . TRP A 1 79 ? -3.91904  3.66236   -1.41831  1.000 14.74343 ? 102 TRP A CA  1 
ATOM   646 C C   . TRP A 1 79 ? -4.33261  5.01293   -2.00695  1.000 18.92938 ? 102 TRP A C   1 
ATOM   647 O O   . TRP A 1 79 ? -5.15387  5.10072   -2.92246  1.000 17.25736 ? 102 TRP A O   1 
ATOM   648 C CB  . TRP A 1 79 ? -2.54723  3.17738   -1.97519  1.000 20.22350 ? 102 TRP A CB  1 
ATOM   649 C CG  . TRP A 1 79 ? -2.51889  2.94756   -3.46272  1.000 19.58020 ? 102 TRP A CG  1 
ATOM   650 C CD1 . TRP A 1 79 ? -2.75501  1.76547   -4.12452  1.000 17.63707 ? 102 TRP A CD1 1 
ATOM   651 C CD2 . TRP A 1 79 ? -2.27531  3.93078   -4.46859  1.000 19.96082 ? 102 TRP A CD2 1 
ATOM   652 N NE1 . TRP A 1 79 ? -2.65229  1.96257   -5.48861  1.000 18.09785 ? 102 TRP A NE1 1 
ATOM   653 C CE2 . TRP A 1 79 ? -2.36631  3.28594   -5.72129  1.000 20.25975 ? 102 TRP A CE2 1 
ATOM   654 C CE3 . TRP A 1 79 ? -1.97326  5.29790   -4.43157  1.000 18.73306 ? 102 TRP A CE3 1 
ATOM   655 C CZ2 . TRP A 1 79 ? -2.17080  3.96693   -6.93084  1.000 22.23306 ? 102 TRP A CZ2 1 
ATOM   656 C CZ3 . TRP A 1 79 ? -1.78211  5.97105   -5.63637  1.000 19.44475 ? 102 TRP A CZ3 1 
ATOM   657 C CH2 . TRP A 1 79 ? -1.88644  5.30390   -6.86276  1.000 20.61032 ? 102 TRP A CH2 1 
ATOM   658 N N   . ASN A 1 80 ? -3.77215  6.07176   -1.42387  1.000 16.91381 ? 103 ASN A N   1 
ATOM   659 C CA  . ASN A 1 80 ? -4.03780  7.44930   -1.80984  1.000 15.17706 ? 103 ASN A CA  1 
ATOM   660 C C   . ASN A 1 80 ? -2.82658  8.30684   -1.50526  1.000 16.29324 ? 103 ASN A C   1 
ATOM   661 O O   . ASN A 1 80 ? -2.23146  8.18547   -0.43026  1.000 19.31171 ? 103 ASN A O   1 
ATOM   662 C CB  . ASN A 1 80 ? -5.24837  8.03236   -1.07607  1.000 20.35548 ? 103 ASN A CB  1 
ATOM   663 C CG  . ASN A 1 80 ? -5.57430  9.43592   -1.55600  1.000 19.82819 ? 103 ASN A CG  1 
ATOM   664 O OD1 . ASN A 1 80 ? -6.25811  9.59733   -2.55734  1.000 22.70952 ? 103 ASN A OD1 1 
ATOM   665 N ND2 . ASN A 1 80 ? -5.16737  10.45764  -0.77345  1.000 17.91451 ? 103 ASN A ND2 1 
ATOM   666 N N   . ALA A 1 81 ? -2.51289  9.21258   -2.42824  1.000 17.60258 ? 104 ALA A N   1 
ATOM   667 C CA  . ALA A 1 81 ? -1.40192  10.12108  -2.22405  1.000 18.41724 ? 104 ALA A CA  1 
ATOM   668 C C   . ALA A 1 81 ? -1.57236  11.31026  -3.15082  1.000 19.63537 ? 104 ALA A C   1 
ATOM   669 O O   . ALA A 1 81 ? -2.23153  11.22332  -4.19175  1.000 21.96062 ? 104 ALA A O   1 
ATOM   670 C CB  . ALA A 1 81 ? -0.05317  9.43233   -2.48667  1.000 19.72969 ? 104 ALA A CB  1 
ATOM   671 N N   . VAL A 1 82 ? -0.96102  12.42076  -2.76235  1.000 19.08655 ? 105 VAL A N   1 
ATOM   672 C CA  . VAL A 1 82 ? -0.93514  13.61886  -3.59265  1.000 17.09765 ? 105 VAL A CA  1 
ATOM   673 C C   . VAL A 1 82 ? 0.43340   13.70062  -4.26380  1.000 17.61092 ? 105 VAL A C   1 
ATOM   674 O O   . VAL A 1 82 ? 1.47134   13.68144  -3.58672  1.000 19.13303 ? 105 VAL A O   1 
ATOM   675 C CB  . VAL A 1 82 ? -1.22687  14.87966  -2.76436  1.000 22.36733 ? 105 VAL A CB  1 
ATOM   676 C CG1 . VAL A 1 82 ? -1.06438  16.11527  -3.62684  1.000 22.33177 ? 105 VAL A CG1 1 
ATOM   677 C CG2 . VAL A 1 82 ? -2.63703  14.80438  -2.18421  1.000 23.36742 ? 105 VAL A CG2 1 
ATOM   678 N N   . SER A 1 83 ? 0.42977   13.79835  -5.59117  1.000 19.85574 ? 106 SER A N   1 
ATOM   679 C CA  . SER A 1 83 ? 1.66042   13.81168  -6.37084  1.000 26.92159 ? 106 SER A CA  1 
ATOM   680 C C   . SER A 1 83 ? 2.47159   15.07408  -6.10952  1.000 23.17276 ? 106 SER A C   1 
ATOM   681 O O   . SER A 1 83 ? 1.93571   16.12241  -5.74596  1.000 22.21036 ? 106 SER A O   1 
ATOM   682 C CB  . SER A 1 83 ? 1.34933   13.72339  -7.87044  1.000 25.84082 ? 106 SER A CB  1 
ATOM   683 O OG  . SER A 1 83 ? 0.38585   12.71531  -8.14916  1.000 26.35172 ? 106 SER A OG  1 
ATOM   684 N N   . ALA A 1 84 ? 3.78814   14.96592  -6.31964  1.000 24.45279 ? 107 ALA A N   1 
ATOM   685 C CA  . ALA A 1 84 ? 4.61862   16.16477  -6.31838  1.000 26.26009 ? 107 ALA A CA  1 
ATOM   686 C C   . ALA A 1 84 ? 4.08076   17.20168  -7.28973  1.000 28.25505 ? 107 ALA A C   1 
ATOM   687 O O   . ALA A 1 84 ? 4.18412   18.40689  -7.03039  1.000 33.59715 ? 107 ALA A O   1 
ATOM   688 C CB  . ALA A 1 84 ? 6.06350   15.81871  -6.68191  1.000 24.42213 ? 107 ALA A CB  1 
ATOM   689 N N   . ASP A 1 85 ? 3.50119   16.75839  -8.41107  1.000 25.84666 ? 108 ASP A N   1 
ATOM   690 C CA  . ASP A 1 85 ? 2.97819   17.69974  -9.39432  1.000 32.24922 ? 108 ASP A CA  1 
ATOM   691 C C   . ASP A 1 85 ? 1.57761   18.19773  -9.05604  1.000 35.77094 ? 108 ASP A C   1 
ATOM   692 O O   . ASP A 1 85 ? 1.01104   18.96105  -9.84519  1.000 35.59417 ? 108 ASP A O   1 
ATOM   693 C CB  . ASP A 1 85 ? 2.99110   17.09631  -10.81103 1.000 34.30812 ? 108 ASP A CB  1 
ATOM   694 C CG  . ASP A 1 85 ? 2.15891   15.83117  -10.93870 1.000 38.75144 ? 108 ASP A CG  1 
ATOM   695 O OD1 . ASP A 1 85 ? 1.00141   15.81547  -10.45432 1.000 35.63394 ? 108 ASP A OD1 1 
ATOM   696 O OD2 . ASP A 1 85 ? 2.64033   14.86940  -11.59288 1.000 42.61311 ? 108 ASP A OD2 1 
ATOM   697 N N   . GLY A 1 86 ? 1.01546   17.79098  -7.91363  1.000 30.82758 ? 109 GLY A N   1 
ATOM   698 C CA  . GLY A 1 86 ? -0.24592  18.30574  -7.40660  1.000 25.09296 ? 109 GLY A CA  1 
ATOM   699 C C   . GLY A 1 86 ? -1.45311  17.39896  -7.60568  1.000 30.55247 ? 109 GLY A C   1 
ATOM   700 O O   . GLY A 1 86 ? -2.47326  17.58190  -6.92547  1.000 25.64728 ? 109 GLY A O   1 
ATOM   701 N N   . HIS A 1 87 ? -1.36839  16.44057  -8.50262  1.000 29.27298 ? 110 HIS A N   1 
ATOM   702 C CA  . HIS A 1 87 ? -2.52231  15.61682  -8.85087  1.000 28.79533 ? 110 HIS A CA  1 
ATOM   703 C C   . HIS A 1 87 ? -2.78153  14.57438  -7.76602  1.000 24.76006 ? 110 HIS A C   1 
ATOM   704 O O   . HIS A 1 87 ? -1.86024  13.85993  -7.37412  1.000 24.23155 ? 110 HIS A O   1 
ATOM   705 C CB  . HIS A 1 87 ? -2.27744  14.91713  -10.18411 1.000 29.08581 ? 110 HIS A CB  1 
ATOM   706 C CG  . HIS A 1 87 ? -3.52655  14.48413  -10.87758 1.000 29.83039 ? 110 HIS A CG  1 
ATOM   707 N ND1 . HIS A 1 87 ? -4.05248  13.21684  -10.73787 1.000 36.11452 ? 110 HIS A ND1 1 
ATOM   708 C CD2 . HIS A 1 87 ? -4.34007  15.13711  -11.74103 1.000 30.91718 ? 110 HIS A CD2 1 
ATOM   709 C CE1 . HIS A 1 87 ? -5.14733  13.11426  -11.47052 1.000 35.98491 ? 110 HIS A CE1 1 
ATOM   710 N NE2 . HIS A 1 87 ? -5.34266  14.26516  -12.08982 1.000 36.37619 ? 110 HIS A NE2 1 
ATOM   711 N N   . PRO A 1 88 ? -4.00542  14.45446  -7.26300  1.000 24.46513 ? 111 PRO A N   1 
ATOM   712 C CA  . PRO A 1 88 ? -4.31086  13.34488  -6.34661  1.000 19.08933 ? 111 PRO A CA  1 
ATOM   713 C C   . PRO A 1 88 ? -4.37590  12.03390  -7.11565  1.000 25.64532 ? 111 PRO A C   1 
ATOM   714 O O   . PRO A 1 88 ? -4.97574  11.96329  -8.18994  1.000 24.67084 ? 111 PRO A O   1 
ATOM   715 C CB  . PRO A 1 88 ? -5.68676  13.71717  -5.77944  1.000 26.14189 ? 111 PRO A CB  1 
ATOM   716 C CG  . PRO A 1 88 ? -6.28643  14.61961  -6.82626  1.000 27.36654 ? 111 PRO A CG  1 
ATOM   717 C CD  . PRO A 1 88 ? -5.15381  15.35407  -7.47366  1.000 28.45266 ? 111 PRO A CD  1 
ATOM   718 N N   . VAL A 1 89 ? -3.75847  10.98851  -6.55900  1.000 22.25559 ? 112 VAL A N   1 
ATOM   719 C CA  . VAL A 1 89 ? -3.76105  9.67102   -7.18448  1.000 19.62682 ? 112 VAL A CA  1 
ATOM   720 C C   . VAL A 1 89 ? -4.21536  8.64630   -6.15400  1.000 18.30475 ? 112 VAL A C   1 
ATOM   721 O O   . VAL A 1 89 ? -3.93144  8.78241   -4.96012  1.000 19.12550 ? 112 VAL A O   1 
ATOM   722 C CB  . VAL A 1 89 ? -2.36972  9.29679   -7.74781  1.000 17.13479 ? 112 VAL A CB  1 
ATOM   723 C CG1 . VAL A 1 89 ? -2.04661  10.12386  -8.97628  1.000 23.65963 ? 112 VAL A CG1 1 
ATOM   724 C CG2 . VAL A 1 89 ? -1.29707  9.50744   -6.70277  1.000 21.22506 ? 112 VAL A CG2 1 
ATOM   725 N N   . SER A 1 90 ? -4.94487  7.62899   -6.62102  1.000 18.10073 ? 113 SER A N   1 
ATOM   726 C CA  . SER A 1 90 ? -5.40785  6.54481   -5.76344  1.000 19.43042 ? 113 SER A CA  1 
ATOM   727 C C   . SER A 1 90 ? -5.59939  5.28539   -6.60311  1.000 21.20402 ? 113 SER A C   1 
ATOM   728 O O   . SER A 1 90 ? -5.64864  5.32732   -7.83696  1.000 19.26308 ? 113 SER A O   1 
ATOM   729 C CB  . SER A 1 90 ? -6.71427  6.90834   -5.04714  1.000 21.25130 ? 113 SER A CB  1 
ATOM   730 O OG  . SER A 1 90 ? -7.73341  7.19476   -5.98593  1.000 27.05500 ? 113 SER A OG  1 
ATOM   731 N N   . GLY A 1 91 ? -5.69325  4.15846   -5.91121  1.000 18.39587 ? 114 GLY A N   1 
ATOM   732 C CA  . GLY A 1 91 ? -5.80541  2.88213   -6.58979  1.000 18.67940 ? 114 GLY A CA  1 
ATOM   733 C C   . GLY A 1 91 ? -5.95172  1.76959   -5.57864  1.000 18.60315 ? 114 GLY A C   1 
ATOM   734 O O   . GLY A 1 91 ? -6.07403  2.00659   -4.37057  1.000 19.72768 ? 114 GLY A O   1 
ATOM   735 N N   A VAL A 1 92 ? -5.95346  0.54036   -6.09149  0.614 20.36081 ? 115 VAL A N   1 
ATOM   736 N N   B VAL A 1 92 ? -5.92898  0.54314   -6.09613  0.386 20.54376 ? 115 VAL A N   1 
ATOM   737 C CA  A VAL A 1 92 ? -6.05703  -0.65971  -5.26772  0.614 18.16528 ? 115 VAL A CA  1 
ATOM   738 C CA  B VAL A 1 92 ? -6.05563  -0.66414  -5.29059  0.386 19.63793 ? 115 VAL A CA  1 
ATOM   739 C C   A VAL A 1 92 ? -5.03802  -1.67484  -5.75349  0.614 19.65333 ? 115 VAL A C   1 
ATOM   740 C C   B VAL A 1 92 ? -5.01431  -1.66434  -5.76115  0.386 19.62316 ? 115 VAL A C   1 
ATOM   741 O O   A VAL A 1 92 ? -4.87282  -1.87133  -6.96251  0.614 20.24020 ? 115 VAL A O   1 
ATOM   742 O O   B VAL A 1 92 ? -4.80224  -1.83224  -6.96741  0.386 20.29494 ? 115 VAL A O   1 
ATOM   743 C CB  A VAL A 1 92 ? -7.46818  -1.28709  -5.29057  0.614 20.63016 ? 115 VAL A CB  1 
ATOM   744 C CB  B VAL A 1 92 ? -7.46653  -1.28446  -5.38516  0.386 20.63990 ? 115 VAL A CB  1 
ATOM   745 C CG1 A VAL A 1 92 ? -7.64677  -2.20715  -4.07933  0.614 16.98130 ? 115 VAL A CG1 1 
ATOM   746 C CG1 B VAL A 1 92 ? -8.48182  -0.34286  -4.82208  0.386 25.44149 ? 115 VAL A CG1 1 
ATOM   747 C CG2 A VAL A 1 92 ? -8.53276  -0.20831  -5.32398  0.614 26.79148 ? 115 VAL A CG2 1 
ATOM   748 C CG2 B VAL A 1 92 ? -7.81028  -1.62587  -6.81710  0.386 16.02269 ? 115 VAL A CG2 1 
ATOM   749 N N   . ILE A 1 93 ? -4.36418  -2.32054  -4.80736  1.000 17.06209 ? 116 ILE A N   1 
ATOM   750 C CA  . ILE A 1 93 ? -3.43498  -3.41100  -5.09279  1.000 15.94296 ? 116 ILE A CA  1 
ATOM   751 C C   . ILE A 1 93 ? -4.03318  -4.67139  -4.48641  1.000 17.35688 ? 116 ILE A C   1 
ATOM   752 O O   . ILE A 1 93 ? -3.96710  -4.84482  -3.26270  1.000 17.94304 ? 116 ILE A O   1 
ATOM   753 C CB  . ILE A 1 93 ? -2.03983  -3.15238  -4.50404  1.000 14.07756 ? 116 ILE A CB  1 
ATOM   754 C CG1 . ILE A 1 93 ? -1.47076  -1.80300  -4.95346  1.000 17.77384 ? 116 ILE A CG1 1 
ATOM   755 C CG2 . ILE A 1 93 ? -1.10967  -4.27445  -4.90347  1.000 18.98940 ? 116 ILE A CG2 1 
ATOM   756 C CD1 . ILE A 1 93 ? -0.17739  -1.47208  -4.26950  1.000 18.14913 ? 116 ILE A CD1 1 
ATOM   757 N N   . PRO A 1 94 ? -4.63220  -5.55272  -5.28680  1.000 19.18591 ? 117 PRO A N   1 
ATOM   758 C CA  . PRO A 1 94 ? -5.13721  -6.81800  -4.75435  1.000 16.98606 ? 117 PRO A CA  1 
ATOM   759 C C   . PRO A 1 94 ? -4.01222  -7.82501  -4.66768  1.000 16.65711 ? 117 PRO A C   1 
ATOM   760 O O   . PRO A 1 94 ? -3.08891  -7.82422  -5.48048  1.000 19.19423 ? 117 PRO A O   1 
ATOM   761 C CB  . PRO A 1 94 ? -6.16526  -7.26781  -5.79888  1.000 22.89307 ? 117 PRO A CB  1 
ATOM   762 C CG  . PRO A 1 94 ? -5.77855  -6.54215  -7.06191  1.000 30.23727 ? 117 PRO A CG  1 
ATOM   763 C CD  . PRO A 1 94 ? -4.89954  -5.38059  -6.72200  1.000 19.64246 ? 117 PRO A CD  1 
ATOM   764 N N   . PHE A 1 95 ? -4.09905  -8.69974  -3.67814  1.000 16.59537 ? 118 PHE A N   1 
ATOM   765 C CA  . PHE A 1 95 ? -3.13729  -9.78890  -3.56785  1.000 15.41170 ? 118 PHE A CA  1 
ATOM   766 C C   . PHE A 1 95 ? -3.73931  -10.89459 -2.71864  1.000 19.02152 ? 118 PHE A C   1 
ATOM   767 O O   . PHE A 1 95 ? -4.74674  -10.70120 -2.03912  1.000 20.59592 ? 118 PHE A O   1 
ATOM   768 C CB  . PHE A 1 95 ? -1.78135  -9.30796  -3.01354  1.000 20.24583 ? 118 PHE A CB  1 
ATOM   769 C CG  . PHE A 1 95 ? -1.82065  -8.82002  -1.57789  1.000 19.90543 ? 118 PHE A CG  1 
ATOM   770 C CD1 . PHE A 1 95 ? -2.14643  -7.48660  -1.29730  1.000 15.77744 ? 118 PHE A CD1 1 
ATOM   771 C CD2 . PHE A 1 95 ? -1.55603  -9.67517  -0.51706  1.000 17.65368 ? 118 PHE A CD2 1 
ATOM   772 C CE1 . PHE A 1 95 ? -2.18610  -7.01888  0.03255   1.000 19.24953 ? 118 PHE A CE1 1 
ATOM   773 C CE2 . PHE A 1 95 ? -1.59688  -9.22380  0.79759   1.000 20.86884 ? 118 PHE A CE2 1 
ATOM   774 C CZ  . PHE A 1 95 ? -1.91044  -7.88939  1.07411   1.000 17.80963 ? 118 PHE A CZ  1 
ATOM   775 N N   . SER A 1 96 ? -3.11284  -12.06977 -2.76642  1.000 18.58720 ? 119 SER A N   1 
ATOM   776 C CA  . SER A 1 96 ? -3.64449  -13.20586 -2.03040  1.000 17.72497 ? 119 SER A CA  1 
ATOM   777 C C   . SER A 1 96 ? -2.54368  -13.88583 -1.23122  1.000 20.93143 ? 119 SER A C   1 
ATOM   778 O O   . SER A 1 96 ? -1.35041  -13.77812 -1.52492  1.000 19.05269 ? 119 SER A O   1 
ATOM   779 C CB  . SER A 1 96 ? -4.32413  -14.23862 -2.94299  1.000 22.38896 ? 119 SER A CB  1 
ATOM   780 O OG  . SER A 1 96 ? -3.45323  -14.72318 -3.93865  1.000 25.48419 ? 119 SER A OG  1 
ATOM   781 N N   . ILE A 1 97 ? -2.97859  -14.57168 -0.18839  1.000 21.94935 ? 120 ILE A N   1 
ATOM   782 C CA  . ILE A 1 97 ? -2.12099  -15.42934 0.60909   1.000 23.38018 ? 120 ILE A CA  1 
ATOM   783 C C   . ILE A 1 97 ? -2.65676  -16.85896 0.45904   1.000 26.96896 ? 120 ILE A C   1 
ATOM   784 O O   . ILE A 1 97 ? -3.86846  -17.08032 0.52386   1.000 26.02898 ? 120 ILE A O   1 
ATOM   785 C CB  . ILE A 1 97 ? -2.09863  -14.97065 2.07464   1.000 20.67399 ? 120 ILE A CB  1 
ATOM   786 C CG1 . ILE A 1 97 ? -1.53285  -13.54992 2.18463   1.000 23.05494 ? 120 ILE A CG1 1 
ATOM   787 C CG2 . ILE A 1 97 ? -1.25569  -15.92939 2.91603   1.000 22.04602 ? 120 ILE A CG2 1 
ATOM   788 C CD1 . ILE A 1 97 ? -1.39950  -13.06602 3.59455   1.000 24.45907 ? 120 ILE A CD1 1 
ATOM   789 O OXT . ILE A 1 97 ? -1.92477  -17.83041 0.23724   1.000 31.33741 ? 120 ILE A OXT 1 
HETATM 790 S S   . SO4 B 2 .  ? 7.64409   -8.16642  3.86089   1.000 30.32921 ? 201 SO4 A S   1 
HETATM 791 O O1  . SO4 B 2 .  ? 8.89257   -7.51357  4.23152   1.000 38.47876 ? 201 SO4 A O1  1 
HETATM 792 O O2  . SO4 B 2 .  ? 6.53123   -7.22436  3.98310   1.000 30.54938 ? 201 SO4 A O2  1 
HETATM 793 O O3  . SO4 B 2 .  ? 7.72241   -8.63720  2.48196   1.000 33.33256 ? 201 SO4 A O3  1 
HETATM 794 O O4  . SO4 B 2 .  ? 7.38718   -9.31377  4.73758   1.000 30.30370 ? 201 SO4 A O4  1 
HETATM 795 S S   . SO4 C 2 .  ? -12.62911 1.96272   7.01108   1.000 75.21763 ? 202 SO4 A S   1 
HETATM 796 O O1  . SO4 C 2 .  ? -11.18834 1.92098   6.83102   1.000 39.25555 ? 202 SO4 A O1  1 
HETATM 797 O O2  . SO4 C 2 .  ? -12.97729 3.09905   7.85793   1.000 56.00453 ? 202 SO4 A O2  1 
HETATM 798 O O3  . SO4 C 2 .  ? -13.25625 2.10984   5.70702   1.000 62.53725 ? 202 SO4 A O3  1 
HETATM 799 O O4  . SO4 C 2 .  ? -13.07292 0.71757   7.62752   1.000 48.02281 ? 202 SO4 A O4  1 
HETATM 800 C C1  . PGE D 3 .  ? -2.57013  6.80895   8.14885   1.000 36.58955 ? 203 PGE A C1  1 
HETATM 801 O O1  . PGE D 3 .  ? -1.69125  7.61714   7.37655   1.000 45.31543 ? 203 PGE A O1  1 
HETATM 802 C C2  . PGE D 3 .  ? -3.79424  6.44632   7.33073   1.000 41.85554 ? 203 PGE A C2  1 
HETATM 803 O O2  . PGE D 3 .  ? -4.61611  5.57264   8.07524   1.000 44.52188 ? 203 PGE A O2  1 
HETATM 804 C C3  . PGE D 3 .  ? -5.92555  6.07014   8.26919   1.000 42.90375 ? 203 PGE A C3  1 
HETATM 805 C C4  . PGE D 3 .  ? -6.67026  5.20382   9.27493   1.000 44.07886 ? 203 PGE A C4  1 
HETATM 806 O O4  . PGE D 3 .  ? -11.01576 5.10334   7.61373   1.000 51.62615 ? 203 PGE A O4  1 
HETATM 807 C C6  . PGE D 3 .  ? -10.25923 5.75075   8.63240   1.000 41.84651 ? 203 PGE A C6  1 
HETATM 808 C C5  . PGE D 3 .  ? -8.86833  5.18815   8.49159   1.000 38.60674 ? 203 PGE A C5  1 
HETATM 809 O O3  . PGE D 3 .  ? -7.98422  5.70788   9.45467   1.000 44.98196 ? 203 PGE A O3  1 
HETATM 810 H H1  . PGE D 3 .  ? -2.91162  7.33383   9.05321   1.000 43.95151 ? 203 PGE A H1  1 
HETATM 811 H H12 . PGE D 3 .  ? -2.08564  5.87328   8.46474   1.000 43.95151 ? 203 PGE A H12 1 
HETATM 812 H HO1 . PGE D 3 .  ? -2.20438  8.03801   6.67540   1.000 54.42257 ? 203 PGE A HO1 1 
HETATM 813 H H2  . PGE D 3 .  ? -3.47124  5.97116   6.38802   1.000 50.27071 ? 203 PGE A H2  1 
HETATM 814 H H22 . PGE D 3 .  ? -4.34058  7.36928   7.06904   1.000 50.27071 ? 203 PGE A H22 1 
HETATM 815 H H3  . PGE D 3 .  ? -6.48637  6.07316   7.31941   1.000 51.52856 ? 203 PGE A H3  1 
HETATM 816 H H32 . PGE D 3 .  ? -5.89732  7.10651   8.64568   1.000 51.52856 ? 203 PGE A H32 1 
HETATM 817 H H4  . PGE D 3 .  ? -6.11757  5.20520   10.23062  1.000 52.93869 ? 203 PGE A H4  1 
HETATM 818 H H42 . PGE D 3 .  ? -6.69831  4.16436   8.90405   1.000 52.93869 ? 203 PGE A H42 1 
HETATM 819 H HO4 . PGE D 3 .  ? -11.92360 5.42090   7.65954   1.000 61.99544 ? 203 PGE A HO4 1 
HETATM 820 H H6  . PGE D 3 .  ? -10.64421 5.53788   9.64389   1.000 50.25987 ? 203 PGE A H6  1 
HETATM 821 H H62 . PGE D 3 .  ? -10.23038 6.84601   8.50519   1.000 50.25987 ? 203 PGE A H62 1 
HETATM 822 H H5  . PGE D 3 .  ? -8.50678  5.41860   7.47533   1.000 46.37215 ? 203 PGE A H5  1 
HETATM 823 H H52 . PGE D 3 .  ? -8.93183  4.09070   8.58212   1.000 46.37215 ? 203 PGE A H52 1 
HETATM 824 O O   . HOH E 4 .  ? 10.41336  -0.09103  -3.96717  1.000 37.93533 ? 301 HOH A O   1 
HETATM 825 O O   . HOH E 4 .  ? 7.99069   4.04626   5.03566   1.000 32.18152 ? 302 HOH A O   1 
HETATM 826 O O   . HOH E 4 .  ? 5.14012   16.20835  2.08031   1.000 34.61600 ? 303 HOH A O   1 
HETATM 827 O O   . HOH E 4 .  ? 7.14296   -13.40443 5.39423   1.000 29.29849 ? 304 HOH A O   1 
HETATM 828 O O   . HOH E 4 .  ? 0.92950   -10.73446 8.06898   1.000 24.81050 ? 305 HOH A O   1 
HETATM 829 O O   . HOH E 4 .  ? -7.79344  -9.14011  -9.00478  1.000 40.59460 ? 306 HOH A O   1 
HETATM 830 O O   . HOH E 4 .  ? -3.67461  -13.47149 -6.27971  1.000 34.96516 ? 307 HOH A O   1 
HETATM 831 O O   . HOH E 4 .  ? -10.33114 -8.59551  -0.46713  1.000 25.96426 ? 308 HOH A O   1 
HETATM 832 O O   . HOH E 4 .  ? 11.32181  13.05207  5.33934   1.000 29.29569 ? 309 HOH A O   1 
HETATM 833 O O   . HOH E 4 .  ? -1.24111  6.73587   -10.29941 1.000 32.80148 ? 310 HOH A O   1 
HETATM 834 O O   . HOH E 4 .  ? -10.39644 5.73661   2.43154   1.000 34.41862 ? 311 HOH A O   1 
HETATM 835 O O   . HOH E 4 .  ? -19.07424 -11.57784 7.40469   1.000 31.76047 ? 312 HOH A O   1 
HETATM 836 O O   . HOH E 4 .  ? 4.01100   -6.14359  10.47829  1.000 26.26434 ? 313 HOH A O   1 
HETATM 837 O O   . HOH E 4 .  ? 6.63869   12.88540  4.37305   1.000 28.65151 ? 314 HOH A O   1 
HETATM 838 O O   . HOH E 4 .  ? 13.58859  12.40337  -6.41516  1.000 29.55250 ? 315 HOH A O   1 
HETATM 839 O O   . HOH E 4 .  ? 1.74635   2.37097   -12.52018 1.000 29.29164 ? 316 HOH A O   1 
HETATM 840 O O   . HOH E 4 .  ? 7.64702   -6.54703  -5.36702  1.000 24.37556 ? 317 HOH A O   1 
HETATM 841 O O   . HOH E 4 .  ? 4.94710   -12.32907 1.60333   1.000 22.44087 ? 318 HOH A O   1 
HETATM 842 O O   . HOH E 4 .  ? -7.94153  -12.56865 6.33133   1.000 28.20336 ? 319 HOH A O   1 
HETATM 843 O O   . HOH E 4 .  ? -0.73314  16.52983  0.64277   1.000 26.56062 ? 320 HOH A O   1 
HETATM 844 O O   . HOH E 4 .  ? 5.55733   -7.01182  1.38303   1.000 26.78119 ? 321 HOH A O   1 
HETATM 845 O O   . HOH E 4 .  ? 6.43060   -3.19639  -10.97111 1.000 18.80966 ? 322 HOH A O   1 
HETATM 846 O O   . HOH E 4 .  ? -10.32399 -4.98641  11.53209  1.000 37.93778 ? 323 HOH A O   1 
HETATM 847 O O   . HOH E 4 .  ? 4.75047   11.09938  -13.96989 1.000 31.49373 ? 324 HOH A O   1 
HETATM 848 O O   . HOH E 4 .  ? -2.81562  -17.48891 9.70274   1.000 30.30106 ? 325 HOH A O   1 
HETATM 849 O O   . HOH E 4 .  ? 3.26563   1.57490   9.32171   1.000 21.56902 ? 326 HOH A O   1 
HETATM 850 O O   . HOH E 4 .  ? -12.07225 -12.67074 5.27544   1.000 29.80851 ? 327 HOH A O   1 
HETATM 851 O O   . HOH E 4 .  ? 5.16527   -14.76585 -4.49117  1.000 19.11230 ? 328 HOH A O   1 
HETATM 852 O O   . HOH E 4 .  ? 1.45315   -2.49641  -8.03850  1.000 22.61643 ? 329 HOH A O   1 
HETATM 853 O O   . HOH E 4 .  ? -2.25356  -10.82525 14.20615  1.000 35.87063 ? 330 HOH A O   1 
HETATM 854 O O   . HOH E 4 .  ? 4.50802   -9.78862  -4.73641  1.000 23.15749 ? 331 HOH A O   1 
HETATM 855 O O   . HOH E 4 .  ? 0.78397   -18.66209 1.06649   1.000 32.90407 ? 332 HOH A O   1 
HETATM 856 O O   . HOH E 4 .  ? 7.25372   -11.65395 3.09623   1.000 31.99538 ? 333 HOH A O   1 
HETATM 857 O O   . HOH E 4 .  ? -8.59471  8.45412   6.15530   1.000 39.52268 ? 334 HOH A O   1 
HETATM 858 O O   . HOH E 4 .  ? -1.03159  -1.60003  -8.71261  1.000 26.49943 ? 335 HOH A O   1 
HETATM 859 O O   . HOH E 4 .  ? -7.97192  3.84825   -3.03695  1.000 29.83928 ? 336 HOH A O   1 
HETATM 860 O O   . HOH E 4 .  ? 8.43868   -4.82532  1.56866   1.000 32.86996 ? 337 HOH A O   1 
HETATM 861 O O   . HOH E 4 .  ? 6.53160   13.68734  1.67798   1.000 25.40070 ? 338 HOH A O   1 
HETATM 862 O O   . HOH E 4 .  ? 11.12654  5.72956   -8.14146  1.000 38.55333 ? 339 HOH A O   1 
HETATM 863 O O   . HOH E 4 .  ? -2.86622  0.17502   -7.88957  1.000 21.72440 ? 340 HOH A O   1 
HETATM 864 O O   . HOH E 4 .  ? -7.45098  -7.36937  15.03159  1.000 39.31810 ? 341 HOH A O   1 
HETATM 865 O O   . HOH E 4 .  ? -0.76818  -8.63109  14.83996  1.000 26.09739 ? 342 HOH A O   1 
HETATM 866 O O   . HOH E 4 .  ? 11.41848  6.03760   7.60626   1.000 33.84405 ? 343 HOH A O   1 
HETATM 867 O O   . HOH E 4 .  ? 5.40565   1.46591   7.97294   1.000 26.95082 ? 344 HOH A O   1 
HETATM 868 O O   . HOH E 4 .  ? -5.81748  0.69277   -9.07914  1.000 25.74033 ? 345 HOH A O   1 
HETATM 869 O O   . HOH E 4 .  ? 1.01446   12.25074  -15.94410 1.000 42.05340 ? 346 HOH A O   1 
HETATM 870 O O   . HOH E 4 .  ? -0.63158  -17.71786 6.13326   1.000 39.09699 ? 347 HOH A O   1 
HETATM 871 O O   . HOH E 4 .  ? 8.50061   11.45793  5.49706   1.000 28.74618 ? 348 HOH A O   1 
HETATM 872 O O   . HOH E 4 .  ? -0.27101  3.86427   -10.75982 1.000 25.50111 ? 349 HOH A O   1 
HETATM 873 O O   . HOH E 4 .  ? -9.36818  4.63376   -6.42033  1.000 38.46102 ? 350 HOH A O   1 
HETATM 874 O O   . HOH E 4 .  ? 5.33217   -4.38507  -8.69816  1.000 17.50913 ? 351 HOH A O   1 
HETATM 875 O O   . HOH E 4 .  ? -5.51698  7.90535   -9.64292  1.000 33.71862 ? 352 HOH A O   1 
HETATM 876 O O   . HOH E 4 .  ? -7.75153  10.28101  -6.15357  1.000 35.80178 ? 353 HOH A O   1 
HETATM 877 O O   . HOH E 4 .  ? -8.16549  -11.54989 8.79783   1.000 35.23492 ? 354 HOH A O   1 
HETATM 878 O O   . HOH E 4 .  ? 12.95801  5.41122   -5.04655  1.000 36.08244 ? 355 HOH A O   1 
HETATM 879 O O   . HOH E 4 .  ? 14.28608  6.21570   6.13501   1.000 39.26820 ? 356 HOH A O   1 
HETATM 880 O O   . HOH E 4 .  ? -2.21172  -6.24633  15.26041  1.000 33.13680 ? 357 HOH A O   1 
HETATM 881 O O   . HOH E 4 .  ? -5.32872  -11.25429 -6.44641  1.000 31.97923 ? 358 HOH A O   1 
HETATM 882 O O   . HOH E 4 .  ? 5.09413   -9.62959  0.09159   1.000 27.15291 ? 359 HOH A O   1 
HETATM 883 O O   . HOH E 4 .  ? 5.94468   -10.08560 -2.37451  1.000 23.67840 ? 360 HOH A O   1 
HETATM 884 O O   . HOH E 4 .  ? -12.19442 -9.67196  -2.25813  1.000 37.15490 ? 361 HOH A O   1 
HETATM 885 O O   . HOH E 4 .  ? 8.04591   -22.50579 -4.77878  1.000 32.96810 ? 362 HOH A O   1 
# 
